data_3HLU
# 
_entry.id   3HLU 
# 
_audit_conform.dict_name       mmcif_pdbx.dic 
_audit_conform.dict_version    5.398 
_audit_conform.dict_location   http://mmcif.pdb.org/dictionaries/ascii/mmcif_pdbx.dic 
# 
loop_
_database_2.database_id 
_database_2.database_code 
_database_2.pdbx_database_accession 
_database_2.pdbx_DOI 
PDB   3HLU         pdb_00003hlu 10.2210/pdb3hlu/pdb 
RCSB  RCSB053292   ?            ?                   
WWPDB D_1000053292 ?            ?                   
# 
loop_
_pdbx_audit_revision_history.ordinal 
_pdbx_audit_revision_history.data_content_type 
_pdbx_audit_revision_history.major_revision 
_pdbx_audit_revision_history.minor_revision 
_pdbx_audit_revision_history.revision_date 
1 'Structure model' 1 0 2009-07-07 
2 'Structure model' 1 1 2011-07-13 
3 'Structure model' 1 2 2024-11-06 
# 
_pdbx_audit_revision_details.ordinal             1 
_pdbx_audit_revision_details.revision_ordinal    1 
_pdbx_audit_revision_details.data_content_type   'Structure model' 
_pdbx_audit_revision_details.provider            repository 
_pdbx_audit_revision_details.type                'Initial release' 
_pdbx_audit_revision_details.description         ? 
_pdbx_audit_revision_details.details             ? 
# 
loop_
_pdbx_audit_revision_group.ordinal 
_pdbx_audit_revision_group.revision_ordinal 
_pdbx_audit_revision_group.data_content_type 
_pdbx_audit_revision_group.group 
1 2 'Structure model' 'Source and taxonomy'       
2 2 'Structure model' 'Version format compliance' 
3 3 'Structure model' 'Data collection'           
4 3 'Structure model' 'Database references'       
5 3 'Structure model' 'Derived calculations'      
6 3 'Structure model' 'Structure summary'         
# 
loop_
_pdbx_audit_revision_category.ordinal 
_pdbx_audit_revision_category.revision_ordinal 
_pdbx_audit_revision_category.data_content_type 
_pdbx_audit_revision_category.category 
1 3 'Structure model' chem_comp_atom            
2 3 'Structure model' chem_comp_bond            
3 3 'Structure model' database_2                
4 3 'Structure model' pdbx_entry_details        
5 3 'Structure model' pdbx_modification_feature 
6 3 'Structure model' struct_conn               
# 
loop_
_pdbx_audit_revision_item.ordinal 
_pdbx_audit_revision_item.revision_ordinal 
_pdbx_audit_revision_item.data_content_type 
_pdbx_audit_revision_item.item 
1 3 'Structure model' '_database_2.pdbx_DOI'                
2 3 'Structure model' '_database_2.pdbx_database_accession' 
3 3 'Structure model' '_struct_conn.pdbx_leaving_atom_flag' 
# 
_pdbx_database_status.status_code                     REL 
_pdbx_database_status.entry_id                        3HLU 
_pdbx_database_status.recvd_initial_deposition_date   2009-05-28 
_pdbx_database_status.deposit_site                    RCSB 
_pdbx_database_status.process_site                    RCSB 
_pdbx_database_status.status_code_sf                  REL 
_pdbx_database_status.status_code_mr                  ? 
_pdbx_database_status.SG_entry                        Y 
_pdbx_database_status.pdb_format_compatible           Y 
_pdbx_database_status.status_code_cs                  ? 
_pdbx_database_status.status_code_nmr_data            ? 
_pdbx_database_status.methods_development_category    ? 
# 
_pdbx_database_related.db_name        TargetDB 
_pdbx_database_related.db_id          APC21004.1 
_pdbx_database_related.details        . 
_pdbx_database_related.content_type   unspecified 
# 
loop_
_audit_author.name 
_audit_author.pdbx_ordinal 
'Kim, Y.'                                       1 
'Li, H.'                                        2 
'Keigher, L.'                                   3 
'Joachimiak, A.'                                4 
'Midwest Center for Structural Genomics (MCSG)' 5 
# 
_citation.id                        primary 
_citation.title                     
'Crystal Structure of Uncharacterized Protein Conserved in Bacteria DUF2179 from Eubacterium ventriosum' 
_citation.journal_abbrev            'To be Published' 
_citation.journal_volume            ? 
_citation.page_first                ? 
_citation.page_last                 ? 
_citation.year                      2009 
_citation.journal_id_ASTM           ? 
_citation.country                   ? 
_citation.journal_id_ISSN           ? 
_citation.journal_id_CSD            0353 
_citation.book_publisher            ? 
_citation.pdbx_database_id_PubMed   ? 
_citation.pdbx_database_id_DOI      ? 
# 
loop_
_citation_author.citation_id 
_citation_author.name 
_citation_author.ordinal 
_citation_author.identifier_ORCID 
primary 'Kim, Y.'        1 ? 
primary 'Li, H.'         2 ? 
primary 'Keigher, L.'    3 ? 
primary 'Joachimiak, A.' 4 ? 
# 
loop_
_entity.id 
_entity.type 
_entity.src_method 
_entity.pdbx_description 
_entity.formula_weight 
_entity.pdbx_number_of_molecules 
_entity.pdbx_ec 
_entity.pdbx_mutation 
_entity.pdbx_fragment 
_entity.details 
1 polymer man 'uncharacterized protein DUF2179' 11081.837 2  ? ? ? ? 
2 water   nat water                             18.015    26 ? ? ? ? 
# 
_entity_poly.entity_id                      1 
_entity_poly.type                           'polypeptide(L)' 
_entity_poly.nstd_linkage                   no 
_entity_poly.nstd_monomer                   yes 
_entity_poly.pdbx_seq_one_letter_code       
;SNANGDQQT(MSE)VYIVSAKRKIIADR(MSE)LQELDLGVT(MSE)LQAVGAYKNNETEVI(MSE)CV(MSE)RKATLV
KVRNLLKEVDPDAF(MSE)IVSTANEVFGEGFKNQYETEI
;
_entity_poly.pdbx_seq_one_letter_code_can   
;SNANGDQQTMVYIVSAKRKIIADRMLQELDLGVTMLQAVGAYKNNETEVIMCVMRKATLVKVRNLLKEVDPDAFMIVSTA
NEVFGEGFKNQYETEI
;
_entity_poly.pdbx_strand_id                 A,B 
_entity_poly.pdbx_target_identifier         APC21004.1 
# 
_pdbx_entity_nonpoly.entity_id   2 
_pdbx_entity_nonpoly.name        water 
_pdbx_entity_nonpoly.comp_id     HOH 
# 
loop_
_entity_poly_seq.entity_id 
_entity_poly_seq.num 
_entity_poly_seq.mon_id 
_entity_poly_seq.hetero 
1 1  SER n 
1 2  ASN n 
1 3  ALA n 
1 4  ASN n 
1 5  GLY n 
1 6  ASP n 
1 7  GLN n 
1 8  GLN n 
1 9  THR n 
1 10 MSE n 
1 11 VAL n 
1 12 TYR n 
1 13 ILE n 
1 14 VAL n 
1 15 SER n 
1 16 ALA n 
1 17 LYS n 
1 18 ARG n 
1 19 LYS n 
1 20 ILE n 
1 21 ILE n 
1 22 ALA n 
1 23 ASP n 
1 24 ARG n 
1 25 MSE n 
1 26 LEU n 
1 27 GLN n 
1 28 GLU n 
1 29 LEU n 
1 30 ASP n 
1 31 LEU n 
1 32 GLY n 
1 33 VAL n 
1 34 THR n 
1 35 MSE n 
1 36 LEU n 
1 37 GLN n 
1 38 ALA n 
1 39 VAL n 
1 40 GLY n 
1 41 ALA n 
1 42 TYR n 
1 43 LYS n 
1 44 ASN n 
1 45 ASN n 
1 46 GLU n 
1 47 THR n 
1 48 GLU n 
1 49 VAL n 
1 50 ILE n 
1 51 MSE n 
1 52 CYS n 
1 53 VAL n 
1 54 MSE n 
1 55 ARG n 
1 56 LYS n 
1 57 ALA n 
1 58 THR n 
1 59 LEU n 
1 60 VAL n 
1 61 LYS n 
1 62 VAL n 
1 63 ARG n 
1 64 ASN n 
1 65 LEU n 
1 66 LEU n 
1 67 LYS n 
1 68 GLU n 
1 69 VAL n 
1 70 ASP n 
1 71 PRO n 
1 72 ASP n 
1 73 ALA n 
1 74 PHE n 
1 75 MSE n 
1 76 ILE n 
1 77 VAL n 
1 78 SER n 
1 79 THR n 
1 80 ALA n 
1 81 ASN n 
1 82 GLU n 
1 83 VAL n 
1 84 PHE n 
1 85 GLY n 
1 86 GLU n 
1 87 GLY n 
1 88 PHE n 
1 89 LYS n 
1 90 ASN n 
1 91 GLN n 
1 92 TYR n 
1 93 GLU n 
1 94 THR n 
1 95 GLU n 
1 96 ILE n 
# 
_entity_src_gen.entity_id                          1 
_entity_src_gen.pdbx_src_id                        1 
_entity_src_gen.pdbx_alt_source_flag               sample 
_entity_src_gen.pdbx_seq_type                      ? 
_entity_src_gen.pdbx_beg_seq_num                   ? 
_entity_src_gen.pdbx_end_seq_num                   ? 
_entity_src_gen.gene_src_common_name               ? 
_entity_src_gen.gene_src_genus                     ? 
_entity_src_gen.pdbx_gene_src_gene                 EUBVEN_01903 
_entity_src_gen.gene_src_species                   ? 
_entity_src_gen.gene_src_strain                    'ATCC 27560' 
_entity_src_gen.gene_src_tissue                    ? 
_entity_src_gen.gene_src_tissue_fraction           ? 
_entity_src_gen.gene_src_details                   ? 
_entity_src_gen.pdbx_gene_src_fragment             ? 
_entity_src_gen.pdbx_gene_src_scientific_name      'Eubacterium ventriosum' 
_entity_src_gen.pdbx_gene_src_ncbi_taxonomy_id     411463 
_entity_src_gen.pdbx_gene_src_variant              ? 
_entity_src_gen.pdbx_gene_src_cell_line            ? 
_entity_src_gen.pdbx_gene_src_atcc                 ? 
_entity_src_gen.pdbx_gene_src_organ                ? 
_entity_src_gen.pdbx_gene_src_organelle            ? 
_entity_src_gen.pdbx_gene_src_cell                 ? 
_entity_src_gen.pdbx_gene_src_cellular_location    ? 
_entity_src_gen.host_org_common_name               ? 
_entity_src_gen.pdbx_host_org_scientific_name      'Escherichia coli BL21' 
_entity_src_gen.pdbx_host_org_ncbi_taxonomy_id     511693 
_entity_src_gen.host_org_genus                     ? 
_entity_src_gen.pdbx_host_org_gene                 ? 
_entity_src_gen.pdbx_host_org_organ                ? 
_entity_src_gen.host_org_species                   ? 
_entity_src_gen.pdbx_host_org_tissue               ? 
_entity_src_gen.pdbx_host_org_tissue_fraction      ? 
_entity_src_gen.pdbx_host_org_strain               'BL21 magic' 
_entity_src_gen.pdbx_host_org_variant              ? 
_entity_src_gen.pdbx_host_org_cell_line            ? 
_entity_src_gen.pdbx_host_org_atcc                 ? 
_entity_src_gen.pdbx_host_org_culture_collection   ? 
_entity_src_gen.pdbx_host_org_cell                 ? 
_entity_src_gen.pdbx_host_org_organelle            ? 
_entity_src_gen.pdbx_host_org_cellular_location    ? 
_entity_src_gen.pdbx_host_org_vector_type          plasmid 
_entity_src_gen.pdbx_host_org_vector               ? 
_entity_src_gen.host_org_details                   ? 
_entity_src_gen.expression_system_id               ? 
_entity_src_gen.plasmid_name                       pMCSG19 
_entity_src_gen.plasmid_details                    ? 
_entity_src_gen.pdbx_description                   ? 
# 
loop_
_chem_comp.id 
_chem_comp.type 
_chem_comp.mon_nstd_flag 
_chem_comp.name 
_chem_comp.pdbx_synonyms 
_chem_comp.formula 
_chem_comp.formula_weight 
ALA 'L-peptide linking' y ALANINE          ? 'C3 H7 N O2'     89.093  
ARG 'L-peptide linking' y ARGININE         ? 'C6 H15 N4 O2 1' 175.209 
ASN 'L-peptide linking' y ASPARAGINE       ? 'C4 H8 N2 O3'    132.118 
ASP 'L-peptide linking' y 'ASPARTIC ACID'  ? 'C4 H7 N O4'     133.103 
CYS 'L-peptide linking' y CYSTEINE         ? 'C3 H7 N O2 S'   121.158 
GLN 'L-peptide linking' y GLUTAMINE        ? 'C5 H10 N2 O3'   146.144 
GLU 'L-peptide linking' y 'GLUTAMIC ACID'  ? 'C5 H9 N O4'     147.129 
GLY 'peptide linking'   y GLYCINE          ? 'C2 H5 N O2'     75.067  
HOH non-polymer         . WATER            ? 'H2 O'           18.015  
ILE 'L-peptide linking' y ISOLEUCINE       ? 'C6 H13 N O2'    131.173 
LEU 'L-peptide linking' y LEUCINE          ? 'C6 H13 N O2'    131.173 
LYS 'L-peptide linking' y LYSINE           ? 'C6 H15 N2 O2 1' 147.195 
MSE 'L-peptide linking' n SELENOMETHIONINE ? 'C5 H11 N O2 Se' 196.106 
PHE 'L-peptide linking' y PHENYLALANINE    ? 'C9 H11 N O2'    165.189 
PRO 'L-peptide linking' y PROLINE          ? 'C5 H9 N O2'     115.130 
SER 'L-peptide linking' y SERINE           ? 'C3 H7 N O3'     105.093 
THR 'L-peptide linking' y THREONINE        ? 'C4 H9 N O3'     119.119 
TYR 'L-peptide linking' y TYROSINE         ? 'C9 H11 N O3'    181.189 
VAL 'L-peptide linking' y VALINE           ? 'C5 H11 N O2'    117.146 
# 
loop_
_pdbx_poly_seq_scheme.asym_id 
_pdbx_poly_seq_scheme.entity_id 
_pdbx_poly_seq_scheme.seq_id 
_pdbx_poly_seq_scheme.mon_id 
_pdbx_poly_seq_scheme.ndb_seq_num 
_pdbx_poly_seq_scheme.pdb_seq_num 
_pdbx_poly_seq_scheme.auth_seq_num 
_pdbx_poly_seq_scheme.pdb_mon_id 
_pdbx_poly_seq_scheme.auth_mon_id 
_pdbx_poly_seq_scheme.pdb_strand_id 
_pdbx_poly_seq_scheme.pdb_ins_code 
_pdbx_poly_seq_scheme.hetero 
A 1 1  SER 1  -2 ?  ?   ?   A . n 
A 1 2  ASN 2  -1 ?  ?   ?   A . n 
A 1 3  ALA 3  0  ?  ?   ?   A . n 
A 1 4  ASN 4  1  ?  ?   ?   A . n 
A 1 5  GLY 5  2  ?  ?   ?   A . n 
A 1 6  ASP 6  3  3  ASP ASP A . n 
A 1 7  GLN 7  4  4  GLN GLN A . n 
A 1 8  GLN 8  5  5  GLN GLN A . n 
A 1 9  THR 9  6  6  THR THR A . n 
A 1 10 MSE 10 7  7  MSE MSE A . n 
A 1 11 VAL 11 8  8  VAL VAL A . n 
A 1 12 TYR 12 9  9  TYR TYR A . n 
A 1 13 ILE 13 10 10 ILE ILE A . n 
A 1 14 VAL 14 11 11 VAL VAL A . n 
A 1 15 SER 15 12 12 SER SER A . n 
A 1 16 ALA 16 13 13 ALA ALA A . n 
A 1 17 LYS 17 14 14 LYS LYS A . n 
A 1 18 ARG 18 15 15 ARG ARG A . n 
A 1 19 LYS 19 16 16 LYS LYS A . n 
A 1 20 ILE 20 17 17 ILE ILE A . n 
A 1 21 ILE 21 18 18 ILE ILE A . n 
A 1 22 ALA 22 19 19 ALA ALA A . n 
A 1 23 ASP 23 20 20 ASP ASP A . n 
A 1 24 ARG 24 21 21 ARG ARG A . n 
A 1 25 MSE 25 22 22 MSE MSE A . n 
A 1 26 LEU 26 23 23 LEU LEU A . n 
A 1 27 GLN 27 24 24 GLN GLN A . n 
A 1 28 GLU 28 25 25 GLU GLU A . n 
A 1 29 LEU 29 26 26 LEU LEU A . n 
A 1 30 ASP 30 27 27 ASP ASP A . n 
A 1 31 LEU 31 28 28 LEU LEU A . n 
A 1 32 GLY 32 29 29 GLY GLY A . n 
A 1 33 VAL 33 30 30 VAL VAL A . n 
A 1 34 THR 34 31 31 THR THR A . n 
A 1 35 MSE 35 32 32 MSE MSE A . n 
A 1 36 LEU 36 33 33 LEU LEU A . n 
A 1 37 GLN 37 34 34 GLN GLN A . n 
A 1 38 ALA 38 35 35 ALA ALA A . n 
A 1 39 VAL 39 36 36 VAL VAL A . n 
A 1 40 GLY 40 37 37 GLY GLY A . n 
A 1 41 ALA 41 38 38 ALA ALA A . n 
A 1 42 TYR 42 39 39 TYR TYR A . n 
A 1 43 LYS 43 40 40 LYS LYS A . n 
A 1 44 ASN 44 41 41 ASN ASN A . n 
A 1 45 ASN 45 42 42 ASN ASN A . n 
A 1 46 GLU 46 43 43 GLU GLU A . n 
A 1 47 THR 47 44 44 THR THR A . n 
A 1 48 GLU 48 45 45 GLU GLU A . n 
A 1 49 VAL 49 46 46 VAL VAL A . n 
A 1 50 ILE 50 47 47 ILE ILE A . n 
A 1 51 MSE 51 48 48 MSE MSE A . n 
A 1 52 CYS 52 49 49 CYS CYS A . n 
A 1 53 VAL 53 50 50 VAL VAL A . n 
A 1 54 MSE 54 51 51 MSE MSE A . n 
A 1 55 ARG 55 52 52 ARG ARG A . n 
A 1 56 LYS 56 53 53 LYS LYS A . n 
A 1 57 ALA 57 54 54 ALA ALA A . n 
A 1 58 THR 58 55 55 THR THR A . n 
A 1 59 LEU 59 56 56 LEU LEU A . n 
A 1 60 VAL 60 57 57 VAL VAL A . n 
A 1 61 LYS 61 58 58 LYS LYS A . n 
A 1 62 VAL 62 59 59 VAL VAL A . n 
A 1 63 ARG 63 60 60 ARG ARG A . n 
A 1 64 ASN 64 61 61 ASN ASN A . n 
A 1 65 LEU 65 62 62 LEU LEU A . n 
A 1 66 LEU 66 63 63 LEU LEU A . n 
A 1 67 LYS 67 64 64 LYS LYS A . n 
A 1 68 GLU 68 65 65 GLU GLU A . n 
A 1 69 VAL 69 66 66 VAL VAL A . n 
A 1 70 ASP 70 67 67 ASP ASP A . n 
A 1 71 PRO 71 68 68 PRO PRO A . n 
A 1 72 ASP 72 69 69 ASP ASP A . n 
A 1 73 ALA 73 70 70 ALA ALA A . n 
A 1 74 PHE 74 71 71 PHE PHE A . n 
A 1 75 MSE 75 72 72 MSE MSE A . n 
A 1 76 ILE 76 73 73 ILE ILE A . n 
A 1 77 VAL 77 74 74 VAL VAL A . n 
A 1 78 SER 78 75 75 SER SER A . n 
A 1 79 THR 79 76 ?  ?   ?   A . n 
A 1 80 ALA 80 77 ?  ?   ?   A . n 
A 1 81 ASN 81 78 ?  ?   ?   A . n 
A 1 82 GLU 82 79 ?  ?   ?   A . n 
A 1 83 VAL 83 80 ?  ?   ?   A . n 
A 1 84 PHE 84 81 ?  ?   ?   A . n 
A 1 85 GLY 85 82 ?  ?   ?   A . n 
A 1 86 GLU 86 83 ?  ?   ?   A . n 
A 1 87 GLY 87 84 ?  ?   ?   A . n 
A 1 88 PHE 88 85 ?  ?   ?   A . n 
A 1 89 LYS 89 86 ?  ?   ?   A . n 
A 1 90 ASN 90 87 ?  ?   ?   A . n 
A 1 91 GLN 91 88 ?  ?   ?   A . n 
A 1 92 TYR 92 89 ?  ?   ?   A . n 
A 1 93 GLU 93 90 ?  ?   ?   A . n 
A 1 94 THR 94 91 ?  ?   ?   A . n 
A 1 95 GLU 95 92 ?  ?   ?   A . n 
A 1 96 ILE 96 93 ?  ?   ?   A . n 
B 1 1  SER 1  -2 ?  ?   ?   B . n 
B 1 2  ASN 2  -1 ?  ?   ?   B . n 
B 1 3  ALA 3  0  ?  ?   ?   B . n 
B 1 4  ASN 4  1  ?  ?   ?   B . n 
B 1 5  GLY 5  2  ?  ?   ?   B . n 
B 1 6  ASP 6  3  3  ASP ASP B . n 
B 1 7  GLN 7  4  4  GLN GLN B . n 
B 1 8  GLN 8  5  5  GLN GLN B . n 
B 1 9  THR 9  6  6  THR THR B . n 
B 1 10 MSE 10 7  7  MSE MSE B . n 
B 1 11 VAL 11 8  8  VAL VAL B . n 
B 1 12 TYR 12 9  9  TYR TYR B . n 
B 1 13 ILE 13 10 10 ILE ILE B . n 
B 1 14 VAL 14 11 11 VAL VAL B . n 
B 1 15 SER 15 12 12 SER SER B . n 
B 1 16 ALA 16 13 13 ALA ALA B . n 
B 1 17 LYS 17 14 14 LYS LYS B . n 
B 1 18 ARG 18 15 15 ARG ARG B . n 
B 1 19 LYS 19 16 16 LYS LYS B . n 
B 1 20 ILE 20 17 17 ILE ILE B . n 
B 1 21 ILE 21 18 18 ILE ILE B . n 
B 1 22 ALA 22 19 19 ALA ALA B . n 
B 1 23 ASP 23 20 20 ASP ASP B . n 
B 1 24 ARG 24 21 21 ARG ARG B . n 
B 1 25 MSE 25 22 22 MSE MSE B . n 
B 1 26 LEU 26 23 23 LEU LEU B . n 
B 1 27 GLN 27 24 24 GLN GLN B . n 
B 1 28 GLU 28 25 25 GLU GLU B . n 
B 1 29 LEU 29 26 26 LEU LEU B . n 
B 1 30 ASP 30 27 27 ASP ASP B . n 
B 1 31 LEU 31 28 28 LEU LEU B . n 
B 1 32 GLY 32 29 29 GLY GLY B . n 
B 1 33 VAL 33 30 30 VAL VAL B . n 
B 1 34 THR 34 31 31 THR THR B . n 
B 1 35 MSE 35 32 32 MSE MSE B . n 
B 1 36 LEU 36 33 33 LEU LEU B . n 
B 1 37 GLN 37 34 34 GLN GLN B . n 
B 1 38 ALA 38 35 35 ALA ALA B . n 
B 1 39 VAL 39 36 36 VAL VAL B . n 
B 1 40 GLY 40 37 37 GLY GLY B . n 
B 1 41 ALA 41 38 38 ALA ALA B . n 
B 1 42 TYR 42 39 39 TYR TYR B . n 
B 1 43 LYS 43 40 40 LYS LYS B . n 
B 1 44 ASN 44 41 41 ASN ASN B . n 
B 1 45 ASN 45 42 42 ASN ASN B . n 
B 1 46 GLU 46 43 43 GLU GLU B . n 
B 1 47 THR 47 44 44 THR THR B . n 
B 1 48 GLU 48 45 45 GLU GLU B . n 
B 1 49 VAL 49 46 46 VAL VAL B . n 
B 1 50 ILE 50 47 47 ILE ILE B . n 
B 1 51 MSE 51 48 48 MSE MSE B . n 
B 1 52 CYS 52 49 49 CYS CYS B . n 
B 1 53 VAL 53 50 50 VAL VAL B . n 
B 1 54 MSE 54 51 51 MSE MSE B . n 
B 1 55 ARG 55 52 52 ARG ARG B . n 
B 1 56 LYS 56 53 53 LYS LYS B . n 
B 1 57 ALA 57 54 54 ALA ALA B . n 
B 1 58 THR 58 55 55 THR THR B . n 
B 1 59 LEU 59 56 56 LEU LEU B . n 
B 1 60 VAL 60 57 57 VAL VAL B . n 
B 1 61 LYS 61 58 58 LYS LYS B . n 
B 1 62 VAL 62 59 59 VAL VAL B . n 
B 1 63 ARG 63 60 60 ARG ARG B . n 
B 1 64 ASN 64 61 61 ASN ASN B . n 
B 1 65 LEU 65 62 62 LEU LEU B . n 
B 1 66 LEU 66 63 63 LEU LEU B . n 
B 1 67 LYS 67 64 64 LYS LYS B . n 
B 1 68 GLU 68 65 65 GLU GLU B . n 
B 1 69 VAL 69 66 66 VAL VAL B . n 
B 1 70 ASP 70 67 67 ASP ASP B . n 
B 1 71 PRO 71 68 68 PRO PRO B . n 
B 1 72 ASP 72 69 69 ASP ASP B . n 
B 1 73 ALA 73 70 70 ALA ALA B . n 
B 1 74 PHE 74 71 71 PHE PHE B . n 
B 1 75 MSE 75 72 72 MSE MSE B . n 
B 1 76 ILE 76 73 73 ILE ILE B . n 
B 1 77 VAL 77 74 74 VAL VAL B . n 
B 1 78 SER 78 75 75 SER SER B . n 
B 1 79 THR 79 76 ?  ?   ?   B . n 
B 1 80 ALA 80 77 ?  ?   ?   B . n 
B 1 81 ASN 81 78 ?  ?   ?   B . n 
B 1 82 GLU 82 79 ?  ?   ?   B . n 
B 1 83 VAL 83 80 ?  ?   ?   B . n 
B 1 84 PHE 84 81 ?  ?   ?   B . n 
B 1 85 GLY 85 82 ?  ?   ?   B . n 
B 1 86 GLU 86 83 ?  ?   ?   B . n 
B 1 87 GLY 87 84 ?  ?   ?   B . n 
B 1 88 PHE 88 85 ?  ?   ?   B . n 
B 1 89 LYS 89 86 ?  ?   ?   B . n 
B 1 90 ASN 90 87 ?  ?   ?   B . n 
B 1 91 GLN 91 88 ?  ?   ?   B . n 
B 1 92 TYR 92 89 ?  ?   ?   B . n 
B 1 93 GLU 93 90 ?  ?   ?   B . n 
B 1 94 THR 94 91 ?  ?   ?   B . n 
B 1 95 GLU 95 92 ?  ?   ?   B . n 
B 1 96 ILE 96 93 ?  ?   ?   B . n 
# 
loop_
_pdbx_nonpoly_scheme.asym_id 
_pdbx_nonpoly_scheme.entity_id 
_pdbx_nonpoly_scheme.mon_id 
_pdbx_nonpoly_scheme.ndb_seq_num 
_pdbx_nonpoly_scheme.pdb_seq_num 
_pdbx_nonpoly_scheme.auth_seq_num 
_pdbx_nonpoly_scheme.pdb_mon_id 
_pdbx_nonpoly_scheme.auth_mon_id 
_pdbx_nonpoly_scheme.pdb_strand_id 
_pdbx_nonpoly_scheme.pdb_ins_code 
C 2 HOH 1  94  3  HOH HOH A . 
C 2 HOH 2  95  5  HOH HOH A . 
C 2 HOH 3  96  6  HOH HOH A . 
C 2 HOH 4  97  7  HOH HOH A . 
C 2 HOH 5  98  8  HOH HOH A . 
C 2 HOH 6  99  9  HOH HOH A . 
C 2 HOH 7  100 10 HOH HOH A . 
C 2 HOH 8  101 11 HOH HOH A . 
C 2 HOH 9  102 12 HOH HOH A . 
C 2 HOH 10 103 13 HOH HOH A . 
C 2 HOH 11 104 14 HOH HOH A . 
C 2 HOH 12 105 22 HOH HOH A . 
C 2 HOH 13 106 23 HOH HOH A . 
C 2 HOH 14 107 24 HOH HOH A . 
C 2 HOH 15 108 25 HOH HOH A . 
C 2 HOH 16 109 26 HOH HOH A . 
D 2 HOH 1  94  1  HOH HOH B . 
D 2 HOH 2  95  2  HOH HOH B . 
D 2 HOH 3  96  4  HOH HOH B . 
D 2 HOH 4  97  15 HOH HOH B . 
D 2 HOH 5  98  16 HOH HOH B . 
D 2 HOH 6  99  17 HOH HOH B . 
D 2 HOH 7  100 18 HOH HOH B . 
D 2 HOH 8  101 19 HOH HOH B . 
D 2 HOH 9  102 20 HOH HOH B . 
D 2 HOH 10 103 21 HOH HOH B . 
# 
loop_
_software.name 
_software.classification 
_software.version 
_software.citation_id 
_software.pdbx_ordinal 
SBC-Collect 'data collection' .                 ? 1  
HKL-3000    'data collection' .                 ? 2  
HKL-3000    phasing           .                 ? 3  
SHELXD      phasing           .                 ? 4  
MLPHARE     phasing           .                 ? 5  
DM          'model building'  .                 ? 6  
RESOLVE     'model building'  .                 ? 7  
Coot        'model building'  .                 ? 8  
PHENIX      refinement        '(phenix.refine)' ? 9  
HKL-3000    'data reduction'  .                 ? 10 
HKL-3000    'data scaling'    .                 ? 11 
DM          phasing           .                 ? 12 
RESOLVE     phasing           .                 ? 13 
# 
_cell.entry_id           3HLU 
_cell.length_a           63.588 
_cell.length_b           63.392 
_cell.length_c           82.197 
_cell.angle_alpha        90.00 
_cell.angle_beta         90.00 
_cell.angle_gamma        90.00 
_cell.Z_PDB              8 
_cell.pdbx_unique_axis   ? 
_cell.length_a_esd       ? 
_cell.length_b_esd       ? 
_cell.length_c_esd       ? 
_cell.angle_alpha_esd    ? 
_cell.angle_beta_esd     ? 
_cell.angle_gamma_esd    ? 
# 
_symmetry.entry_id                         3HLU 
_symmetry.space_group_name_H-M             'P 21 21 21' 
_symmetry.pdbx_full_space_group_name_H-M   ? 
_symmetry.cell_setting                     ? 
_symmetry.Int_Tables_number                19 
_symmetry.space_group_name_Hall            ? 
# 
_exptl.entry_id          3HLU 
_exptl.method            'X-RAY DIFFRACTION' 
_exptl.crystals_number   1 
# 
_exptl_crystal.id                    1 
_exptl_crystal.density_meas          ? 
_exptl_crystal.density_Matthews      3.74 
_exptl_crystal.density_percent_sol   67.09 
_exptl_crystal.description           ? 
_exptl_crystal.F_000                 ? 
_exptl_crystal.preparation           ? 
# 
_exptl_crystal_grow.crystal_id      1 
_exptl_crystal_grow.method          'VAPOR DIFFUSION, SITTING DROP' 
_exptl_crystal_grow.temp            289 
_exptl_crystal_grow.temp_details    ? 
_exptl_crystal_grow.pH              7.5 
_exptl_crystal_grow.pdbx_details    
'0.2M NaCl, 0.1 M HEPES pH 7.5, 30% (v/v) PEG-400, VAPOR DIFFUSION, SITTING DROP, temperature 289K' 
_exptl_crystal_grow.pdbx_pH_range   ? 
# 
_diffrn.id                     1 
_diffrn.ambient_temp           100 
_diffrn.ambient_temp_details   ? 
_diffrn.crystal_id             1 
# 
_diffrn_detector.diffrn_id              1 
_diffrn_detector.detector               CCD 
_diffrn_detector.type                   'ADSC QUANTUM 315r' 
_diffrn_detector.pdbx_collection_date   2009-03-22 
_diffrn_detector.details                mirrors 
# 
_diffrn_radiation.diffrn_id                        1 
_diffrn_radiation.wavelength_id                    1 
_diffrn_radiation.pdbx_monochromatic_or_laue_m_l   M 
_diffrn_radiation.monochromator                    'double crystal monochromator' 
_diffrn_radiation.pdbx_diffrn_protocol             'SINGLE WAVELENGTH' 
_diffrn_radiation.pdbx_scattering_type             x-ray 
# 
_diffrn_radiation_wavelength.id           1 
_diffrn_radiation_wavelength.wavelength   0.9794 
_diffrn_radiation_wavelength.wt           1.0 
# 
_diffrn_source.diffrn_id                   1 
_diffrn_source.source                      SYNCHROTRON 
_diffrn_source.type                        'APS BEAMLINE 19-ID' 
_diffrn_source.pdbx_synchrotron_site       APS 
_diffrn_source.pdbx_synchrotron_beamline   19-ID 
_diffrn_source.pdbx_wavelength             ? 
_diffrn_source.pdbx_wavelength_list        0.9794 
# 
_reflns.entry_id                     3HLU 
_reflns.observed_criterion_sigma_I   0.0 
_reflns.observed_criterion_sigma_F   0.0 
_reflns.d_resolution_low             50.295 
_reflns.d_resolution_high            2.65 
_reflns.number_obs                   10088 
_reflns.number_all                   10088 
_reflns.percent_possible_obs         99.6 
_reflns.pdbx_Rmerge_I_obs            0.108 
_reflns.pdbx_Rsym_value              ? 
_reflns.pdbx_netI_over_sigmaI        11.7 
_reflns.B_iso_Wilson_estimate        91.6 
_reflns.pdbx_redundancy              7.6 
_reflns.R_free_details               ? 
_reflns.limit_h_max                  ? 
_reflns.limit_h_min                  ? 
_reflns.limit_k_max                  ? 
_reflns.limit_k_min                  ? 
_reflns.limit_l_max                  ? 
_reflns.limit_l_min                  ? 
_reflns.observed_criterion_F_max     ? 
_reflns.observed_criterion_F_min     ? 
_reflns.pdbx_chi_squared             ? 
_reflns.pdbx_scaling_rejects         ? 
_reflns.pdbx_ordinal                 1 
_reflns.pdbx_diffrn_id               1 
# 
_reflns_shell.d_res_high             2.65 
_reflns_shell.d_res_low              2.70 
_reflns_shell.percent_possible_all   99.8 
_reflns_shell.Rmerge_I_obs           0.698 
_reflns_shell.pdbx_Rsym_value        ? 
_reflns_shell.meanI_over_sigI_obs    2.6 
_reflns_shell.pdbx_redundancy        7.4 
_reflns_shell.percent_possible_obs   ? 
_reflns_shell.number_unique_all      466 
_reflns_shell.number_measured_all    ? 
_reflns_shell.number_measured_obs    ? 
_reflns_shell.number_unique_obs      ? 
_reflns_shell.pdbx_chi_squared       ? 
_reflns_shell.pdbx_ordinal           1 
_reflns_shell.pdbx_diffrn_id         1 
# 
_refine.entry_id                                 3HLU 
_refine.ls_number_reflns_obs                     10049 
_refine.ls_number_reflns_all                     10049 
_refine.pdbx_ls_sigma_I                          0.0 
_refine.pdbx_ls_sigma_F                          0.0 
_refine.pdbx_data_cutoff_high_absF               ? 
_refine.pdbx_data_cutoff_low_absF                ? 
_refine.pdbx_data_cutoff_high_rms_absF           ? 
_refine.ls_d_res_low                             41.1034 
_refine.ls_d_res_high                            2.65 
_refine.ls_percent_reflns_obs                    98.86 
_refine.ls_R_factor_obs                          0.227 
_refine.ls_R_factor_all                          0.227 
_refine.ls_R_factor_R_work                       0.226 
_refine.ls_R_factor_R_free                       0.252 
_refine.ls_R_factor_R_free_error                 ? 
_refine.ls_R_factor_R_free_error_details         ? 
_refine.ls_percent_reflns_R_free                 4.80 
_refine.ls_number_reflns_R_free                  482 
_refine.ls_number_parameters                     ? 
_refine.ls_number_restraints                     ? 
_refine.occupancy_min                            ? 
_refine.occupancy_max                            ? 
_refine.correlation_coeff_Fo_to_Fc               ? 
_refine.correlation_coeff_Fo_to_Fc_free          ? 
_refine.B_iso_mean                               ? 
_refine.aniso_B[1][1]                            6.714 
_refine.aniso_B[2][2]                            9.5757 
_refine.aniso_B[3][3]                            -16.2897 
_refine.aniso_B[1][2]                            0.0 
_refine.aniso_B[1][3]                            -0.0 
_refine.aniso_B[2][3]                            0.0 
_refine.solvent_model_details                    'FLAT BULK SOLVENT MODEL' 
_refine.solvent_model_param_ksol                 0.317 
_refine.solvent_model_param_bsol                 60.805 
_refine.pdbx_solvent_vdw_probe_radii             1.11 
_refine.pdbx_solvent_ion_probe_radii             ? 
_refine.pdbx_solvent_shrinkage_radii             0.90 
_refine.pdbx_ls_cross_valid_method               THROUGHOUT 
_refine.details                                  ? 
_refine.pdbx_starting_model                      ? 
_refine.pdbx_method_to_determine_struct          SAD 
_refine.pdbx_isotropic_thermal_model             isotropic 
_refine.pdbx_stereochemistry_target_values       MLHL 
_refine.pdbx_stereochem_target_val_spec_case     ? 
_refine.pdbx_R_Free_selection_details            RANDOM 
_refine.pdbx_overall_ESU_R                       ? 
_refine.pdbx_overall_ESU_R_Free                  ? 
_refine.overall_SU_ML                            0.31 
_refine.overall_SU_B                             ? 
_refine.ls_redundancy_reflns_obs                 ? 
_refine.B_iso_min                                ? 
_refine.B_iso_max                                ? 
_refine.overall_SU_R_Cruickshank_DPI             ? 
_refine.overall_SU_R_free                        ? 
_refine.ls_wR_factor_R_free                      ? 
_refine.ls_wR_factor_R_work                      ? 
_refine.overall_FOM_free_R_set                   ? 
_refine.overall_FOM_work_R_set                   ? 
_refine.pdbx_overall_phase_error                 ? 
_refine.pdbx_refine_id                           'X-RAY DIFFRACTION' 
_refine.pdbx_diffrn_id                           1 
_refine.pdbx_TLS_residual_ADP_flag               ? 
_refine.pdbx_overall_SU_R_free_Cruickshank_DPI   ? 
_refine.pdbx_overall_SU_R_Blow_DPI               ? 
_refine.pdbx_overall_SU_R_free_Blow_DPI          ? 
# 
_refine_hist.pdbx_refine_id                   'X-RAY DIFFRACTION' 
_refine_hist.cycle_id                         LAST 
_refine_hist.pdbx_number_atoms_protein        1148 
_refine_hist.pdbx_number_atoms_nucleic_acid   0 
_refine_hist.pdbx_number_atoms_ligand         0 
_refine_hist.number_atoms_solvent             26 
_refine_hist.number_atoms_total               1174 
_refine_hist.d_res_high                       2.65 
_refine_hist.d_res_low                        41.1034 
# 
loop_
_refine_ls_restr.type 
_refine_ls_restr.dev_ideal 
_refine_ls_restr.dev_ideal_target 
_refine_ls_restr.weight 
_refine_ls_restr.number 
_refine_ls_restr.pdbx_refine_id 
_refine_ls_restr.pdbx_restraint_function 
f_bond_d           0.011 ? ? ? 'X-RAY DIFFRACTION' ? 
f_angle_deg        1.271 ? ? ? 'X-RAY DIFFRACTION' ? 
f_dihedral_angle_d 20.15 ? ? ? 'X-RAY DIFFRACTION' ? 
f_planarity        0.004 ? ? ? 'X-RAY DIFFRACTION' ? 
# 
loop_
_refine_ls_shell.pdbx_total_number_of_bins_used 
_refine_ls_shell.d_res_high 
_refine_ls_shell.d_res_low 
_refine_ls_shell.number_reflns_R_work 
_refine_ls_shell.R_factor_R_work 
_refine_ls_shell.percent_reflns_obs 
_refine_ls_shell.R_factor_R_free 
_refine_ls_shell.R_factor_R_free_error 
_refine_ls_shell.percent_reflns_R_free 
_refine_ls_shell.number_reflns_R_free 
_refine_ls_shell.number_reflns_all 
_refine_ls_shell.R_factor_all 
_refine_ls_shell.number_reflns_obs 
_refine_ls_shell.redundancy_reflns_obs 
_refine_ls_shell.pdbx_refine_id 
. 2.65   3.0254  3077 0.3234 98.00  0.3714 . . 158 . . 3466 . 'X-RAY DIFFRACTION' 
. 3.0254 3.8112  3192 0.2299 100.00 0.2577 . . 156 . . 3348 . 'X-RAY DIFFRACTION' 
. 3.8112 41.1034 3298 0.2102 99.00  0.2307 . . 168 . . 3235 . 'X-RAY DIFFRACTION' 
# 
_struct.entry_id                  3HLU 
_struct.title                     
'Crystal Structure of Uncharacterized Protein Conserved in Bacteria DUF2179 from Eubacterium ventriosum' 
_struct.pdbx_model_details        ? 
_struct.pdbx_CASP_flag            ? 
_struct.pdbx_model_type_details   ? 
# 
_struct_keywords.entry_id        3HLU 
_struct_keywords.pdbx_keywords   'structural genomics, unknown function' 
_struct_keywords.text            
;alpha-beta half sandwich, Structural Genomics, PSI-2, Protein Structure Initiative, Midwest Center for Structural Genomics, MCSG, unknown function
;
# 
loop_
_struct_asym.id 
_struct_asym.pdbx_blank_PDB_chainid_flag 
_struct_asym.pdbx_modified 
_struct_asym.entity_id 
_struct_asym.details 
A N N 1 ? 
B N N 1 ? 
C N N 2 ? 
D N N 2 ? 
# 
_struct_ref.id                         1 
_struct_ref.db_name                    UNP 
_struct_ref.db_code                    A5Z863_9FIRM 
_struct_ref.pdbx_db_accession          A5Z863 
_struct_ref.entity_id                  1 
_struct_ref.pdbx_seq_one_letter_code   
;NGDQQTMVYIVSAKRKIIADRMLQELDLGVTMLQAVGAYKNNETEVIMCVMRKATLVKVRNLLKEVDPDAFMIVSTANEV
FGEGFKNQYETEI
;
_struct_ref.pdbx_align_begin           180 
_struct_ref.pdbx_db_isoform            ? 
# 
loop_
_struct_ref_seq.align_id 
_struct_ref_seq.ref_id 
_struct_ref_seq.pdbx_PDB_id_code 
_struct_ref_seq.pdbx_strand_id 
_struct_ref_seq.seq_align_beg 
_struct_ref_seq.pdbx_seq_align_beg_ins_code 
_struct_ref_seq.seq_align_end 
_struct_ref_seq.pdbx_seq_align_end_ins_code 
_struct_ref_seq.pdbx_db_accession 
_struct_ref_seq.db_align_beg 
_struct_ref_seq.pdbx_db_align_beg_ins_code 
_struct_ref_seq.db_align_end 
_struct_ref_seq.pdbx_db_align_end_ins_code 
_struct_ref_seq.pdbx_auth_seq_align_beg 
_struct_ref_seq.pdbx_auth_seq_align_end 
1 1 3HLU A 4 ? 96 ? A5Z863 180 ? 272 ? 1 93 
2 1 3HLU B 4 ? 96 ? A5Z863 180 ? 272 ? 1 93 
# 
loop_
_struct_ref_seq_dif.align_id 
_struct_ref_seq_dif.pdbx_pdb_id_code 
_struct_ref_seq_dif.mon_id 
_struct_ref_seq_dif.pdbx_pdb_strand_id 
_struct_ref_seq_dif.seq_num 
_struct_ref_seq_dif.pdbx_pdb_ins_code 
_struct_ref_seq_dif.pdbx_seq_db_name 
_struct_ref_seq_dif.pdbx_seq_db_accession_code 
_struct_ref_seq_dif.db_mon_id 
_struct_ref_seq_dif.pdbx_seq_db_seq_num 
_struct_ref_seq_dif.details 
_struct_ref_seq_dif.pdbx_auth_seq_num 
_struct_ref_seq_dif.pdbx_ordinal 
1 3HLU SER A 1 ? UNP A5Z863 ? ? 'expression tag' -2 1 
1 3HLU ASN A 2 ? UNP A5Z863 ? ? 'expression tag' -1 2 
1 3HLU ALA A 3 ? UNP A5Z863 ? ? 'expression tag' 0  3 
2 3HLU SER B 1 ? UNP A5Z863 ? ? 'expression tag' -2 4 
2 3HLU ASN B 2 ? UNP A5Z863 ? ? 'expression tag' -1 5 
2 3HLU ALA B 3 ? UNP A5Z863 ? ? 'expression tag' 0  6 
# 
_pdbx_struct_assembly.id                   1 
_pdbx_struct_assembly.details              author_and_software_defined_assembly 
_pdbx_struct_assembly.method_details       PISA 
_pdbx_struct_assembly.oligomeric_details   dimeric 
_pdbx_struct_assembly.oligomeric_count     2 
# 
loop_
_pdbx_struct_assembly_prop.biol_id 
_pdbx_struct_assembly_prop.type 
_pdbx_struct_assembly_prop.value 
_pdbx_struct_assembly_prop.details 
1 'ABSA (A^2)' 2100 ? 
1 MORE         -14  ? 
1 'SSA (A^2)'  8230 ? 
# 
_pdbx_struct_assembly_gen.assembly_id       1 
_pdbx_struct_assembly_gen.oper_expression   1 
_pdbx_struct_assembly_gen.asym_id_list      A,B,C,D 
# 
_pdbx_struct_oper_list.id                   1 
_pdbx_struct_oper_list.type                 'identity operation' 
_pdbx_struct_oper_list.name                 1_555 
_pdbx_struct_oper_list.symmetry_operation   x,y,z 
_pdbx_struct_oper_list.matrix[1][1]         1.0000000000 
_pdbx_struct_oper_list.matrix[1][2]         0.0000000000 
_pdbx_struct_oper_list.matrix[1][3]         0.0000000000 
_pdbx_struct_oper_list.vector[1]            0.0000000000 
_pdbx_struct_oper_list.matrix[2][1]         0.0000000000 
_pdbx_struct_oper_list.matrix[2][2]         1.0000000000 
_pdbx_struct_oper_list.matrix[2][3]         0.0000000000 
_pdbx_struct_oper_list.vector[2]            0.0000000000 
_pdbx_struct_oper_list.matrix[3][1]         0.0000000000 
_pdbx_struct_oper_list.matrix[3][2]         0.0000000000 
_pdbx_struct_oper_list.matrix[3][3]         1.0000000000 
_pdbx_struct_oper_list.vector[3]            0.0000000000 
# 
_struct_biol.id        1 
_struct_biol.details   ? 
# 
loop_
_struct_conf.conf_type_id 
_struct_conf.id 
_struct_conf.pdbx_PDB_helix_id 
_struct_conf.beg_label_comp_id 
_struct_conf.beg_label_asym_id 
_struct_conf.beg_label_seq_id 
_struct_conf.pdbx_beg_PDB_ins_code 
_struct_conf.end_label_comp_id 
_struct_conf.end_label_asym_id 
_struct_conf.end_label_seq_id 
_struct_conf.pdbx_end_PDB_ins_code 
_struct_conf.beg_auth_comp_id 
_struct_conf.beg_auth_asym_id 
_struct_conf.beg_auth_seq_id 
_struct_conf.end_auth_comp_id 
_struct_conf.end_auth_asym_id 
_struct_conf.end_auth_seq_id 
_struct_conf.pdbx_PDB_helix_class 
_struct_conf.details 
_struct_conf.pdbx_PDB_helix_length 
HELX_P HELX_P1 1 LYS A 17 ? LEU A 29 ? LYS A 14 LEU A 26 1 ? 13 
HELX_P HELX_P2 2 ARG A 55 ? GLU A 68 ? ARG A 52 GLU A 65 1 ? 14 
HELX_P HELX_P3 3 LYS B 17 ? ASP B 30 ? LYS B 14 ASP B 27 1 ? 14 
HELX_P HELX_P4 4 ALA B 57 ? ASP B 70 ? ALA B 54 ASP B 67 1 ? 14 
# 
_struct_conf_type.id          HELX_P 
_struct_conf_type.criteria    ? 
_struct_conf_type.reference   ? 
# 
loop_
_struct_conn.id 
_struct_conn.conn_type_id 
_struct_conn.pdbx_leaving_atom_flag 
_struct_conn.pdbx_PDB_id 
_struct_conn.ptnr1_label_asym_id 
_struct_conn.ptnr1_label_comp_id 
_struct_conn.ptnr1_label_seq_id 
_struct_conn.ptnr1_label_atom_id 
_struct_conn.pdbx_ptnr1_label_alt_id 
_struct_conn.pdbx_ptnr1_PDB_ins_code 
_struct_conn.pdbx_ptnr1_standard_comp_id 
_struct_conn.ptnr1_symmetry 
_struct_conn.ptnr2_label_asym_id 
_struct_conn.ptnr2_label_comp_id 
_struct_conn.ptnr2_label_seq_id 
_struct_conn.ptnr2_label_atom_id 
_struct_conn.pdbx_ptnr2_label_alt_id 
_struct_conn.pdbx_ptnr2_PDB_ins_code 
_struct_conn.ptnr1_auth_asym_id 
_struct_conn.ptnr1_auth_comp_id 
_struct_conn.ptnr1_auth_seq_id 
_struct_conn.ptnr2_auth_asym_id 
_struct_conn.ptnr2_auth_comp_id 
_struct_conn.ptnr2_auth_seq_id 
_struct_conn.ptnr2_symmetry 
_struct_conn.pdbx_ptnr3_label_atom_id 
_struct_conn.pdbx_ptnr3_label_seq_id 
_struct_conn.pdbx_ptnr3_label_comp_id 
_struct_conn.pdbx_ptnr3_label_asym_id 
_struct_conn.pdbx_ptnr3_label_alt_id 
_struct_conn.pdbx_ptnr3_PDB_ins_code 
_struct_conn.details 
_struct_conn.pdbx_dist_value 
_struct_conn.pdbx_value_order 
_struct_conn.pdbx_role 
covale1  covale both ? A THR 9  C ? ? ? 1_555 A MSE 10 N ? ? A THR 6  A MSE 7  1_555 ? ? ? ? ? ? ? 1.337 ? ? 
covale2  covale both ? A MSE 10 C ? ? ? 1_555 A VAL 11 N ? ? A MSE 7  A VAL 8  1_555 ? ? ? ? ? ? ? 1.332 ? ? 
covale3  covale both ? A ARG 24 C ? ? ? 1_555 A MSE 25 N ? ? A ARG 21 A MSE 22 1_555 ? ? ? ? ? ? ? 1.327 ? ? 
covale4  covale both ? A MSE 25 C ? ? ? 1_555 A LEU 26 N ? ? A MSE 22 A LEU 23 1_555 ? ? ? ? ? ? ? 1.333 ? ? 
covale5  covale both ? A THR 34 C ? ? ? 1_555 A MSE 35 N ? ? A THR 31 A MSE 32 1_555 ? ? ? ? ? ? ? 1.320 ? ? 
covale6  covale both ? A MSE 35 C ? ? ? 1_555 A LEU 36 N ? ? A MSE 32 A LEU 33 1_555 ? ? ? ? ? ? ? 1.327 ? ? 
covale7  covale both ? A ILE 50 C ? ? ? 1_555 A MSE 51 N ? ? A ILE 47 A MSE 48 1_555 ? ? ? ? ? ? ? 1.330 ? ? 
covale8  covale both ? A MSE 51 C ? ? ? 1_555 A CYS 52 N ? ? A MSE 48 A CYS 49 1_555 ? ? ? ? ? ? ? 1.321 ? ? 
covale9  covale both ? A VAL 53 C ? ? ? 1_555 A MSE 54 N ? ? A VAL 50 A MSE 51 1_555 ? ? ? ? ? ? ? 1.324 ? ? 
covale10 covale both ? A MSE 54 C ? ? ? 1_555 A ARG 55 N ? ? A MSE 51 A ARG 52 1_555 ? ? ? ? ? ? ? 1.328 ? ? 
covale11 covale both ? A PHE 74 C ? ? ? 1_555 A MSE 75 N ? ? A PHE 71 A MSE 72 1_555 ? ? ? ? ? ? ? 1.327 ? ? 
covale12 covale both ? A MSE 75 C ? ? ? 1_555 A ILE 76 N ? ? A MSE 72 A ILE 73 1_555 ? ? ? ? ? ? ? 1.319 ? ? 
covale13 covale both ? B THR 9  C ? ? ? 1_555 B MSE 10 N ? ? B THR 6  B MSE 7  1_555 ? ? ? ? ? ? ? 1.331 ? ? 
covale14 covale both ? B MSE 10 C ? ? ? 1_555 B VAL 11 N ? ? B MSE 7  B VAL 8  1_555 ? ? ? ? ? ? ? 1.326 ? ? 
covale15 covale both ? B ARG 24 C ? ? ? 1_555 B MSE 25 N ? ? B ARG 21 B MSE 22 1_555 ? ? ? ? ? ? ? 1.331 ? ? 
covale16 covale both ? B MSE 25 C ? ? ? 1_555 B LEU 26 N ? ? B MSE 22 B LEU 23 1_555 ? ? ? ? ? ? ? 1.332 ? ? 
covale17 covale both ? B THR 34 C ? ? ? 1_555 B MSE 35 N ? ? B THR 31 B MSE 32 1_555 ? ? ? ? ? ? ? 1.324 ? ? 
covale18 covale both ? B MSE 35 C ? ? ? 1_555 B LEU 36 N ? ? B MSE 32 B LEU 33 1_555 ? ? ? ? ? ? ? 1.334 ? ? 
covale19 covale both ? B ILE 50 C ? ? ? 1_555 B MSE 51 N ? ? B ILE 47 B MSE 48 1_555 ? ? ? ? ? ? ? 1.328 ? ? 
covale20 covale both ? B MSE 51 C ? ? ? 1_555 B CYS 52 N ? ? B MSE 48 B CYS 49 1_555 ? ? ? ? ? ? ? 1.319 ? ? 
covale21 covale both ? B VAL 53 C ? ? ? 1_555 B MSE 54 N ? ? B VAL 50 B MSE 51 1_555 ? ? ? ? ? ? ? 1.330 ? ? 
covale22 covale both ? B MSE 54 C ? ? ? 1_555 B ARG 55 N ? ? B MSE 51 B ARG 52 1_555 ? ? ? ? ? ? ? 1.333 ? ? 
covale23 covale both ? B PHE 74 C ? ? ? 1_555 B MSE 75 N ? ? B PHE 71 B MSE 72 1_555 ? ? ? ? ? ? ? 1.322 ? ? 
covale24 covale both ? B MSE 75 C ? ? ? 1_555 B ILE 76 N ? ? B MSE 72 B ILE 73 1_555 ? ? ? ? ? ? ? 1.323 ? ? 
# 
_struct_conn_type.id          covale 
_struct_conn_type.criteria    ? 
_struct_conn_type.reference   ? 
# 
loop_
_pdbx_modification_feature.ordinal 
_pdbx_modification_feature.label_comp_id 
_pdbx_modification_feature.label_asym_id 
_pdbx_modification_feature.label_seq_id 
_pdbx_modification_feature.label_alt_id 
_pdbx_modification_feature.modified_residue_label_comp_id 
_pdbx_modification_feature.modified_residue_label_asym_id 
_pdbx_modification_feature.modified_residue_label_seq_id 
_pdbx_modification_feature.modified_residue_label_alt_id 
_pdbx_modification_feature.auth_comp_id 
_pdbx_modification_feature.auth_asym_id 
_pdbx_modification_feature.auth_seq_id 
_pdbx_modification_feature.PDB_ins_code 
_pdbx_modification_feature.symmetry 
_pdbx_modification_feature.modified_residue_auth_comp_id 
_pdbx_modification_feature.modified_residue_auth_asym_id 
_pdbx_modification_feature.modified_residue_auth_seq_id 
_pdbx_modification_feature.modified_residue_PDB_ins_code 
_pdbx_modification_feature.modified_residue_symmetry 
_pdbx_modification_feature.comp_id_linking_atom 
_pdbx_modification_feature.modified_residue_id_linking_atom 
_pdbx_modification_feature.modified_residue_id 
_pdbx_modification_feature.ref_pcm_id 
_pdbx_modification_feature.ref_comp_id 
_pdbx_modification_feature.type 
_pdbx_modification_feature.category 
1  MSE A 10 ? . . . . MSE A 7  ? 1_555 . . . . . . . MET 1 MSE Selenomethionine 'Named protein modification' 
2  MSE A 25 ? . . . . MSE A 22 ? 1_555 . . . . . . . MET 1 MSE Selenomethionine 'Named protein modification' 
3  MSE A 35 ? . . . . MSE A 32 ? 1_555 . . . . . . . MET 1 MSE Selenomethionine 'Named protein modification' 
4  MSE A 51 ? . . . . MSE A 48 ? 1_555 . . . . . . . MET 1 MSE Selenomethionine 'Named protein modification' 
5  MSE A 54 ? . . . . MSE A 51 ? 1_555 . . . . . . . MET 1 MSE Selenomethionine 'Named protein modification' 
6  MSE A 75 ? . . . . MSE A 72 ? 1_555 . . . . . . . MET 1 MSE Selenomethionine 'Named protein modification' 
7  MSE B 10 ? . . . . MSE B 7  ? 1_555 . . . . . . . MET 1 MSE Selenomethionine 'Named protein modification' 
8  MSE B 25 ? . . . . MSE B 22 ? 1_555 . . . . . . . MET 1 MSE Selenomethionine 'Named protein modification' 
9  MSE B 35 ? . . . . MSE B 32 ? 1_555 . . . . . . . MET 1 MSE Selenomethionine 'Named protein modification' 
10 MSE B 51 ? . . . . MSE B 48 ? 1_555 . . . . . . . MET 1 MSE Selenomethionine 'Named protein modification' 
11 MSE B 54 ? . . . . MSE B 51 ? 1_555 . . . . . . . MET 1 MSE Selenomethionine 'Named protein modification' 
12 MSE B 75 ? . . . . MSE B 72 ? 1_555 . . . . . . . MET 1 MSE Selenomethionine 'Named protein modification' 
# 
loop_
_struct_sheet.id 
_struct_sheet.type 
_struct_sheet.number_strands 
_struct_sheet.details 
A ? 5 ? 
B ? 5 ? 
# 
loop_
_struct_sheet_order.sheet_id 
_struct_sheet_order.range_id_1 
_struct_sheet_order.range_id_2 
_struct_sheet_order.offset 
_struct_sheet_order.sense 
A 1 2 ? anti-parallel 
A 2 3 ? anti-parallel 
A 3 4 ? anti-parallel 
A 4 5 ? anti-parallel 
B 1 2 ? anti-parallel 
B 2 3 ? anti-parallel 
B 3 4 ? anti-parallel 
B 4 5 ? anti-parallel 
# 
loop_
_struct_sheet_range.sheet_id 
_struct_sheet_range.id 
_struct_sheet_range.beg_label_comp_id 
_struct_sheet_range.beg_label_asym_id 
_struct_sheet_range.beg_label_seq_id 
_struct_sheet_range.pdbx_beg_PDB_ins_code 
_struct_sheet_range.end_label_comp_id 
_struct_sheet_range.end_label_asym_id 
_struct_sheet_range.end_label_seq_id 
_struct_sheet_range.pdbx_end_PDB_ins_code 
_struct_sheet_range.beg_auth_comp_id 
_struct_sheet_range.beg_auth_asym_id 
_struct_sheet_range.beg_auth_seq_id 
_struct_sheet_range.end_auth_comp_id 
_struct_sheet_range.end_auth_asym_id 
_struct_sheet_range.end_auth_seq_id 
A 1 THR A 34 ? GLN A 37 ? THR A 31 GLN A 34 
A 2 GLU A 48 ? MSE A 54 ? GLU A 45 MSE A 51 
A 3 THR A 9  ? VAL A 14 ? THR A 6  VAL A 11 
A 4 PHE A 74 ? VAL A 77 ? PHE A 71 VAL A 74 
A 5 VAL B 39 ? GLY B 40 ? VAL B 36 GLY B 37 
B 1 VAL A 39 ? GLY A 40 ? VAL A 36 GLY A 37 
B 2 PHE B 74 ? VAL B 77 ? PHE B 71 VAL B 74 
B 3 GLN B 8  ? VAL B 14 ? GLN B 5  VAL B 11 
B 4 GLU B 48 ? ARG B 55 ? GLU B 45 ARG B 52 
B 5 THR B 34 ? GLN B 37 ? THR B 31 GLN B 34 
# 
loop_
_pdbx_struct_sheet_hbond.sheet_id 
_pdbx_struct_sheet_hbond.range_id_1 
_pdbx_struct_sheet_hbond.range_id_2 
_pdbx_struct_sheet_hbond.range_1_label_atom_id 
_pdbx_struct_sheet_hbond.range_1_label_comp_id 
_pdbx_struct_sheet_hbond.range_1_label_asym_id 
_pdbx_struct_sheet_hbond.range_1_label_seq_id 
_pdbx_struct_sheet_hbond.range_1_PDB_ins_code 
_pdbx_struct_sheet_hbond.range_1_auth_atom_id 
_pdbx_struct_sheet_hbond.range_1_auth_comp_id 
_pdbx_struct_sheet_hbond.range_1_auth_asym_id 
_pdbx_struct_sheet_hbond.range_1_auth_seq_id 
_pdbx_struct_sheet_hbond.range_2_label_atom_id 
_pdbx_struct_sheet_hbond.range_2_label_comp_id 
_pdbx_struct_sheet_hbond.range_2_label_asym_id 
_pdbx_struct_sheet_hbond.range_2_label_seq_id 
_pdbx_struct_sheet_hbond.range_2_PDB_ins_code 
_pdbx_struct_sheet_hbond.range_2_auth_atom_id 
_pdbx_struct_sheet_hbond.range_2_auth_comp_id 
_pdbx_struct_sheet_hbond.range_2_auth_asym_id 
_pdbx_struct_sheet_hbond.range_2_auth_seq_id 
A 1 2 N LEU A 36 ? N LEU A 33 O VAL A 49 ? O VAL A 46 
A 2 3 O MSE A 54 ? O MSE A 51 N THR A 9  ? N THR A 6  
A 3 4 N VAL A 14 ? N VAL A 11 O PHE A 74 ? O PHE A 71 
A 4 5 N MSE A 75 ? N MSE A 72 O VAL B 39 ? O VAL B 36 
B 1 2 N VAL A 39 ? N VAL A 36 O MSE B 75 ? O MSE B 72 
B 2 3 O ILE B 76 ? O ILE B 73 N TYR B 12 ? N TYR B 9  
B 3 4 N THR B 9  ? N THR B 6  O MSE B 54 ? O MSE B 51 
B 4 5 O VAL B 49 ? O VAL B 46 N LEU B 36 ? N LEU B 33 
# 
_pdbx_entry_details.entry_id                   3HLU 
_pdbx_entry_details.compound_details           ? 
_pdbx_entry_details.source_details             ? 
_pdbx_entry_details.nonpolymer_details         ? 
_pdbx_entry_details.sequence_details           ? 
_pdbx_entry_details.has_ligand_of_interest     ? 
_pdbx_entry_details.has_protein_modification   Y 
# 
_pdbx_SG_project.id                    1 
_pdbx_SG_project.project_name          'PSI, Protein Structure Initiative' 
_pdbx_SG_project.full_name_of_center   'Midwest Center for Structural Genomics' 
_pdbx_SG_project.initial_of_center     MCSG 
# 
loop_
_pdbx_struct_mod_residue.id 
_pdbx_struct_mod_residue.label_asym_id 
_pdbx_struct_mod_residue.label_comp_id 
_pdbx_struct_mod_residue.label_seq_id 
_pdbx_struct_mod_residue.auth_asym_id 
_pdbx_struct_mod_residue.auth_comp_id 
_pdbx_struct_mod_residue.auth_seq_id 
_pdbx_struct_mod_residue.PDB_ins_code 
_pdbx_struct_mod_residue.parent_comp_id 
_pdbx_struct_mod_residue.details 
1  A MSE 10 A MSE 7  ? MET SELENOMETHIONINE 
2  A MSE 25 A MSE 22 ? MET SELENOMETHIONINE 
3  A MSE 35 A MSE 32 ? MET SELENOMETHIONINE 
4  A MSE 51 A MSE 48 ? MET SELENOMETHIONINE 
5  A MSE 54 A MSE 51 ? MET SELENOMETHIONINE 
6  A MSE 75 A MSE 72 ? MET SELENOMETHIONINE 
7  B MSE 10 B MSE 7  ? MET SELENOMETHIONINE 
8  B MSE 25 B MSE 22 ? MET SELENOMETHIONINE 
9  B MSE 35 B MSE 32 ? MET SELENOMETHIONINE 
10 B MSE 51 B MSE 48 ? MET SELENOMETHIONINE 
11 B MSE 54 B MSE 51 ? MET SELENOMETHIONINE 
12 B MSE 75 B MSE 72 ? MET SELENOMETHIONINE 
# 
loop_
_pdbx_unobs_or_zero_occ_residues.id 
_pdbx_unobs_or_zero_occ_residues.PDB_model_num 
_pdbx_unobs_or_zero_occ_residues.polymer_flag 
_pdbx_unobs_or_zero_occ_residues.occupancy_flag 
_pdbx_unobs_or_zero_occ_residues.auth_asym_id 
_pdbx_unobs_or_zero_occ_residues.auth_comp_id 
_pdbx_unobs_or_zero_occ_residues.auth_seq_id 
_pdbx_unobs_or_zero_occ_residues.PDB_ins_code 
_pdbx_unobs_or_zero_occ_residues.label_asym_id 
_pdbx_unobs_or_zero_occ_residues.label_comp_id 
_pdbx_unobs_or_zero_occ_residues.label_seq_id 
1  1 Y 1 A SER -2 ? A SER 1  
2  1 Y 1 A ASN -1 ? A ASN 2  
3  1 Y 1 A ALA 0  ? A ALA 3  
4  1 Y 1 A ASN 1  ? A ASN 4  
5  1 Y 1 A GLY 2  ? A GLY 5  
6  1 Y 1 A THR 76 ? A THR 79 
7  1 Y 1 A ALA 77 ? A ALA 80 
8  1 Y 1 A ASN 78 ? A ASN 81 
9  1 Y 1 A GLU 79 ? A GLU 82 
10 1 Y 1 A VAL 80 ? A VAL 83 
11 1 Y 1 A PHE 81 ? A PHE 84 
12 1 Y 1 A GLY 82 ? A GLY 85 
13 1 Y 1 A GLU 83 ? A GLU 86 
14 1 Y 1 A GLY 84 ? A GLY 87 
15 1 Y 1 A PHE 85 ? A PHE 88 
16 1 Y 1 A LYS 86 ? A LYS 89 
17 1 Y 1 A ASN 87 ? A ASN 90 
18 1 Y 1 A GLN 88 ? A GLN 91 
19 1 Y 1 A TYR 89 ? A TYR 92 
20 1 Y 1 A GLU 90 ? A GLU 93 
21 1 Y 1 A THR 91 ? A THR 94 
22 1 Y 1 A GLU 92 ? A GLU 95 
23 1 Y 1 A ILE 93 ? A ILE 96 
24 1 Y 1 B SER -2 ? B SER 1  
25 1 Y 1 B ASN -1 ? B ASN 2  
26 1 Y 1 B ALA 0  ? B ALA 3  
27 1 Y 1 B ASN 1  ? B ASN 4  
28 1 Y 1 B GLY 2  ? B GLY 5  
29 1 Y 1 B THR 76 ? B THR 79 
30 1 Y 1 B ALA 77 ? B ALA 80 
31 1 Y 1 B ASN 78 ? B ASN 81 
32 1 Y 1 B GLU 79 ? B GLU 82 
33 1 Y 1 B VAL 80 ? B VAL 83 
34 1 Y 1 B PHE 81 ? B PHE 84 
35 1 Y 1 B GLY 82 ? B GLY 85 
36 1 Y 1 B GLU 83 ? B GLU 86 
37 1 Y 1 B GLY 84 ? B GLY 87 
38 1 Y 1 B PHE 85 ? B PHE 88 
39 1 Y 1 B LYS 86 ? B LYS 89 
40 1 Y 1 B ASN 87 ? B ASN 90 
41 1 Y 1 B GLN 88 ? B GLN 91 
42 1 Y 1 B TYR 89 ? B TYR 92 
43 1 Y 1 B GLU 90 ? B GLU 93 
44 1 Y 1 B THR 91 ? B THR 94 
45 1 Y 1 B GLU 92 ? B GLU 95 
46 1 Y 1 B ILE 93 ? B ILE 96 
# 
loop_
_chem_comp_atom.comp_id 
_chem_comp_atom.atom_id 
_chem_comp_atom.type_symbol 
_chem_comp_atom.pdbx_aromatic_flag 
_chem_comp_atom.pdbx_stereo_config 
_chem_comp_atom.pdbx_ordinal 
ALA N    N  N N 1   
ALA CA   C  N S 2   
ALA C    C  N N 3   
ALA O    O  N N 4   
ALA CB   C  N N 5   
ALA OXT  O  N N 6   
ALA H    H  N N 7   
ALA H2   H  N N 8   
ALA HA   H  N N 9   
ALA HB1  H  N N 10  
ALA HB2  H  N N 11  
ALA HB3  H  N N 12  
ALA HXT  H  N N 13  
ARG N    N  N N 14  
ARG CA   C  N S 15  
ARG C    C  N N 16  
ARG O    O  N N 17  
ARG CB   C  N N 18  
ARG CG   C  N N 19  
ARG CD   C  N N 20  
ARG NE   N  N N 21  
ARG CZ   C  N N 22  
ARG NH1  N  N N 23  
ARG NH2  N  N N 24  
ARG OXT  O  N N 25  
ARG H    H  N N 26  
ARG H2   H  N N 27  
ARG HA   H  N N 28  
ARG HB2  H  N N 29  
ARG HB3  H  N N 30  
ARG HG2  H  N N 31  
ARG HG3  H  N N 32  
ARG HD2  H  N N 33  
ARG HD3  H  N N 34  
ARG HE   H  N N 35  
ARG HH11 H  N N 36  
ARG HH12 H  N N 37  
ARG HH21 H  N N 38  
ARG HH22 H  N N 39  
ARG HXT  H  N N 40  
ASN N    N  N N 41  
ASN CA   C  N S 42  
ASN C    C  N N 43  
ASN O    O  N N 44  
ASN CB   C  N N 45  
ASN CG   C  N N 46  
ASN OD1  O  N N 47  
ASN ND2  N  N N 48  
ASN OXT  O  N N 49  
ASN H    H  N N 50  
ASN H2   H  N N 51  
ASN HA   H  N N 52  
ASN HB2  H  N N 53  
ASN HB3  H  N N 54  
ASN HD21 H  N N 55  
ASN HD22 H  N N 56  
ASN HXT  H  N N 57  
ASP N    N  N N 58  
ASP CA   C  N S 59  
ASP C    C  N N 60  
ASP O    O  N N 61  
ASP CB   C  N N 62  
ASP CG   C  N N 63  
ASP OD1  O  N N 64  
ASP OD2  O  N N 65  
ASP OXT  O  N N 66  
ASP H    H  N N 67  
ASP H2   H  N N 68  
ASP HA   H  N N 69  
ASP HB2  H  N N 70  
ASP HB3  H  N N 71  
ASP HD2  H  N N 72  
ASP HXT  H  N N 73  
CYS N    N  N N 74  
CYS CA   C  N R 75  
CYS C    C  N N 76  
CYS O    O  N N 77  
CYS CB   C  N N 78  
CYS SG   S  N N 79  
CYS OXT  O  N N 80  
CYS H    H  N N 81  
CYS H2   H  N N 82  
CYS HA   H  N N 83  
CYS HB2  H  N N 84  
CYS HB3  H  N N 85  
CYS HG   H  N N 86  
CYS HXT  H  N N 87  
GLN N    N  N N 88  
GLN CA   C  N S 89  
GLN C    C  N N 90  
GLN O    O  N N 91  
GLN CB   C  N N 92  
GLN CG   C  N N 93  
GLN CD   C  N N 94  
GLN OE1  O  N N 95  
GLN NE2  N  N N 96  
GLN OXT  O  N N 97  
GLN H    H  N N 98  
GLN H2   H  N N 99  
GLN HA   H  N N 100 
GLN HB2  H  N N 101 
GLN HB3  H  N N 102 
GLN HG2  H  N N 103 
GLN HG3  H  N N 104 
GLN HE21 H  N N 105 
GLN HE22 H  N N 106 
GLN HXT  H  N N 107 
GLU N    N  N N 108 
GLU CA   C  N S 109 
GLU C    C  N N 110 
GLU O    O  N N 111 
GLU CB   C  N N 112 
GLU CG   C  N N 113 
GLU CD   C  N N 114 
GLU OE1  O  N N 115 
GLU OE2  O  N N 116 
GLU OXT  O  N N 117 
GLU H    H  N N 118 
GLU H2   H  N N 119 
GLU HA   H  N N 120 
GLU HB2  H  N N 121 
GLU HB3  H  N N 122 
GLU HG2  H  N N 123 
GLU HG3  H  N N 124 
GLU HE2  H  N N 125 
GLU HXT  H  N N 126 
GLY N    N  N N 127 
GLY CA   C  N N 128 
GLY C    C  N N 129 
GLY O    O  N N 130 
GLY OXT  O  N N 131 
GLY H    H  N N 132 
GLY H2   H  N N 133 
GLY HA2  H  N N 134 
GLY HA3  H  N N 135 
GLY HXT  H  N N 136 
HOH O    O  N N 137 
HOH H1   H  N N 138 
HOH H2   H  N N 139 
ILE N    N  N N 140 
ILE CA   C  N S 141 
ILE C    C  N N 142 
ILE O    O  N N 143 
ILE CB   C  N S 144 
ILE CG1  C  N N 145 
ILE CG2  C  N N 146 
ILE CD1  C  N N 147 
ILE OXT  O  N N 148 
ILE H    H  N N 149 
ILE H2   H  N N 150 
ILE HA   H  N N 151 
ILE HB   H  N N 152 
ILE HG12 H  N N 153 
ILE HG13 H  N N 154 
ILE HG21 H  N N 155 
ILE HG22 H  N N 156 
ILE HG23 H  N N 157 
ILE HD11 H  N N 158 
ILE HD12 H  N N 159 
ILE HD13 H  N N 160 
ILE HXT  H  N N 161 
LEU N    N  N N 162 
LEU CA   C  N S 163 
LEU C    C  N N 164 
LEU O    O  N N 165 
LEU CB   C  N N 166 
LEU CG   C  N N 167 
LEU CD1  C  N N 168 
LEU CD2  C  N N 169 
LEU OXT  O  N N 170 
LEU H    H  N N 171 
LEU H2   H  N N 172 
LEU HA   H  N N 173 
LEU HB2  H  N N 174 
LEU HB3  H  N N 175 
LEU HG   H  N N 176 
LEU HD11 H  N N 177 
LEU HD12 H  N N 178 
LEU HD13 H  N N 179 
LEU HD21 H  N N 180 
LEU HD22 H  N N 181 
LEU HD23 H  N N 182 
LEU HXT  H  N N 183 
LYS N    N  N N 184 
LYS CA   C  N S 185 
LYS C    C  N N 186 
LYS O    O  N N 187 
LYS CB   C  N N 188 
LYS CG   C  N N 189 
LYS CD   C  N N 190 
LYS CE   C  N N 191 
LYS NZ   N  N N 192 
LYS OXT  O  N N 193 
LYS H    H  N N 194 
LYS H2   H  N N 195 
LYS HA   H  N N 196 
LYS HB2  H  N N 197 
LYS HB3  H  N N 198 
LYS HG2  H  N N 199 
LYS HG3  H  N N 200 
LYS HD2  H  N N 201 
LYS HD3  H  N N 202 
LYS HE2  H  N N 203 
LYS HE3  H  N N 204 
LYS HZ1  H  N N 205 
LYS HZ2  H  N N 206 
LYS HZ3  H  N N 207 
LYS HXT  H  N N 208 
MSE N    N  N N 209 
MSE CA   C  N S 210 
MSE C    C  N N 211 
MSE O    O  N N 212 
MSE OXT  O  N N 213 
MSE CB   C  N N 214 
MSE CG   C  N N 215 
MSE SE   SE N N 216 
MSE CE   C  N N 217 
MSE H    H  N N 218 
MSE H2   H  N N 219 
MSE HA   H  N N 220 
MSE HXT  H  N N 221 
MSE HB2  H  N N 222 
MSE HB3  H  N N 223 
MSE HG2  H  N N 224 
MSE HG3  H  N N 225 
MSE HE1  H  N N 226 
MSE HE2  H  N N 227 
MSE HE3  H  N N 228 
PHE N    N  N N 229 
PHE CA   C  N S 230 
PHE C    C  N N 231 
PHE O    O  N N 232 
PHE CB   C  N N 233 
PHE CG   C  Y N 234 
PHE CD1  C  Y N 235 
PHE CD2  C  Y N 236 
PHE CE1  C  Y N 237 
PHE CE2  C  Y N 238 
PHE CZ   C  Y N 239 
PHE OXT  O  N N 240 
PHE H    H  N N 241 
PHE H2   H  N N 242 
PHE HA   H  N N 243 
PHE HB2  H  N N 244 
PHE HB3  H  N N 245 
PHE HD1  H  N N 246 
PHE HD2  H  N N 247 
PHE HE1  H  N N 248 
PHE HE2  H  N N 249 
PHE HZ   H  N N 250 
PHE HXT  H  N N 251 
PRO N    N  N N 252 
PRO CA   C  N S 253 
PRO C    C  N N 254 
PRO O    O  N N 255 
PRO CB   C  N N 256 
PRO CG   C  N N 257 
PRO CD   C  N N 258 
PRO OXT  O  N N 259 
PRO H    H  N N 260 
PRO HA   H  N N 261 
PRO HB2  H  N N 262 
PRO HB3  H  N N 263 
PRO HG2  H  N N 264 
PRO HG3  H  N N 265 
PRO HD2  H  N N 266 
PRO HD3  H  N N 267 
PRO HXT  H  N N 268 
SER N    N  N N 269 
SER CA   C  N S 270 
SER C    C  N N 271 
SER O    O  N N 272 
SER CB   C  N N 273 
SER OG   O  N N 274 
SER OXT  O  N N 275 
SER H    H  N N 276 
SER H2   H  N N 277 
SER HA   H  N N 278 
SER HB2  H  N N 279 
SER HB3  H  N N 280 
SER HG   H  N N 281 
SER HXT  H  N N 282 
THR N    N  N N 283 
THR CA   C  N S 284 
THR C    C  N N 285 
THR O    O  N N 286 
THR CB   C  N R 287 
THR OG1  O  N N 288 
THR CG2  C  N N 289 
THR OXT  O  N N 290 
THR H    H  N N 291 
THR H2   H  N N 292 
THR HA   H  N N 293 
THR HB   H  N N 294 
THR HG1  H  N N 295 
THR HG21 H  N N 296 
THR HG22 H  N N 297 
THR HG23 H  N N 298 
THR HXT  H  N N 299 
TYR N    N  N N 300 
TYR CA   C  N S 301 
TYR C    C  N N 302 
TYR O    O  N N 303 
TYR CB   C  N N 304 
TYR CG   C  Y N 305 
TYR CD1  C  Y N 306 
TYR CD2  C  Y N 307 
TYR CE1  C  Y N 308 
TYR CE2  C  Y N 309 
TYR CZ   C  Y N 310 
TYR OH   O  N N 311 
TYR OXT  O  N N 312 
TYR H    H  N N 313 
TYR H2   H  N N 314 
TYR HA   H  N N 315 
TYR HB2  H  N N 316 
TYR HB3  H  N N 317 
TYR HD1  H  N N 318 
TYR HD2  H  N N 319 
TYR HE1  H  N N 320 
TYR HE2  H  N N 321 
TYR HH   H  N N 322 
TYR HXT  H  N N 323 
VAL N    N  N N 324 
VAL CA   C  N S 325 
VAL C    C  N N 326 
VAL O    O  N N 327 
VAL CB   C  N N 328 
VAL CG1  C  N N 329 
VAL CG2  C  N N 330 
VAL OXT  O  N N 331 
VAL H    H  N N 332 
VAL H2   H  N N 333 
VAL HA   H  N N 334 
VAL HB   H  N N 335 
VAL HG11 H  N N 336 
VAL HG12 H  N N 337 
VAL HG13 H  N N 338 
VAL HG21 H  N N 339 
VAL HG22 H  N N 340 
VAL HG23 H  N N 341 
VAL HXT  H  N N 342 
# 
loop_
_chem_comp_bond.comp_id 
_chem_comp_bond.atom_id_1 
_chem_comp_bond.atom_id_2 
_chem_comp_bond.value_order 
_chem_comp_bond.pdbx_aromatic_flag 
_chem_comp_bond.pdbx_stereo_config 
_chem_comp_bond.pdbx_ordinal 
ALA N   CA   sing N N 1   
ALA N   H    sing N N 2   
ALA N   H2   sing N N 3   
ALA CA  C    sing N N 4   
ALA CA  CB   sing N N 5   
ALA CA  HA   sing N N 6   
ALA C   O    doub N N 7   
ALA C   OXT  sing N N 8   
ALA CB  HB1  sing N N 9   
ALA CB  HB2  sing N N 10  
ALA CB  HB3  sing N N 11  
ALA OXT HXT  sing N N 12  
ARG N   CA   sing N N 13  
ARG N   H    sing N N 14  
ARG N   H2   sing N N 15  
ARG CA  C    sing N N 16  
ARG CA  CB   sing N N 17  
ARG CA  HA   sing N N 18  
ARG C   O    doub N N 19  
ARG C   OXT  sing N N 20  
ARG CB  CG   sing N N 21  
ARG CB  HB2  sing N N 22  
ARG CB  HB3  sing N N 23  
ARG CG  CD   sing N N 24  
ARG CG  HG2  sing N N 25  
ARG CG  HG3  sing N N 26  
ARG CD  NE   sing N N 27  
ARG CD  HD2  sing N N 28  
ARG CD  HD3  sing N N 29  
ARG NE  CZ   sing N N 30  
ARG NE  HE   sing N N 31  
ARG CZ  NH1  sing N N 32  
ARG CZ  NH2  doub N N 33  
ARG NH1 HH11 sing N N 34  
ARG NH1 HH12 sing N N 35  
ARG NH2 HH21 sing N N 36  
ARG NH2 HH22 sing N N 37  
ARG OXT HXT  sing N N 38  
ASN N   CA   sing N N 39  
ASN N   H    sing N N 40  
ASN N   H2   sing N N 41  
ASN CA  C    sing N N 42  
ASN CA  CB   sing N N 43  
ASN CA  HA   sing N N 44  
ASN C   O    doub N N 45  
ASN C   OXT  sing N N 46  
ASN CB  CG   sing N N 47  
ASN CB  HB2  sing N N 48  
ASN CB  HB3  sing N N 49  
ASN CG  OD1  doub N N 50  
ASN CG  ND2  sing N N 51  
ASN ND2 HD21 sing N N 52  
ASN ND2 HD22 sing N N 53  
ASN OXT HXT  sing N N 54  
ASP N   CA   sing N N 55  
ASP N   H    sing N N 56  
ASP N   H2   sing N N 57  
ASP CA  C    sing N N 58  
ASP CA  CB   sing N N 59  
ASP CA  HA   sing N N 60  
ASP C   O    doub N N 61  
ASP C   OXT  sing N N 62  
ASP CB  CG   sing N N 63  
ASP CB  HB2  sing N N 64  
ASP CB  HB3  sing N N 65  
ASP CG  OD1  doub N N 66  
ASP CG  OD2  sing N N 67  
ASP OD2 HD2  sing N N 68  
ASP OXT HXT  sing N N 69  
CYS N   CA   sing N N 70  
CYS N   H    sing N N 71  
CYS N   H2   sing N N 72  
CYS CA  C    sing N N 73  
CYS CA  CB   sing N N 74  
CYS CA  HA   sing N N 75  
CYS C   O    doub N N 76  
CYS C   OXT  sing N N 77  
CYS CB  SG   sing N N 78  
CYS CB  HB2  sing N N 79  
CYS CB  HB3  sing N N 80  
CYS SG  HG   sing N N 81  
CYS OXT HXT  sing N N 82  
GLN N   CA   sing N N 83  
GLN N   H    sing N N 84  
GLN N   H2   sing N N 85  
GLN CA  C    sing N N 86  
GLN CA  CB   sing N N 87  
GLN CA  HA   sing N N 88  
GLN C   O    doub N N 89  
GLN C   OXT  sing N N 90  
GLN CB  CG   sing N N 91  
GLN CB  HB2  sing N N 92  
GLN CB  HB3  sing N N 93  
GLN CG  CD   sing N N 94  
GLN CG  HG2  sing N N 95  
GLN CG  HG3  sing N N 96  
GLN CD  OE1  doub N N 97  
GLN CD  NE2  sing N N 98  
GLN NE2 HE21 sing N N 99  
GLN NE2 HE22 sing N N 100 
GLN OXT HXT  sing N N 101 
GLU N   CA   sing N N 102 
GLU N   H    sing N N 103 
GLU N   H2   sing N N 104 
GLU CA  C    sing N N 105 
GLU CA  CB   sing N N 106 
GLU CA  HA   sing N N 107 
GLU C   O    doub N N 108 
GLU C   OXT  sing N N 109 
GLU CB  CG   sing N N 110 
GLU CB  HB2  sing N N 111 
GLU CB  HB3  sing N N 112 
GLU CG  CD   sing N N 113 
GLU CG  HG2  sing N N 114 
GLU CG  HG3  sing N N 115 
GLU CD  OE1  doub N N 116 
GLU CD  OE2  sing N N 117 
GLU OE2 HE2  sing N N 118 
GLU OXT HXT  sing N N 119 
GLY N   CA   sing N N 120 
GLY N   H    sing N N 121 
GLY N   H2   sing N N 122 
GLY CA  C    sing N N 123 
GLY CA  HA2  sing N N 124 
GLY CA  HA3  sing N N 125 
GLY C   O    doub N N 126 
GLY C   OXT  sing N N 127 
GLY OXT HXT  sing N N 128 
HOH O   H1   sing N N 129 
HOH O   H2   sing N N 130 
ILE N   CA   sing N N 131 
ILE N   H    sing N N 132 
ILE N   H2   sing N N 133 
ILE CA  C    sing N N 134 
ILE CA  CB   sing N N 135 
ILE CA  HA   sing N N 136 
ILE C   O    doub N N 137 
ILE C   OXT  sing N N 138 
ILE CB  CG1  sing N N 139 
ILE CB  CG2  sing N N 140 
ILE CB  HB   sing N N 141 
ILE CG1 CD1  sing N N 142 
ILE CG1 HG12 sing N N 143 
ILE CG1 HG13 sing N N 144 
ILE CG2 HG21 sing N N 145 
ILE CG2 HG22 sing N N 146 
ILE CG2 HG23 sing N N 147 
ILE CD1 HD11 sing N N 148 
ILE CD1 HD12 sing N N 149 
ILE CD1 HD13 sing N N 150 
ILE OXT HXT  sing N N 151 
LEU N   CA   sing N N 152 
LEU N   H    sing N N 153 
LEU N   H2   sing N N 154 
LEU CA  C    sing N N 155 
LEU CA  CB   sing N N 156 
LEU CA  HA   sing N N 157 
LEU C   O    doub N N 158 
LEU C   OXT  sing N N 159 
LEU CB  CG   sing N N 160 
LEU CB  HB2  sing N N 161 
LEU CB  HB3  sing N N 162 
LEU CG  CD1  sing N N 163 
LEU CG  CD2  sing N N 164 
LEU CG  HG   sing N N 165 
LEU CD1 HD11 sing N N 166 
LEU CD1 HD12 sing N N 167 
LEU CD1 HD13 sing N N 168 
LEU CD2 HD21 sing N N 169 
LEU CD2 HD22 sing N N 170 
LEU CD2 HD23 sing N N 171 
LEU OXT HXT  sing N N 172 
LYS N   CA   sing N N 173 
LYS N   H    sing N N 174 
LYS N   H2   sing N N 175 
LYS CA  C    sing N N 176 
LYS CA  CB   sing N N 177 
LYS CA  HA   sing N N 178 
LYS C   O    doub N N 179 
LYS C   OXT  sing N N 180 
LYS CB  CG   sing N N 181 
LYS CB  HB2  sing N N 182 
LYS CB  HB3  sing N N 183 
LYS CG  CD   sing N N 184 
LYS CG  HG2  sing N N 185 
LYS CG  HG3  sing N N 186 
LYS CD  CE   sing N N 187 
LYS CD  HD2  sing N N 188 
LYS CD  HD3  sing N N 189 
LYS CE  NZ   sing N N 190 
LYS CE  HE2  sing N N 191 
LYS CE  HE3  sing N N 192 
LYS NZ  HZ1  sing N N 193 
LYS NZ  HZ2  sing N N 194 
LYS NZ  HZ3  sing N N 195 
LYS OXT HXT  sing N N 196 
MSE N   CA   sing N N 197 
MSE N   H    sing N N 198 
MSE N   H2   sing N N 199 
MSE CA  C    sing N N 200 
MSE CA  CB   sing N N 201 
MSE CA  HA   sing N N 202 
MSE C   O    doub N N 203 
MSE C   OXT  sing N N 204 
MSE OXT HXT  sing N N 205 
MSE CB  CG   sing N N 206 
MSE CB  HB2  sing N N 207 
MSE CB  HB3  sing N N 208 
MSE CG  SE   sing N N 209 
MSE CG  HG2  sing N N 210 
MSE CG  HG3  sing N N 211 
MSE SE  CE   sing N N 212 
MSE CE  HE1  sing N N 213 
MSE CE  HE2  sing N N 214 
MSE CE  HE3  sing N N 215 
PHE N   CA   sing N N 216 
PHE N   H    sing N N 217 
PHE N   H2   sing N N 218 
PHE CA  C    sing N N 219 
PHE CA  CB   sing N N 220 
PHE CA  HA   sing N N 221 
PHE C   O    doub N N 222 
PHE C   OXT  sing N N 223 
PHE CB  CG   sing N N 224 
PHE CB  HB2  sing N N 225 
PHE CB  HB3  sing N N 226 
PHE CG  CD1  doub Y N 227 
PHE CG  CD2  sing Y N 228 
PHE CD1 CE1  sing Y N 229 
PHE CD1 HD1  sing N N 230 
PHE CD2 CE2  doub Y N 231 
PHE CD2 HD2  sing N N 232 
PHE CE1 CZ   doub Y N 233 
PHE CE1 HE1  sing N N 234 
PHE CE2 CZ   sing Y N 235 
PHE CE2 HE2  sing N N 236 
PHE CZ  HZ   sing N N 237 
PHE OXT HXT  sing N N 238 
PRO N   CA   sing N N 239 
PRO N   CD   sing N N 240 
PRO N   H    sing N N 241 
PRO CA  C    sing N N 242 
PRO CA  CB   sing N N 243 
PRO CA  HA   sing N N 244 
PRO C   O    doub N N 245 
PRO C   OXT  sing N N 246 
PRO CB  CG   sing N N 247 
PRO CB  HB2  sing N N 248 
PRO CB  HB3  sing N N 249 
PRO CG  CD   sing N N 250 
PRO CG  HG2  sing N N 251 
PRO CG  HG3  sing N N 252 
PRO CD  HD2  sing N N 253 
PRO CD  HD3  sing N N 254 
PRO OXT HXT  sing N N 255 
SER N   CA   sing N N 256 
SER N   H    sing N N 257 
SER N   H2   sing N N 258 
SER CA  C    sing N N 259 
SER CA  CB   sing N N 260 
SER CA  HA   sing N N 261 
SER C   O    doub N N 262 
SER C   OXT  sing N N 263 
SER CB  OG   sing N N 264 
SER CB  HB2  sing N N 265 
SER CB  HB3  sing N N 266 
SER OG  HG   sing N N 267 
SER OXT HXT  sing N N 268 
THR N   CA   sing N N 269 
THR N   H    sing N N 270 
THR N   H2   sing N N 271 
THR CA  C    sing N N 272 
THR CA  CB   sing N N 273 
THR CA  HA   sing N N 274 
THR C   O    doub N N 275 
THR C   OXT  sing N N 276 
THR CB  OG1  sing N N 277 
THR CB  CG2  sing N N 278 
THR CB  HB   sing N N 279 
THR OG1 HG1  sing N N 280 
THR CG2 HG21 sing N N 281 
THR CG2 HG22 sing N N 282 
THR CG2 HG23 sing N N 283 
THR OXT HXT  sing N N 284 
TYR N   CA   sing N N 285 
TYR N   H    sing N N 286 
TYR N   H2   sing N N 287 
TYR CA  C    sing N N 288 
TYR CA  CB   sing N N 289 
TYR CA  HA   sing N N 290 
TYR C   O    doub N N 291 
TYR C   OXT  sing N N 292 
TYR CB  CG   sing N N 293 
TYR CB  HB2  sing N N 294 
TYR CB  HB3  sing N N 295 
TYR CG  CD1  doub Y N 296 
TYR CG  CD2  sing Y N 297 
TYR CD1 CE1  sing Y N 298 
TYR CD1 HD1  sing N N 299 
TYR CD2 CE2  doub Y N 300 
TYR CD2 HD2  sing N N 301 
TYR CE1 CZ   doub Y N 302 
TYR CE1 HE1  sing N N 303 
TYR CE2 CZ   sing Y N 304 
TYR CE2 HE2  sing N N 305 
TYR CZ  OH   sing N N 306 
TYR OH  HH   sing N N 307 
TYR OXT HXT  sing N N 308 
VAL N   CA   sing N N 309 
VAL N   H    sing N N 310 
VAL N   H2   sing N N 311 
VAL CA  C    sing N N 312 
VAL CA  CB   sing N N 313 
VAL CA  HA   sing N N 314 
VAL C   O    doub N N 315 
VAL C   OXT  sing N N 316 
VAL CB  CG1  sing N N 317 
VAL CB  CG2  sing N N 318 
VAL CB  HB   sing N N 319 
VAL CG1 HG11 sing N N 320 
VAL CG1 HG12 sing N N 321 
VAL CG1 HG13 sing N N 322 
VAL CG2 HG21 sing N N 323 
VAL CG2 HG22 sing N N 324 
VAL CG2 HG23 sing N N 325 
VAL OXT HXT  sing N N 326 
# 
_atom_sites.entry_id                    3HLU 
_atom_sites.fract_transf_matrix[1][1]   -0.00612908 
_atom_sites.fract_transf_matrix[1][2]   0.01185151 
_atom_sites.fract_transf_matrix[1][3]   0.00832365 
_atom_sites.fract_transf_matrix[2][1]   0.01323838 
_atom_sites.fract_transf_matrix[2][2]   0.00085087 
_atom_sites.fract_transf_matrix[2][3]   0.00853651 
_atom_sites.fract_transf_matrix[3][1]   0.00461419 
_atom_sites.fract_transf_matrix[3][2]   0.00796979 
_atom_sites.fract_transf_matrix[3][3]   -0.00795004 
_atom_sites.fract_transf_vector[1]      0.478706 
_atom_sites.fract_transf_vector[2]      0.271674 
_atom_sites.fract_transf_vector[3]      0.624998 
# 
loop_
_atom_type.symbol 
C  
N  
O  
S  
SE 
# 
loop_
_atom_site.group_PDB 
_atom_site.id 
_atom_site.type_symbol 
_atom_site.label_atom_id 
_atom_site.label_alt_id 
_atom_site.label_comp_id 
_atom_site.label_asym_id 
_atom_site.label_entity_id 
_atom_site.label_seq_id 
_atom_site.pdbx_PDB_ins_code 
_atom_site.Cartn_x 
_atom_site.Cartn_y 
_atom_site.Cartn_z 
_atom_site.occupancy 
_atom_site.B_iso_or_equiv 
_atom_site.pdbx_formal_charge 
_atom_site.auth_seq_id 
_atom_site.auth_comp_id 
_atom_site.auth_asym_id 
_atom_site.auth_atom_id 
_atom_site.pdbx_PDB_model_num 
ATOM   1    N  N   . ASP A 1 6  ? -18.632 -3.460  -11.786 1.00 126.03 ? 3   ASP A N   1 
ATOM   2    C  CA  . ASP A 1 6  ? -17.511 -2.657  -12.290 1.00 127.34 ? 3   ASP A CA  1 
ATOM   3    C  C   . ASP A 1 6  ? -17.580 -1.172  -11.899 1.00 126.99 ? 3   ASP A C   1 
ATOM   4    O  O   . ASP A 1 6  ? -17.515 -0.273  -12.760 1.00 124.83 ? 3   ASP A O   1 
ATOM   5    C  CB  . ASP A 1 6  ? -17.346 -2.805  -13.813 1.00 127.11 ? 3   ASP A CB  1 
ATOM   6    C  CG  . ASP A 1 6  ? -16.367 -3.923  -14.193 1.00 124.88 ? 3   ASP A CG  1 
ATOM   7    O  OD1 . ASP A 1 6  ? -16.371 -4.969  -13.498 1.00 125.39 ? 3   ASP A OD1 1 
ATOM   8    O  OD2 . ASP A 1 6  ? -15.597 -3.753  -15.178 1.00 119.80 ? 3   ASP A OD2 1 
ATOM   9    N  N   . GLN A 1 7  ? -17.708 -0.924  -10.604 1.00 128.10 ? 4   GLN A N   1 
ATOM   10   C  CA  . GLN A 1 7  ? -17.650 0.437   -10.088 1.00 126.07 ? 4   GLN A CA  1 
ATOM   11   C  C   . GLN A 1 7  ? -16.189 0.882   -10.061 1.00 118.36 ? 4   GLN A C   1 
ATOM   12   O  O   . GLN A 1 7  ? -15.304 0.132   -9.620  1.00 115.44 ? 4   GLN A O   1 
ATOM   13   C  CB  . GLN A 1 7  ? -18.255 0.504   -8.683  1.00 128.98 ? 4   GLN A CB  1 
ATOM   14   C  CG  . GLN A 1 7  ? -19.546 -0.296  -8.514  1.00 132.60 ? 4   GLN A CG  1 
ATOM   15   C  CD  . GLN A 1 7  ? -19.549 -1.131  -7.241  1.00 137.82 ? 4   GLN A CD  1 
ATOM   16   O  OE1 . GLN A 1 7  ? -18.652 -1.953  -7.024  1.00 138.01 ? 4   GLN A OE1 1 
ATOM   17   N  NE2 . GLN A 1 7  ? -20.564 -0.933  -6.400  1.00 136.92 ? 4   GLN A NE2 1 
ATOM   18   N  N   . GLN A 1 8  ? -15.934 2.092   -10.550 1.00 115.64 ? 5   GLN A N   1 
ATOM   19   C  CA  . GLN A 1 8  ? -14.578 2.635   -10.522 1.00 111.20 ? 5   GLN A CA  1 
ATOM   20   C  C   . GLN A 1 8  ? -14.041 2.668   -9.091  1.00 109.57 ? 5   GLN A C   1 
ATOM   21   O  O   . GLN A 1 8  ? -14.629 3.311   -8.215  1.00 108.16 ? 5   GLN A O   1 
ATOM   22   C  CB  . GLN A 1 8  ? -14.502 4.024   -11.177 1.00 107.58 ? 5   GLN A CB  1 
ATOM   23   C  CG  . GLN A 1 8  ? -14.197 3.975   -12.673 1.00 108.47 ? 5   GLN A CG  1 
ATOM   24   C  CD  . GLN A 1 8  ? -13.767 5.318   -13.232 1.00 109.75 ? 5   GLN A CD  1 
ATOM   25   O  OE1 . GLN A 1 8  ? -14.499 6.312   -13.137 1.00 108.74 ? 5   GLN A OE1 1 
ATOM   26   N  NE2 . GLN A 1 8  ? -12.573 5.355   -13.830 1.00 101.64 ? 5   GLN A NE2 1 
ATOM   27   N  N   . THR A 1 9  ? -12.921 1.968   -8.875  1.00 107.90 ? 6   THR A N   1 
ATOM   28   C  CA  . THR A 1 9  ? -12.270 1.867   -7.560  1.00 103.52 ? 6   THR A CA  1 
ATOM   29   C  C   . THR A 1 9  ? -10.766 2.217   -7.578  1.00 97.63  ? 6   THR A C   1 
ATOM   30   O  O   . THR A 1 9  ? -10.069 1.970   -8.568  1.00 95.46  ? 6   THR A O   1 
ATOM   31   C  CB  . THR A 1 9  ? -12.472 0.468   -6.945  1.00 104.07 ? 6   THR A CB  1 
ATOM   32   O  OG1 . THR A 1 9  ? -11.771 0.392   -5.691  1.00 103.31 ? 6   THR A OG1 1 
ATOM   33   C  CG2 . THR A 1 9  ? -11.995 -0.637  -7.926  1.00 99.75  ? 6   THR A CG2 1 
HETATM 34   N  N   . MSE A 1 10 ? -10.284 2.798   -6.475  1.00 96.00  ? 7   MSE A N   1 
HETATM 35   C  CA  . MSE A 1 10 ? -8.911  3.314   -6.365  1.00 92.51  ? 7   MSE A CA  1 
HETATM 36   C  C   . MSE A 1 10 ? -7.919  2.213   -5.985  1.00 91.85  ? 7   MSE A C   1 
HETATM 37   O  O   . MSE A 1 10 ? -8.208  1.379   -5.117  1.00 91.11  ? 7   MSE A O   1 
HETATM 38   C  CB  . MSE A 1 10 ? -8.851  4.427   -5.321  1.00 89.04  ? 7   MSE A CB  1 
HETATM 39   C  CG  . MSE A 1 10 ? -7.481  4.632   -4.752  1.00 87.68  ? 7   MSE A CG  1 
HETATM 40   SE SE  . MSE A 1 10 ? -6.449  5.807   -5.907  0.58 110.56 ? 7   MSE A SE  1 
HETATM 41   C  CE  . MSE A 1 10 ? -6.826  7.447   -4.901  1.00 101.04 ? 7   MSE A CE  1 
ATOM   42   N  N   . VAL A 1 11 ? -6.748  2.212   -6.618  1.00 85.26  ? 8   VAL A N   1 
ATOM   43   C  CA  . VAL A 1 11 ? -5.815  1.109   -6.436  1.00 81.69  ? 8   VAL A CA  1 
ATOM   44   C  C   . VAL A 1 11 ? -4.378  1.537   -6.221  1.00 79.11  ? 8   VAL A C   1 
ATOM   45   O  O   . VAL A 1 11 ? -3.862  2.398   -6.905  1.00 77.71  ? 8   VAL A O   1 
ATOM   46   C  CB  . VAL A 1 11 ? -5.882  0.129   -7.606  1.00 80.62  ? 8   VAL A CB  1 
ATOM   47   C  CG1 . VAL A 1 11 ? -4.720  -0.832  -7.562  1.00 77.93  ? 8   VAL A CG1 1 
ATOM   48   C  CG2 . VAL A 1 11 ? -7.186  -0.617  -7.563  1.00 84.38  ? 8   VAL A CG2 1 
ATOM   49   N  N   . TYR A 1 12 ? -3.728  0.917   -5.255  1.00 79.41  ? 9   TYR A N   1 
ATOM   50   C  CA  . TYR A 1 12 ? -2.311  1.156   -5.062  1.00 78.31  ? 9   TYR A CA  1 
ATOM   51   C  C   . TYR A 1 12 ? -1.529  -0.095  -5.439  1.00 76.35  ? 9   TYR A C   1 
ATOM   52   O  O   . TYR A 1 12 ? -1.905  -1.205  -5.097  1.00 76.12  ? 9   TYR A O   1 
ATOM   53   C  CB  . TYR A 1 12 ? -2.025  1.576   -3.624  1.00 76.25  ? 9   TYR A CB  1 
ATOM   54   C  CG  . TYR A 1 12 ? -2.936  2.682   -3.133  1.00 78.55  ? 9   TYR A CG  1 
ATOM   55   C  CD1 . TYR A 1 12 ? -4.144  2.387   -2.519  1.00 80.12  ? 9   TYR A CD1 1 
ATOM   56   C  CD2 . TYR A 1 12 ? -2.586  4.023   -3.278  1.00 80.52  ? 9   TYR A CD2 1 
ATOM   57   C  CE1 . TYR A 1 12 ? -4.977  3.394   -2.063  1.00 84.03  ? 9   TYR A CE1 1 
ATOM   58   C  CE2 . TYR A 1 12 ? -3.415  5.037   -2.822  1.00 81.80  ? 9   TYR A CE2 1 
ATOM   59   C  CZ  . TYR A 1 12 ? -4.609  4.713   -2.213  1.00 83.99  ? 9   TYR A CZ  1 
ATOM   60   O  OH  . TYR A 1 12 ? -5.457  5.705   -1.768  1.00 89.13  ? 9   TYR A OH  1 
ATOM   61   N  N   . ILE A 1 13 ? -0.457  0.089   -6.185  1.00 74.32  ? 10  ILE A N   1 
ATOM   62   C  CA  . ILE A 1 13 ? 0.340   -1.032  -6.586  1.00 73.53  ? 10  ILE A CA  1 
ATOM   63   C  C   . ILE A 1 13 ? 1.697   -0.848  -5.966  1.00 75.24  ? 10  ILE A C   1 
ATOM   64   O  O   . ILE A 1 13 ? 2.359   0.162   -6.205  1.00 72.27  ? 10  ILE A O   1 
ATOM   65   C  CB  . ILE A 1 13 ? 0.463   -1.099  -8.106  1.00 73.56  ? 10  ILE A CB  1 
ATOM   66   C  CG1 . ILE A 1 13 ? -0.908  -1.348  -8.721  1.00 73.47  ? 10  ILE A CG1 1 
ATOM   67   C  CG2 . ILE A 1 13 ? 1.471   -2.170  -8.534  1.00 69.30  ? 10  ILE A CG2 1 
ATOM   68   C  CD1 . ILE A 1 13 ? -0.911  -1.247  -10.218 1.00 73.76  ? 10  ILE A CD1 1 
ATOM   69   N  N   . VAL A 1 14 ? 2.088   -1.821  -5.144  1.00 74.25  ? 11  VAL A N   1 
ATOM   70   C  CA  . VAL A 1 14 ? 3.405   -1.844  -4.541  1.00 73.27  ? 11  VAL A CA  1 
ATOM   71   C  C   . VAL A 1 14 ? 4.339   -2.752  -5.310  1.00 74.46  ? 11  VAL A C   1 
ATOM   72   O  O   . VAL A 1 14 ? 4.124   -3.950  -5.367  1.00 76.34  ? 11  VAL A O   1 
ATOM   73   C  CB  . VAL A 1 14 ? 3.354   -2.403  -3.126  1.00 75.00  ? 11  VAL A CB  1 
ATOM   74   C  CG1 . VAL A 1 14 ? 4.741   -2.336  -2.496  1.00 75.17  ? 11  VAL A CG1 1 
ATOM   75   C  CG2 . VAL A 1 14 ? 2.325   -1.664  -2.295  1.00 72.34  ? 11  VAL A CG2 1 
ATOM   76   N  N   . SER A 1 15 ? 5.400   -2.193  -5.878  1.00 77.02  ? 12  SER A N   1 
ATOM   77   C  CA  . SER A 1 15 ? 6.369   -3.013  -6.569  1.00 77.20  ? 12  SER A CA  1 
ATOM   78   C  C   . SER A 1 15 ? 7.713   -2.336  -6.711  1.00 82.08  ? 12  SER A C   1 
ATOM   79   O  O   . SER A 1 15 ? 7.792   -1.148  -6.972  1.00 84.63  ? 12  SER A O   1 
ATOM   80   C  CB  . SER A 1 15 ? 5.857   -3.378  -7.950  1.00 79.59  ? 12  SER A CB  1 
ATOM   81   O  OG  . SER A 1 15 ? 6.918   -3.818  -8.776  1.00 81.87  ? 12  SER A OG  1 
ATOM   82   N  N   . ALA A 1 16 ? 8.776   -3.112  -6.551  1.00 84.47  ? 13  ALA A N   1 
ATOM   83   C  CA  . ALA A 1 16 ? 10.119  -2.625  -6.808  1.00 84.11  ? 13  ALA A CA  1 
ATOM   84   C  C   . ALA A 1 16 ? 10.271  -2.205  -8.269  1.00 88.40  ? 13  ALA A C   1 
ATOM   85   O  O   . ALA A 1 16 ? 10.950  -1.209  -8.569  1.00 91.77  ? 13  ALA A O   1 
ATOM   86   C  CB  . ALA A 1 16 ? 11.142  -3.691  -6.451  1.00 81.89  ? 13  ALA A CB  1 
ATOM   87   N  N   . LYS A 1 17 ? 9.636   -2.961  -9.169  1.00 87.31  ? 14  LYS A N   1 
ATOM   88   C  CA  . LYS A 1 17 ? 9.719   -2.721  -10.610 1.00 84.14  ? 14  LYS A CA  1 
ATOM   89   C  C   . LYS A 1 17 ? 8.620   -1.751  -11.098 1.00 84.23  ? 14  LYS A C   1 
ATOM   90   O  O   . LYS A 1 17 ? 8.181   -1.806  -12.241 1.00 84.10  ? 14  LYS A O   1 
ATOM   91   C  CB  . LYS A 1 17 ? 9.621   -4.055  -11.358 1.00 87.66  ? 14  LYS A CB  1 
ATOM   92   C  CG  . LYS A 1 17 ? 10.683  -5.119  -10.997 1.00 91.36  ? 14  LYS A CG  1 
ATOM   93   C  CD  . LYS A 1 17 ? 12.001  -4.971  -11.798 1.00 98.04  ? 14  LYS A CD  1 
ATOM   94   C  CE  . LYS A 1 17 ? 13.084  -4.175  -11.017 1.00 103.36 ? 14  LYS A CE  1 
ATOM   95   N  NZ  . LYS A 1 17 ? 14.100  -3.473  -11.899 1.00 101.51 ? 14  LYS A NZ  1 
ATOM   96   N  N   . ARG A 1 18 ? 8.192   -0.841  -10.236 1.00 85.41  ? 15  ARG A N   1 
ATOM   97   C  CA  . ARG A 1 18 ? 7.022   -0.026  -10.533 1.00 85.18  ? 15  ARG A CA  1 
ATOM   98   C  C   . ARG A 1 18 ? 7.149   0.868   -11.778 1.00 86.81  ? 15  ARG A C   1 
ATOM   99   O  O   . ARG A 1 18 ? 6.167   1.038   -12.497 1.00 86.60  ? 15  ARG A O   1 
ATOM   100  C  CB  . ARG A 1 18 ? 6.600   0.800   -9.316  1.00 83.18  ? 15  ARG A CB  1 
ATOM   101  C  CG  . ARG A 1 18 ? 7.323   2.125   -9.202  1.00 89.67  ? 15  ARG A CG  1 
ATOM   102  C  CD  . ARG A 1 18 ? 8.734   1.949   -8.673  1.00 93.10  ? 15  ARG A CD  1 
ATOM   103  N  NE  . ARG A 1 18 ? 8.723   1.837   -7.209  1.00 99.35  ? 15  ARG A NE  1 
ATOM   104  C  CZ  . ARG A 1 18 ? 9.144   2.785   -6.369  1.00 101.42 ? 15  ARG A CZ  1 
ATOM   105  N  NH1 . ARG A 1 18 ? 9.089   2.572   -5.054  1.00 96.52  ? 15  ARG A NH1 1 
ATOM   106  N  NH2 . ARG A 1 18 ? 9.635   3.936   -6.844  1.00 102.92 ? 15  ARG A NH2 1 
ATOM   107  N  N   . LYS A 1 19 ? 8.324   1.440   -12.039 1.00 84.79  ? 16  LYS A N   1 
ATOM   108  C  CA  . LYS A 1 19 ? 8.481   2.277   -13.229 1.00 84.80  ? 16  LYS A CA  1 
ATOM   109  C  C   . LYS A 1 19 ? 8.165   1.510   -14.523 1.00 84.58  ? 16  LYS A C   1 
ATOM   110  O  O   . LYS A 1 19 ? 7.439   1.980   -15.392 1.00 82.09  ? 16  LYS A O   1 
ATOM   111  C  CB  . LYS A 1 19 ? 9.880   2.891   -13.316 1.00 88.10  ? 16  LYS A CB  1 
ATOM   112  C  CG  . LYS A 1 19 ? 10.069  3.640   -14.636 1.00 97.72  ? 16  LYS A CG  1 
ATOM   113  C  CD  . LYS A 1 19 ? 11.487  4.162   -14.900 1.00 102.14 ? 16  LYS A CD  1 
ATOM   114  C  CE  . LYS A 1 19 ? 11.507  4.929   -16.233 1.00 105.59 ? 16  LYS A CE  1 
ATOM   115  N  NZ  . LYS A 1 19 ? 12.741  5.753   -16.430 1.00 111.85 ? 16  LYS A NZ  1 
ATOM   116  N  N   . ILE A 1 20 ? 8.718   0.317   -14.645 1.00 88.10  ? 17  ILE A N   1 
ATOM   117  C  CA  . ILE A 1 20 ? 8.355   -0.584  -15.735 1.00 87.85  ? 17  ILE A CA  1 
ATOM   118  C  C   . ILE A 1 20 ? 6.850   -0.892  -15.791 1.00 84.70  ? 17  ILE A C   1 
ATOM   119  O  O   . ILE A 1 20 ? 6.227   -0.820  -16.848 1.00 84.00  ? 17  ILE A O   1 
ATOM   120  C  CB  . ILE A 1 20 ? 9.134   -1.900  -15.614 1.00 86.37  ? 17  ILE A CB  1 
ATOM   121  C  CG1 . ILE A 1 20 ? 10.639  -1.613  -15.651 1.00 91.33  ? 17  ILE A CG1 1 
ATOM   122  C  CG2 . ILE A 1 20 ? 8.741   -2.847  -16.710 1.00 83.49  ? 17  ILE A CG2 1 
ATOM   123  C  CD1 . ILE A 1 20 ? 11.496  -2.824  -15.337 1.00 96.00  ? 17  ILE A CD1 1 
ATOM   124  N  N   . ILE A 1 21 ? 6.267   -1.242  -14.647 1.00 84.41  ? 18  ILE A N   1 
ATOM   125  C  CA  . ILE A 1 21 ? 4.837   -1.522  -14.593 1.00 83.71  ? 18  ILE A CA  1 
ATOM   126  C  C   . ILE A 1 21 ? 3.997   -0.328  -15.008 1.00 80.12  ? 18  ILE A C   1 
ATOM   127  O  O   . ILE A 1 21 ? 3.039   -0.467  -15.757 1.00 78.91  ? 18  ILE A O   1 
ATOM   128  C  CB  . ILE A 1 21 ? 4.383   -1.941  -13.190 1.00 80.96  ? 18  ILE A CB  1 
ATOM   129  C  CG1 . ILE A 1 21 ? 4.986   -3.293  -12.826 1.00 81.25  ? 18  ILE A CG1 1 
ATOM   130  C  CG2 . ILE A 1 21 ? 2.859   -2.003  -13.132 1.00 75.75  ? 18  ILE A CG2 1 
ATOM   131  C  CD1 . ILE A 1 21 ? 4.632   -3.756  -11.435 1.00 78.84  ? 18  ILE A CD1 1 
ATOM   132  N  N   . ALA A 1 22 ? 4.352   0.844   -14.490 1.00 80.99  ? 19  ALA A N   1 
ATOM   133  C  CA  . ALA A 1 22 ? 3.629   2.067   -14.792 1.00 79.40  ? 19  ALA A CA  1 
ATOM   134  C  C   . ALA A 1 22 ? 3.670   2.373   -16.275 1.00 82.20  ? 19  ALA A C   1 
ATOM   135  O  O   . ALA A 1 22 ? 2.666   2.788   -16.836 1.00 84.21  ? 19  ALA A O   1 
ATOM   136  C  CB  . ALA A 1 22 ? 4.182   3.223   -14.002 1.00 75.53  ? 19  ALA A CB  1 
ATOM   137  N  N   . ASP A 1 23 ? 4.815   2.156   -16.918 1.00 82.03  ? 20  ASP A N   1 
ATOM   138  C  CA  . ASP A 1 23 ? 4.934   2.453   -18.343 1.00 84.76  ? 20  ASP A CA  1 
ATOM   139  C  C   . ASP A 1 23 ? 4.065   1.523   -19.181 1.00 85.63  ? 20  ASP A C   1 
ATOM   140  O  O   . ASP A 1 23 ? 3.341   1.978   -20.061 1.00 86.20  ? 20  ASP A O   1 
ATOM   141  C  CB  . ASP A 1 23 ? 6.397   2.419   -18.820 1.00 89.27  ? 20  ASP A CB  1 
ATOM   142  C  CG  . ASP A 1 23 ? 7.212   3.642   -18.342 1.00 95.15  ? 20  ASP A CG  1 
ATOM   143  O  OD1 . ASP A 1 23 ? 6.611   4.636   -17.845 1.00 91.18  ? 20  ASP A OD1 1 
ATOM   144  O  OD2 . ASP A 1 23 ? 8.467   3.597   -18.457 1.00 98.33  ? 20  ASP A OD2 1 
ATOM   145  N  N   . ARG A 1 24 ? 4.127   0.228   -18.896 1.00 84.52  ? 21  ARG A N   1 
ATOM   146  C  CA  . ARG A 1 24 ? 3.330   -0.745  -19.633 1.00 85.39  ? 21  ARG A CA  1 
ATOM   147  C  C   . ARG A 1 24 ? 1.836   -0.568  -19.389 1.00 83.87  ? 21  ARG A C   1 
ATOM   148  O  O   . ARG A 1 24 ? 1.016   -0.932  -20.229 1.00 84.96  ? 21  ARG A O   1 
ATOM   149  C  CB  . ARG A 1 24 ? 3.751   -2.172  -19.286 1.00 85.30  ? 21  ARG A CB  1 
ATOM   150  C  CG  . ARG A 1 24 ? 5.157   -2.519  -19.722 1.00 89.36  ? 21  ARG A CG  1 
ATOM   151  C  CD  . ARG A 1 24 ? 5.434   -4.015  -19.590 1.00 91.16  ? 21  ARG A CD  1 
ATOM   152  N  NE  . ARG A 1 24 ? 4.482   -4.830  -20.347 1.00 95.41  ? 21  ARG A NE  1 
ATOM   153  C  CZ  . ARG A 1 24 ? 4.448   -6.164  -20.318 1.00 100.26 ? 21  ARG A CZ  1 
ATOM   154  N  NH1 . ARG A 1 24 ? 5.314   -6.840  -19.572 1.00 102.13 ? 21  ARG A NH1 1 
ATOM   155  N  NH2 . ARG A 1 24 ? 3.546   -6.828  -21.032 1.00 98.96  ? 21  ARG A NH2 1 
HETATM 156  N  N   . MSE A 1 25 ? 1.480   -0.016  -18.237 1.00 81.55  ? 22  MSE A N   1 
HETATM 157  C  CA  . MSE A 1 25 ? 0.077   0.236   -17.931 1.00 83.29  ? 22  MSE A CA  1 
HETATM 158  C  C   . MSE A 1 25 ? -0.452  1.319   -18.853 1.00 87.04  ? 22  MSE A C   1 
HETATM 159  O  O   . MSE A 1 25 ? -1.592  1.254   -19.331 1.00 86.10  ? 22  MSE A O   1 
HETATM 160  C  CB  . MSE A 1 25 ? -0.091  0.667   -16.477 1.00 80.95  ? 22  MSE A CB  1 
HETATM 161  C  CG  . MSE A 1 25 ? -0.185  -0.482  -15.492 1.00 79.28  ? 22  MSE A CG  1 
HETATM 162  SE SE  . MSE A 1 25 ? -0.326  0.141   -13.654 0.63 71.73  ? 22  MSE A SE  1 
HETATM 163  C  CE  . MSE A 1 25 ? -2.253  0.363   -13.525 1.00 76.86  ? 22  MSE A CE  1 
ATOM   164  N  N   . LEU A 1 26 ? 0.404   2.314   -19.088 1.00 87.50  ? 23  LEU A N   1 
ATOM   165  C  CA  . LEU A 1 26 ? 0.111   3.444   -19.959 1.00 87.46  ? 23  LEU A CA  1 
ATOM   166  C  C   . LEU A 1 26 ? 0.144   3.082   -21.436 1.00 88.86  ? 23  LEU A C   1 
ATOM   167  O  O   . LEU A 1 26 ? -0.660  3.574   -22.217 1.00 89.85  ? 23  LEU A O   1 
ATOM   168  C  CB  . LEU A 1 26 ? 1.120   4.569   -19.734 1.00 85.83  ? 23  LEU A CB  1 
ATOM   169  C  CG  . LEU A 1 26 ? 1.140   5.546   -20.920 1.00 88.32  ? 23  LEU A CG  1 
ATOM   170  C  CD1 . LEU A 1 26 ? -0.170  6.340   -20.990 1.00 87.62  ? 23  LEU A CD1 1 
ATOM   171  C  CD2 . LEU A 1 26 ? 2.337   6.492   -20.872 1.00 85.58  ? 23  LEU A CD2 1 
ATOM   172  N  N   . GLN A 1 27 ? 1.101   2.253   -21.827 1.00 90.28  ? 24  GLN A N   1 
ATOM   173  C  CA  . GLN A 1 27 ? 1.281   1.958   -23.233 1.00 90.08  ? 24  GLN A CA  1 
ATOM   174  C  C   . GLN A 1 27 ? 0.226   0.992   -23.706 1.00 91.01  ? 24  GLN A C   1 
ATOM   175  O  O   . GLN A 1 27 ? -0.425  1.230   -24.720 1.00 96.22  ? 24  GLN A O   1 
ATOM   176  C  CB  . GLN A 1 27 ? 2.676   1.408   -23.501 1.00 91.76  ? 24  GLN A CB  1 
ATOM   177  C  CG  . GLN A 1 27 ? 3.733   2.504   -23.664 1.00 99.08  ? 24  GLN A CG  1 
ATOM   178  C  CD  . GLN A 1 27 ? 5.115   2.067   -23.180 1.00 105.43 ? 24  GLN A CD  1 
ATOM   179  O  OE1 . GLN A 1 27 ? 5.363   0.866   -22.930 1.00 104.96 ? 24  GLN A OE1 1 
ATOM   180  N  NE2 . GLN A 1 27 ? 6.020   3.040   -23.034 1.00 102.29 ? 24  GLN A NE2 1 
ATOM   181  N  N   . GLU A 1 28 ? 0.038   -0.084  -22.952 1.00 86.95  ? 25  GLU A N   1 
ATOM   182  C  CA  . GLU A 1 28 ? -0.741  -1.212  -23.431 1.00 85.79  ? 25  GLU A CA  1 
ATOM   183  C  C   . GLU A 1 28 ? -2.166  -1.243  -22.917 1.00 89.09  ? 25  GLU A C   1 
ATOM   184  O  O   . GLU A 1 28 ? -3.000  -1.973  -23.455 1.00 89.83  ? 25  GLU A O   1 
ATOM   185  C  CB  . GLU A 1 28 ? -0.029  -2.512  -23.089 1.00 84.86  ? 25  GLU A CB  1 
ATOM   186  C  CG  . GLU A 1 28 ? 1.332   -2.595  -23.734 1.00 92.07  ? 25  GLU A CG  1 
ATOM   187  C  CD  . GLU A 1 28 ? 2.279   -3.516  -22.998 1.00 96.33  ? 25  GLU A CD  1 
ATOM   188  O  OE1 . GLU A 1 28 ? 1.775   -4.409  -22.279 1.00 92.92  ? 25  GLU A OE1 1 
ATOM   189  O  OE2 . GLU A 1 28 ? 3.520   -3.338  -23.143 1.00 97.18  ? 25  GLU A OE2 1 
ATOM   190  N  N   . LEU A 1 29 ? -2.447  -0.458  -21.877 1.00 91.67  ? 26  LEU A N   1 
ATOM   191  C  CA  . LEU A 1 29 ? -3.806  -0.359  -21.334 1.00 87.45  ? 26  LEU A CA  1 
ATOM   192  C  C   . LEU A 1 29 ? -4.313  1.095   -21.260 1.00 87.46  ? 26  LEU A C   1 
ATOM   193  O  O   . LEU A 1 29 ? -5.425  1.357   -20.819 1.00 84.12  ? 26  LEU A O   1 
ATOM   194  C  CB  . LEU A 1 29 ? -3.879  -1.041  -19.979 1.00 86.57  ? 26  LEU A CB  1 
ATOM   195  C  CG  . LEU A 1 29 ? -3.236  -2.431  -19.956 1.00 89.43  ? 26  LEU A CG  1 
ATOM   196  C  CD1 . LEU A 1 29 ? -3.187  -2.978  -18.524 1.00 85.76  ? 26  LEU A CD1 1 
ATOM   197  C  CD2 . LEU A 1 29 ? -3.964  -3.393  -20.895 1.00 87.60  ? 26  LEU A CD2 1 
ATOM   198  N  N   . ASP A 1 30 ? -3.496  2.036   -21.719 1.00 86.25  ? 27  ASP A N   1 
ATOM   199  C  CA  . ASP A 1 30 ? -3.898  3.443   -21.787 1.00 88.13  ? 27  ASP A CA  1 
ATOM   200  C  C   . ASP A 1 30 ? -4.391  3.976   -20.458 1.00 87.26  ? 27  ASP A C   1 
ATOM   201  O  O   . ASP A 1 30 ? -5.184  4.921   -20.411 1.00 87.04  ? 27  ASP A O   1 
ATOM   202  C  CB  . ASP A 1 30 ? -4.977  3.659   -22.857 1.00 88.21  ? 27  ASP A CB  1 
ATOM   203  C  CG  . ASP A 1 30 ? -4.590  3.076   -24.199 1.00 91.14  ? 27  ASP A CG  1 
ATOM   204  O  OD1 . ASP A 1 30 ? -3.887  3.781   -24.978 1.00 91.47  ? 27  ASP A OD1 1 
ATOM   205  O  OD2 . ASP A 1 30 ? -4.990  1.911   -24.467 1.00 88.32  ? 27  ASP A OD2 1 
ATOM   206  N  N   . LEU A 1 31 ? -3.918  3.369   -19.376 1.00 86.12  ? 28  LEU A N   1 
ATOM   207  C  CA  . LEU A 1 31 ? -4.341  3.771   -18.047 1.00 84.19  ? 28  LEU A CA  1 
ATOM   208  C  C   . LEU A 1 31 ? -3.547  4.961   -17.597 1.00 84.45  ? 28  LEU A C   1 
ATOM   209  O  O   . LEU A 1 31 ? -2.329  5.021   -17.800 1.00 83.84  ? 28  LEU A O   1 
ATOM   210  C  CB  . LEU A 1 31 ? -4.145  2.633   -17.056 1.00 85.20  ? 28  LEU A CB  1 
ATOM   211  C  CG  . LEU A 1 31 ? -5.163  1.513   -17.169 1.00 83.22  ? 28  LEU A CG  1 
ATOM   212  C  CD1 . LEU A 1 31 ? -4.618  0.340   -16.453 1.00 81.51  ? 28  LEU A CD1 1 
ATOM   213  C  CD2 . LEU A 1 31 ? -6.490  1.964   -16.600 1.00 85.71  ? 28  LEU A CD2 1 
ATOM   214  N  N   . GLY A 1 32 ? -4.247  5.918   -16.998 1.00 84.68  ? 29  GLY A N   1 
ATOM   215  C  CA  . GLY A 1 32 ? -3.611  7.069   -16.386 1.00 83.36  ? 29  GLY A CA  1 
ATOM   216  C  C   . GLY A 1 32 ? -3.307  6.797   -14.925 1.00 83.45  ? 29  GLY A C   1 
ATOM   217  O  O   . GLY A 1 32 ? -4.198  6.425   -14.138 1.00 84.32  ? 29  GLY A O   1 
ATOM   218  N  N   . VAL A 1 33 ? -2.040  6.966   -14.563 1.00 79.69  ? 30  VAL A N   1 
ATOM   219  C  CA  . VAL A 1 33 ? -1.609  6.683   -13.209 1.00 82.73  ? 30  VAL A CA  1 
ATOM   220  C  C   . VAL A 1 33 ? -0.835  7.859   -12.618 1.00 87.01  ? 30  VAL A C   1 
ATOM   221  O  O   . VAL A 1 33 ? -0.210  8.654   -13.344 1.00 84.71  ? 30  VAL A O   1 
ATOM   222  C  CB  . VAL A 1 33 ? -0.778  5.367   -13.131 1.00 79.45  ? 30  VAL A CB  1 
ATOM   223  C  CG1 . VAL A 1 33 ? -1.402  4.293   -14.009 1.00 78.24  ? 30  VAL A CG1 1 
ATOM   224  C  CG2 . VAL A 1 33 ? 0.660   5.595   -13.528 1.00 73.91  ? 30  VAL A CG2 1 
ATOM   225  N  N   . THR A 1 34 ? -0.908  7.979   -11.295 1.00 87.58  ? 31  THR A N   1 
ATOM   226  C  CA  . THR A 1 34 ? -0.106  8.956   -10.570 1.00 89.52  ? 31  THR A CA  1 
ATOM   227  C  C   . THR A 1 34 ? 0.939   8.209   -9.756  1.00 87.22  ? 31  THR A C   1 
ATOM   228  O  O   . THR A 1 34 ? 0.651   7.187   -9.144  1.00 83.57  ? 31  THR A O   1 
ATOM   229  C  CB  . THR A 1 34 ? -0.954  9.794   -9.599  1.00 92.58  ? 31  THR A CB  1 
ATOM   230  O  OG1 . THR A 1 34 ? -2.288  9.942   -10.114 1.00 94.21  ? 31  THR A OG1 1 
ATOM   231  C  CG2 . THR A 1 34 ? -0.315  11.154  -9.403  1.00 93.64  ? 31  THR A CG2 1 
HETATM 232  N  N   . MSE A 1 35 ? 2.157   8.717   -9.762  1.00 90.19  ? 32  MSE A N   1 
HETATM 233  C  CA  . MSE A 1 35 ? 3.196   8.111   -8.963  1.00 88.82  ? 32  MSE A CA  1 
HETATM 234  C  C   . MSE A 1 35 ? 3.233   8.755   -7.579  1.00 88.36  ? 32  MSE A C   1 
HETATM 235  O  O   . MSE A 1 35 ? 3.973   9.697   -7.328  1.00 91.45  ? 32  MSE A O   1 
HETATM 236  C  CB  . MSE A 1 35 ? 4.541   8.212   -9.665  1.00 88.87  ? 32  MSE A CB  1 
HETATM 237  C  CG  . MSE A 1 35 ? 5.437   7.055   -9.325  1.00 98.36  ? 32  MSE A CG  1 
HETATM 238  SE SE  . MSE A 1 35 ? 4.705   5.368   -9.985  0.43 89.83  ? 32  MSE A SE  1 
HETATM 239  C  CE  . MSE A 1 35 ? 5.515   5.398   -11.737 1.00 85.95  ? 32  MSE A CE  1 
ATOM   240  N  N   . LEU A 1 36 ? 2.399   8.229   -6.692  1.00 91.22  ? 33  LEU A N   1 
ATOM   241  C  CA  . LEU A 1 36 ? 2.307   8.662   -5.303  1.00 90.71  ? 33  LEU A CA  1 
ATOM   242  C  C   . LEU A 1 36 ? 3.511   8.278   -4.433  1.00 91.60  ? 33  LEU A C   1 
ATOM   243  O  O   . LEU A 1 36 ? 4.202   7.281   -4.672  1.00 93.06  ? 33  LEU A O   1 
ATOM   244  C  CB  . LEU A 1 36 ? 1.031   8.090   -4.694  1.00 91.98  ? 33  LEU A CB  1 
ATOM   245  C  CG  . LEU A 1 36 ? 0.850   8.296   -3.194  1.00 97.72  ? 33  LEU A CG  1 
ATOM   246  C  CD1 . LEU A 1 36 ? 0.923   9.783   -2.865  1.00 100.24 ? 33  LEU A CD1 1 
ATOM   247  C  CD2 . LEU A 1 36 ? -0.476  7.698   -2.706  1.00 95.50  ? 33  LEU A CD2 1 
ATOM   248  N  N   . GLN A 1 37 ? 3.762   9.089   -3.416  1.00 94.61  ? 34  GLN A N   1 
ATOM   249  C  CA  . GLN A 1 37 ? 4.909   8.881   -2.540  1.00 98.51  ? 34  GLN A CA  1 
ATOM   250  C  C   . GLN A 1 37 ? 4.450   8.528   -1.123  1.00 94.83  ? 34  GLN A C   1 
ATOM   251  O  O   . GLN A 1 37 ? 3.643   9.239   -0.529  1.00 93.60  ? 34  GLN A O   1 
ATOM   252  C  CB  . GLN A 1 37 ? 5.801   10.125  -2.536  1.00 99.83  ? 34  GLN A CB  1 
ATOM   253  C  CG  . GLN A 1 37 ? 7.194   9.887   -1.991  1.00 103.98 ? 34  GLN A CG  1 
ATOM   254  C  CD  . GLN A 1 37 ? 8.227   10.709  -2.730  1.00 116.62 ? 34  GLN A CD  1 
ATOM   255  O  OE1 . GLN A 1 37 ? 8.707   11.734  -2.221  1.00 119.83 ? 34  GLN A OE1 1 
ATOM   256  N  NE2 . GLN A 1 37 ? 8.561   10.279  -3.953  1.00 114.43 ? 34  GLN A NE2 1 
ATOM   257  N  N   . ALA A 1 38 ? 4.963   7.423   -0.593  1.00 90.88  ? 35  ALA A N   1 
ATOM   258  C  CA  . ALA A 1 38 ? 4.500   6.911   0.692   1.00 90.12  ? 35  ALA A CA  1 
ATOM   259  C  C   . ALA A 1 38 ? 5.154   7.632   1.878   1.00 90.09  ? 35  ALA A C   1 
ATOM   260  O  O   . ALA A 1 38 ? 6.217   8.231   1.742   1.00 92.16  ? 35  ALA A O   1 
ATOM   261  C  CB  . ALA A 1 38 ? 4.735   5.401   0.776   1.00 83.83  ? 35  ALA A CB  1 
ATOM   262  N  N   . VAL A 1 39 ? 4.506   7.594   3.034   1.00 85.60  ? 36  VAL A N   1 
ATOM   263  C  CA  . VAL A 1 39 ? 5.108   8.141   4.228   1.00 82.77  ? 36  VAL A CA  1 
ATOM   264  C  C   . VAL A 1 39 ? 5.851   6.987   4.847   1.00 81.70  ? 36  VAL A C   1 
ATOM   265  O  O   . VAL A 1 39 ? 5.232   6.082   5.404   1.00 81.72  ? 36  VAL A O   1 
ATOM   266  C  CB  . VAL A 1 39 ? 4.028   8.695   5.205   1.00 85.70  ? 36  VAL A CB  1 
ATOM   267  C  CG1 . VAL A 1 39 ? 4.630   9.061   6.572   1.00 82.85  ? 36  VAL A CG1 1 
ATOM   268  C  CG2 . VAL A 1 39 ? 3.303   9.895   4.581   1.00 80.74  ? 36  VAL A CG2 1 
ATOM   269  N  N   . GLY A 1 40 ? 7.173   6.987   4.719   1.00 80.95  ? 37  GLY A N   1 
ATOM   270  C  CA  . GLY A 1 40 ? 7.973   5.946   5.348   1.00 81.10  ? 37  GLY A CA  1 
ATOM   271  C  C   . GLY A 1 40 ? 8.215   6.210   6.823   1.00 79.02  ? 37  GLY A C   1 
ATOM   272  O  O   . GLY A 1 40 ? 7.845   7.255   7.341   1.00 80.80  ? 37  GLY A O   1 
ATOM   273  N  N   . ALA A 1 41 ? 8.833   5.265   7.514   1.00 79.76  ? 38  ALA A N   1 
ATOM   274  C  CA  . ALA A 1 41 ? 9.259   5.493   8.896   1.00 79.61  ? 38  ALA A CA  1 
ATOM   275  C  C   . ALA A 1 41 ? 10.147  6.750   9.044   1.00 82.41  ? 38  ALA A C   1 
ATOM   276  O  O   . ALA A 1 41 ? 10.033  7.485   10.023  1.00 79.92  ? 38  ALA A O   1 
ATOM   277  C  CB  . ALA A 1 41 ? 9.974   4.270   9.422   1.00 78.93  ? 38  ALA A CB  1 
ATOM   278  N  N   . TYR A 1 42 ? 11.037  6.970   8.070   1.00 85.21  ? 39  TYR A N   1 
ATOM   279  C  CA  . TYR A 1 42 ? 11.872  8.172   7.983   1.00 82.81  ? 39  TYR A CA  1 
ATOM   280  C  C   . TYR A 1 42 ? 11.570  8.778   6.642   1.00 83.33  ? 39  TYR A C   1 
ATOM   281  O  O   . TYR A 1 42 ? 11.182  8.050   5.736   1.00 83.35  ? 39  TYR A O   1 
ATOM   282  C  CB  . TYR A 1 42 ? 13.366  7.831   8.008   1.00 82.87  ? 39  TYR A CB  1 
ATOM   283  C  CG  . TYR A 1 42 ? 13.850  7.043   9.211   1.00 84.40  ? 39  TYR A CG  1 
ATOM   284  C  CD1 . TYR A 1 42 ? 14.056  5.676   9.126   1.00 84.82  ? 39  TYR A CD1 1 
ATOM   285  C  CD2 . TYR A 1 42 ? 14.110  7.668   10.434  1.00 85.40  ? 39  TYR A CD2 1 
ATOM   286  C  CE1 . TYR A 1 42 ? 14.499  4.943   10.216  1.00 84.82  ? 39  TYR A CE1 1 
ATOM   287  C  CE2 . TYR A 1 42 ? 14.546  6.939   11.542  1.00 80.76  ? 39  TYR A CE2 1 
ATOM   288  C  CZ  . TYR A 1 42 ? 14.745  5.574   11.421  1.00 85.01  ? 39  TYR A CZ  1 
ATOM   289  O  OH  . TYR A 1 42 ? 15.180  4.813   12.504  1.00 88.48  ? 39  TYR A OH  1 
ATOM   290  N  N   . LYS A 1 43 ? 11.759  10.088  6.493   1.00 83.63  ? 40  LYS A N   1 
ATOM   291  C  CA  . LYS A 1 43 ? 11.554  10.707  5.182   1.00 85.58  ? 40  LYS A CA  1 
ATOM   292  C  C   . LYS A 1 43 ? 12.703  10.592  4.172   1.00 87.49  ? 40  LYS A C   1 
ATOM   293  O  O   . LYS A 1 43 ? 12.448  10.724  2.988   1.00 90.15  ? 40  LYS A O   1 
ATOM   294  C  CB  . LYS A 1 43 ? 11.065  12.152  5.286   1.00 87.34  ? 40  LYS A CB  1 
ATOM   295  C  CG  . LYS A 1 43 ? 12.043  13.138  5.896   1.00 92.80  ? 40  LYS A CG  1 
ATOM   296  C  CD  . LYS A 1 43 ? 11.354  14.504  6.122   1.00 97.23  ? 40  LYS A CD  1 
ATOM   297  C  CE  . LYS A 1 43 ? 12.305  15.555  6.751   1.00 97.64  ? 40  LYS A CE  1 
ATOM   298  N  NZ  . LYS A 1 43 ? 11.615  16.472  7.740   1.00 94.26  ? 40  LYS A NZ  1 
ATOM   299  N  N   . ASN A 1 44 ? 13.946  10.355  4.605   1.00 90.30  ? 41  ASN A N   1 
ATOM   300  C  CA  . ASN A 1 44 ? 15.020  10.107  3.639   1.00 91.94  ? 41  ASN A CA  1 
ATOM   301  C  C   . ASN A 1 44 ? 14.768  8.793   2.922   1.00 93.06  ? 41  ASN A C   1 
ATOM   302  O  O   . ASN A 1 44 ? 15.355  8.520   1.873   1.00 98.12  ? 41  ASN A O   1 
ATOM   303  C  CB  . ASN A 1 44 ? 16.427  9.969   4.245   1.00 94.18  ? 41  ASN A CB  1 
ATOM   304  C  CG  . ASN A 1 44 ? 16.520  10.432  5.659   1.00 91.75  ? 41  ASN A CG  1 
ATOM   305  O  OD1 . ASN A 1 44 ? 15.602  10.250  6.476   1.00 86.68  ? 41  ASN A OD1 1 
ATOM   306  N  ND2 . ASN A 1 44 ? 17.692  10.991  5.992   1.00 89.10  ? 41  ASN A ND2 1 
ATOM   307  N  N   . ASN A 1 45 ? 13.938  7.958   3.527   1.00 91.55  ? 42  ASN A N   1 
ATOM   308  C  CA  . ASN A 1 45 ? 13.657  6.643   2.966   1.00 94.67  ? 42  ASN A CA  1 
ATOM   309  C  C   . ASN A 1 45 ? 12.414  6.656   2.068   1.00 93.39  ? 42  ASN A C   1 
ATOM   310  O  O   . ASN A 1 45 ? 11.370  6.134   2.436   1.00 93.03  ? 42  ASN A O   1 
ATOM   311  C  CB  . ASN A 1 45 ? 13.509  5.621   4.093   1.00 90.03  ? 42  ASN A CB  1 
ATOM   312  C  CG  . ASN A 1 45 ? 14.261  4.342   3.819   1.00 93.09  ? 42  ASN A CG  1 
ATOM   313  O  OD1 . ASN A 1 45 ? 14.626  3.626   4.750   1.00 95.18  ? 42  ASN A OD1 1 
ATOM   314  N  ND2 . ASN A 1 45 ? 14.506  4.046   2.541   1.00 94.98  ? 42  ASN A ND2 1 
ATOM   315  N  N   . GLU A 1 46 ? 12.529  7.276   0.898   1.00 97.24  ? 43  GLU A N   1 
ATOM   316  C  CA  . GLU A 1 46 ? 11.406  7.335   -0.032  1.00 100.20 ? 43  GLU A CA  1 
ATOM   317  C  C   . GLU A 1 46 ? 11.045  5.968   -0.635  1.00 97.88  ? 43  GLU A C   1 
ATOM   318  O  O   . GLU A 1 46 ? 11.905  5.118   -0.914  1.00 95.16  ? 43  GLU A O   1 
ATOM   319  C  CB  . GLU A 1 46 ? 11.606  8.407   -1.129  1.00 102.67 ? 43  GLU A CB  1 
ATOM   320  C  CG  . GLU A 1 46 ? 12.998  9.026   -1.199  1.00 103.74 ? 43  GLU A CG  1 
ATOM   321  C  CD  . GLU A 1 46 ? 12.999  10.406  -1.880  1.00 113.06 ? 43  GLU A CD  1 
ATOM   322  O  OE1 . GLU A 1 46 ? 13.194  11.429  -1.164  1.00 112.20 ? 43  GLU A OE1 1 
ATOM   323  O  OE2 . GLU A 1 46 ? 12.798  10.461  -3.123  1.00 111.48 ? 43  GLU A OE2 1 
ATOM   324  N  N   . THR A 1 47 ? 9.745   5.771   -0.797  1.00 94.98  ? 44  THR A N   1 
ATOM   325  C  CA  . THR A 1 47 ? 9.219   4.623   -1.504  1.00 91.87  ? 44  THR A CA  1 
ATOM   326  C  C   . THR A 1 47 ? 8.005   5.141   -2.281  1.00 89.56  ? 44  THR A C   1 
ATOM   327  O  O   . THR A 1 47 ? 7.227   5.963   -1.790  1.00 88.41  ? 44  THR A O   1 
ATOM   328  C  CB  . THR A 1 47 ? 8.898   3.470   -0.521  1.00 89.73  ? 44  THR A CB  1 
ATOM   329  O  OG1 . THR A 1 47 ? 8.348   2.343   -1.220  1.00 86.49  ? 44  THR A OG1 1 
ATOM   330  C  CG2 . THR A 1 47 ? 7.937   3.948   0.546   1.00 90.48  ? 44  THR A CG2 1 
ATOM   331  N  N   . GLU A 1 48 ? 7.896   4.721   -3.531  1.00 92.30  ? 45  GLU A N   1 
ATOM   332  C  CA  . GLU A 1 48 ? 6.869   5.250   -4.409  1.00 90.70  ? 45  GLU A CA  1 
ATOM   333  C  C   . GLU A 1 48 ? 5.842   4.188   -4.694  1.00 88.26  ? 45  GLU A C   1 
ATOM   334  O  O   . GLU A 1 48 ? 6.160   3.017   -4.895  1.00 87.00  ? 45  GLU A O   1 
ATOM   335  C  CB  . GLU A 1 48 ? 7.462   5.621   -5.753  1.00 96.94  ? 45  GLU A CB  1 
ATOM   336  C  CG  . GLU A 1 48 ? 8.260   6.887   -5.848  1.00 103.19 ? 45  GLU A CG  1 
ATOM   337  C  CD  . GLU A 1 48 ? 8.516   7.219   -7.311  1.00 110.88 ? 45  GLU A CD  1 
ATOM   338  O  OE1 . GLU A 1 48 ? 8.773   6.260   -8.107  1.00 101.81 ? 45  GLU A OE1 1 
ATOM   339  O  OE2 . GLU A 1 48 ? 8.428   8.426   -7.660  1.00 113.01 ? 45  GLU A OE2 1 
ATOM   340  N  N   . VAL A 1 49 ? 4.605   4.627   -4.785  1.00 85.03  ? 46  VAL A N   1 
ATOM   341  C  CA  . VAL A 1 49 ? 3.503   3.736   -5.018  1.00 82.87  ? 46  VAL A CA  1 
ATOM   342  C  C   . VAL A 1 49 ? 2.791   4.196   -6.289  1.00 82.50  ? 46  VAL A C   1 
ATOM   343  O  O   . VAL A 1 49 ? 2.729   5.386   -6.554  1.00 84.72  ? 46  VAL A O   1 
ATOM   344  C  CB  . VAL A 1 49 ? 2.587   3.763   -3.771  1.00 81.73  ? 46  VAL A CB  1 
ATOM   345  C  CG1 . VAL A 1 49 ? 1.130   3.502   -4.116  1.00 80.36  ? 46  VAL A CG1 1 
ATOM   346  C  CG2 . VAL A 1 49 ? 3.112   2.800   -2.724  1.00 74.70  ? 46  VAL A CG2 1 
ATOM   347  N  N   . ILE A 1 50 ? 2.297   3.258   -7.097  1.00 79.07  ? 47  ILE A N   1 
ATOM   348  C  CA  . ILE A 1 50 ? 1.445   3.610   -8.232  1.00 80.26  ? 47  ILE A CA  1 
ATOM   349  C  C   . ILE A 1 50 ? -0.015  3.695   -7.797  1.00 78.65  ? 47  ILE A C   1 
ATOM   350  O  O   . ILE A 1 50 ? -0.580  2.731   -7.292  1.00 77.65  ? 47  ILE A O   1 
ATOM   351  C  CB  . ILE A 1 50 ? 1.535   2.591   -9.400  1.00 77.92  ? 47  ILE A CB  1 
ATOM   352  C  CG1 . ILE A 1 50 ? 2.964   2.406   -9.880  1.00 75.08  ? 47  ILE A CG1 1 
ATOM   353  C  CG2 . ILE A 1 50 ? 0.666   3.020   -10.561 1.00 74.45  ? 47  ILE A CG2 1 
ATOM   354  C  CD1 . ILE A 1 50 ? 3.098   1.274   -10.853 1.00 74.78  ? 47  ILE A CD1 1 
HETATM 355  N  N   . MSE A 1 51 ? -0.622  4.861   -8.005  1.00 83.09  ? 48  MSE A N   1 
HETATM 356  C  CA  . MSE A 1 51 ? -2.047  5.039   -7.784  1.00 83.61  ? 48  MSE A CA  1 
HETATM 357  C  C   . MSE A 1 51 ? -2.826  5.069   -9.102  1.00 84.03  ? 48  MSE A C   1 
HETATM 358  O  O   . MSE A 1 51 ? -2.427  5.709   -10.066 1.00 83.79  ? 48  MSE A O   1 
HETATM 359  C  CB  . MSE A 1 51 ? -2.299  6.310   -6.995  1.00 85.74  ? 48  MSE A CB  1 
HETATM 360  C  CG  . MSE A 1 51 ? -3.744  6.738   -6.980  1.00 89.14  ? 48  MSE A CG  1 
HETATM 361  SE SE  . MSE A 1 51 ? -3.905  8.210   -5.722  0.41 110.05 ? 48  MSE A SE  1 
HETATM 362  C  CE  . MSE A 1 51 ? -2.006  8.722   -5.601  1.00 88.47  ? 48  MSE A CE  1 
ATOM   363  N  N   . CYS A 1 52 ? -3.949  4.373   -9.139  1.00 82.10  ? 49  CYS A N   1 
ATOM   364  C  CA  . CYS A 1 52 ? -4.714  4.304   -10.352 1.00 81.37  ? 49  CYS A CA  1 
ATOM   365  C  C   . CYS A 1 52 ? -6.165  3.998   -10.026 1.00 85.86  ? 49  CYS A C   1 
ATOM   366  O  O   . CYS A 1 52 ? -6.462  3.046   -9.314  1.00 86.77  ? 49  CYS A O   1 
ATOM   367  C  CB  . CYS A 1 52 ? -4.125  3.241   -11.271 1.00 81.03  ? 49  CYS A CB  1 
ATOM   368  S  SG  . CYS A 1 52 ? -4.921  3.127   -12.893 1.00 84.69  ? 49  CYS A SG  1 
ATOM   369  N  N   . VAL A 1 53 ? -7.070  4.829   -10.534 1.00 87.96  ? 50  VAL A N   1 
ATOM   370  C  CA  . VAL A 1 53 ? -8.494  4.553   -10.428 1.00 89.57  ? 50  VAL A CA  1 
ATOM   371  C  C   . VAL A 1 53 ? -8.909  3.772   -11.656 1.00 90.10  ? 50  VAL A C   1 
ATOM   372  O  O   . VAL A 1 53 ? -8.462  4.064   -12.764 1.00 90.27  ? 50  VAL A O   1 
ATOM   373  C  CB  . VAL A 1 53 ? -9.317  5.836   -10.339 1.00 90.85  ? 50  VAL A CB  1 
ATOM   374  C  CG1 . VAL A 1 53 ? -8.882  6.663   -9.135  1.00 88.89  ? 50  VAL A CG1 1 
ATOM   375  C  CG2 . VAL A 1 53 ? -9.163  6.646   -11.622 1.00 98.34  ? 50  VAL A CG2 1 
HETATM 376  N  N   . MSE A 1 54 ? -9.752  2.771   -11.456 1.00 94.53  ? 51  MSE A N   1 
HETATM 377  C  CA  . MSE A 1 54 ? -10.058 1.842   -12.524 1.00 95.84  ? 51  MSE A CA  1 
HETATM 378  C  C   . MSE A 1 54 ? -11.210 0.919   -12.158 1.00 98.17  ? 51  MSE A C   1 
HETATM 379  O  O   . MSE A 1 54 ? -11.533 0.747   -10.991 1.00 97.23  ? 51  MSE A O   1 
HETATM 380  C  CB  . MSE A 1 54 ? -8.820  1.012   -12.845 1.00 94.03  ? 51  MSE A CB  1 
HETATM 381  C  CG  . MSE A 1 54 ? -8.542  -0.071  -11.810 1.00 99.04  ? 51  MSE A CG  1 
HETATM 382  SE SE  . MSE A 1 54 ? -6.882  -1.090  -12.119 1.00 122.27 ? 51  MSE A SE  1 
HETATM 383  C  CE  . MSE A 1 54 ? -5.616  0.030   -11.118 1.00 98.53  ? 51  MSE A CE  1 
ATOM   384  N  N   . ARG A 1 55 ? -11.821 0.335   -13.182 1.00 100.38 ? 52  ARG A N   1 
ATOM   385  C  CA  . ARG A 1 55 ? -12.918 -0.603  -13.022 1.00 102.93 ? 52  ARG A CA  1 
ATOM   386  C  C   . ARG A 1 55 ? -12.313 -1.978  -12.739 1.00 102.59 ? 52  ARG A C   1 
ATOM   387  O  O   . ARG A 1 55 ? -11.134 -2.198  -13.031 1.00 98.54  ? 52  ARG A O   1 
ATOM   388  C  CB  . ARG A 1 55 ? -13.772 -0.620  -14.300 1.00 105.31 ? 52  ARG A CB  1 
ATOM   389  C  CG  . ARG A 1 55 ? -13.827 0.734   -15.032 1.00 109.21 ? 52  ARG A CG  1 
ATOM   390  C  CD  . ARG A 1 55 ? -14.870 0.777   -16.149 1.00 111.01 ? 52  ARG A CD  1 
ATOM   391  N  NE  . ARG A 1 55 ? -16.168 1.264   -15.669 1.00 118.36 ? 52  ARG A NE  1 
ATOM   392  C  CZ  . ARG A 1 55 ? -17.217 1.507   -16.455 1.00 121.15 ? 52  ARG A CZ  1 
ATOM   393  N  NH1 . ARG A 1 55 ? -18.364 1.947   -15.935 1.00 119.10 ? 52  ARG A NH1 1 
ATOM   394  N  NH2 . ARG A 1 55 ? -17.126 1.304   -17.766 1.00 117.53 ? 52  ARG A NH2 1 
ATOM   395  N  N   . LYS A 1 56 ? -13.108 -2.895  -12.172 1.00 106.25 ? 53  LYS A N   1 
ATOM   396  C  CA  . LYS A 1 56 ? -12.622 -4.239  -11.807 1.00 103.48 ? 53  LYS A CA  1 
ATOM   397  C  C   . LYS A 1 56 ? -12.107 -5.085  -12.988 1.00 101.63 ? 53  LYS A C   1 
ATOM   398  O  O   . LYS A 1 56 ? -11.190 -5.893  -12.835 1.00 98.81  ? 53  LYS A O   1 
ATOM   399  C  CB  . LYS A 1 56 ? -13.698 -5.027  -11.053 1.00 110.35 ? 53  LYS A CB  1 
ATOM   400  C  CG  . LYS A 1 56 ? -14.489 -4.232  -9.999  1.00 120.75 ? 53  LYS A CG  1 
ATOM   401  C  CD  . LYS A 1 56 ? -15.550 -5.126  -9.300  1.00 126.05 ? 53  LYS A CD  1 
ATOM   402  C  CE  . LYS A 1 56 ? -16.644 -4.294  -8.618  1.00 129.90 ? 53  LYS A CE  1 
ATOM   403  N  NZ  . LYS A 1 56 ? -17.855 -5.098  -8.281  1.00 127.89 ? 53  LYS A NZ  1 
ATOM   404  N  N   . ALA A 1 57 ? -12.705 -4.919  -14.159 1.00 102.24 ? 54  ALA A N   1 
ATOM   405  C  CA  . ALA A 1 57 ? -12.249 -5.630  -15.348 1.00 99.58  ? 54  ALA A CA  1 
ATOM   406  C  C   . ALA A 1 57 ? -10.810 -5.264  -15.661 1.00 96.40  ? 54  ALA A C   1 
ATOM   407  O  O   . ALA A 1 57 ? -9.988  -6.126  -15.976 1.00 96.48  ? 54  ALA A O   1 
ATOM   408  C  CB  . ALA A 1 57 ? -13.128 -5.294  -16.522 1.00 101.94 ? 54  ALA A CB  1 
ATOM   409  N  N   . THR A 1 58 ? -10.518 -3.973  -15.587 1.00 97.03  ? 55  THR A N   1 
ATOM   410  C  CA  . THR A 1 58 ? -9.165  -3.486  -15.787 1.00 96.07  ? 55  THR A CA  1 
ATOM   411  C  C   . THR A 1 58 ? -8.210  -4.127  -14.764 1.00 93.80  ? 55  THR A C   1 
ATOM   412  O  O   . THR A 1 58 ? -7.059  -4.439  -15.081 1.00 92.70  ? 55  THR A O   1 
ATOM   413  C  CB  . THR A 1 58 ? -9.094  -1.943  -15.658 1.00 95.05  ? 55  THR A CB  1 
ATOM   414  O  OG1 . THR A 1 58 ? -10.231 -1.334  -16.287 1.00 94.02  ? 55  THR A OG1 1 
ATOM   415  C  CG2 . THR A 1 58 ? -7.829  -1.423  -16.282 1.00 89.32  ? 55  THR A CG2 1 
ATOM   416  N  N   . LEU A 1 59 ? -8.690  -4.326  -13.541 1.00 93.17  ? 56  LEU A N   1 
ATOM   417  C  CA  . LEU A 1 59 ? -7.854  -4.866  -12.469 1.00 92.59  ? 56  LEU A CA  1 
ATOM   418  C  C   . LEU A 1 59 ? -7.293  -6.237  -12.818 1.00 89.70  ? 56  LEU A C   1 
ATOM   419  O  O   . LEU A 1 59 ? -6.179  -6.591  -12.423 1.00 86.28  ? 56  LEU A O   1 
ATOM   420  C  CB  . LEU A 1 59 ? -8.649  -4.949  -11.169 1.00 93.97  ? 56  LEU A CB  1 
ATOM   421  C  CG  . LEU A 1 59 ? -7.927  -5.433  -9.907  1.00 94.84  ? 56  LEU A CG  1 
ATOM   422  C  CD1 . LEU A 1 59 ? -6.893  -4.416  -9.432  1.00 93.39  ? 56  LEU A CD1 1 
ATOM   423  C  CD2 . LEU A 1 59 ? -8.938  -5.712  -8.797  1.00 94.31  ? 56  LEU A CD2 1 
ATOM   424  N  N   . VAL A 1 60 ? -8.074  -7.002  -13.565 1.00 88.57  ? 57  VAL A N   1 
ATOM   425  C  CA  . VAL A 1 60 ? -7.640  -8.311  -13.999 1.00 86.47  ? 57  VAL A CA  1 
ATOM   426  C  C   . VAL A 1 60 ? -6.531  -8.208  -15.043 1.00 87.66  ? 57  VAL A C   1 
ATOM   427  O  O   . VAL A 1 60 ? -5.558  -8.963  -15.010 1.00 86.62  ? 57  VAL A O   1 
ATOM   428  C  CB  . VAL A 1 60 ? -8.814  -9.113  -14.542 1.00 87.67  ? 57  VAL A CB  1 
ATOM   429  C  CG1 . VAL A 1 60 ? -8.332  -10.427 -15.125 1.00 83.31  ? 57  VAL A CG1 1 
ATOM   430  C  CG2 . VAL A 1 60 ? -9.836  -9.341  -13.430 1.00 84.63  ? 57  VAL A CG2 1 
ATOM   431  N  N   . LYS A 1 61 ? -6.663  -7.269  -15.968 1.00 85.96  ? 58  LYS A N   1 
ATOM   432  C  CA  . LYS A 1 61 ? -5.607  -7.085  -16.950 1.00 88.98  ? 58  LYS A CA  1 
ATOM   433  C  C   . LYS A 1 61 ? -4.314  -6.665  -16.264 1.00 85.06  ? 58  LYS A C   1 
ATOM   434  O  O   . LYS A 1 61 ? -3.237  -7.142  -16.599 1.00 84.80  ? 58  LYS A O   1 
ATOM   435  C  CB  . LYS A 1 61 ? -6.008  -6.059  -18.015 1.00 92.19  ? 58  LYS A CB  1 
ATOM   436  C  CG  . LYS A 1 61 ? -7.280  -6.413  -18.800 1.00 96.07  ? 58  LYS A CG  1 
ATOM   437  C  CD  . LYS A 1 61 ? -7.342  -5.649  -20.133 1.00 100.41 ? 58  LYS A CD  1 
ATOM   438  C  CE  . LYS A 1 61 ? -8.752  -5.637  -20.745 1.00 103.58 ? 58  LYS A CE  1 
ATOM   439  N  NZ  . LYS A 1 61 ? -9.735  -4.779  -19.992 1.00 102.41 ? 58  LYS A NZ  1 
ATOM   440  N  N   . VAL A 1 62 ? -4.435  -5.773  -15.290 1.00 85.48  ? 59  VAL A N   1 
ATOM   441  C  CA  . VAL A 1 62 ? -3.276  -5.247  -14.578 1.00 85.49  ? 59  VAL A CA  1 
ATOM   442  C  C   . VAL A 1 62 ? -2.592  -6.346  -13.794 1.00 81.71  ? 59  VAL A C   1 
ATOM   443  O  O   . VAL A 1 62 ? -1.381  -6.495  -13.832 1.00 79.25  ? 59  VAL A O   1 
ATOM   444  C  CB  . VAL A 1 62 ? -3.689  -4.116  -13.607 1.00 86.35  ? 59  VAL A CB  1 
ATOM   445  C  CG1 . VAL A 1 62 ? -2.609  -3.871  -12.568 1.00 83.23  ? 59  VAL A CG1 1 
ATOM   446  C  CG2 . VAL A 1 62 ? -3.986  -2.850  -14.374 1.00 84.11  ? 59  VAL A CG2 1 
ATOM   447  N  N   . ARG A 1 63 ? -3.392  -7.123  -13.086 1.00 80.86  ? 60  ARG A N   1 
ATOM   448  C  CA  . ARG A 1 63 ? -2.879  -8.267  -12.363 1.00 82.39  ? 60  ARG A CA  1 
ATOM   449  C  C   . ARG A 1 63 ? -2.033  -9.191  -13.242 1.00 81.90  ? 60  ARG A C   1 
ATOM   450  O  O   . ARG A 1 63 ? -0.991  -9.685  -12.826 1.00 79.93  ? 60  ARG A O   1 
ATOM   451  C  CB  . ARG A 1 63 ? -4.030  -9.048  -11.759 1.00 80.16  ? 60  ARG A CB  1 
ATOM   452  C  CG  . ARG A 1 63 ? -3.577  -9.882  -10.620 1.00 81.75  ? 60  ARG A CG  1 
ATOM   453  C  CD  . ARG A 1 63 ? -4.571  -10.939 -10.285 1.00 85.83  ? 60  ARG A CD  1 
ATOM   454  N  NE  . ARG A 1 63 ? -4.340  -11.403 -8.930  1.00 88.37  ? 60  ARG A NE  1 
ATOM   455  C  CZ  . ARG A 1 63 ? -5.303  -11.850 -8.137  1.00 93.01  ? 60  ARG A CZ  1 
ATOM   456  N  NH1 . ARG A 1 63 ? -6.557  -11.887 -8.590  1.00 93.23  ? 60  ARG A NH1 1 
ATOM   457  N  NH2 . ARG A 1 63 ? -5.016  -12.246 -6.894  1.00 88.81  ? 60  ARG A NH2 1 
ATOM   458  N  N   . ASN A 1 64 ? -2.488  -9.419  -14.465 1.00 84.79  ? 61  ASN A N   1 
ATOM   459  C  CA  . ASN A 1 64 ? -1.768  -10.284 -15.389 1.00 85.77  ? 61  ASN A CA  1 
ATOM   460  C  C   . ASN A 1 64 ? -0.491  -9.651  -15.872 1.00 84.83  ? 61  ASN A C   1 
ATOM   461  O  O   . ASN A 1 64 ? 0.471   -10.322 -16.239 1.00 88.22  ? 61  ASN A O   1 
ATOM   462  C  CB  . ASN A 1 64 ? -2.662  -10.671 -16.559 1.00 87.97  ? 61  ASN A CB  1 
ATOM   463  C  CG  . ASN A 1 64 ? -3.715  -11.696 -16.148 1.00 94.52  ? 61  ASN A CG  1 
ATOM   464  O  OD1 . ASN A 1 64 ? -3.690  -12.205 -15.019 1.00 89.38  ? 61  ASN A OD1 1 
ATOM   465  N  ND2 . ASN A 1 64 ? -4.648  -11.997 -17.049 1.00 97.13  ? 61  ASN A ND2 1 
ATOM   466  N  N   . LEU A 1 65 ? -0.478  -8.336  -15.844 1.00 83.10  ? 62  LEU A N   1 
ATOM   467  C  CA  . LEU A 1 65 ? 0.698   -7.608  -16.222 1.00 81.34  ? 62  LEU A CA  1 
ATOM   468  C  C   . LEU A 1 65 ? 1.725   -7.718  -15.105 1.00 82.25  ? 62  LEU A C   1 
ATOM   469  O  O   . LEU A 1 65 ? 2.926   -7.712  -15.349 1.00 83.19  ? 62  LEU A O   1 
ATOM   470  C  CB  . LEU A 1 65 ? 0.295   -6.166  -16.476 1.00 84.18  ? 62  LEU A CB  1 
ATOM   471  C  CG  . LEU A 1 65 ? 1.344   -5.073  -16.388 1.00 85.50  ? 62  LEU A CG  1 
ATOM   472  C  CD1 . LEU A 1 65 ? 2.378   -5.260  -17.477 1.00 88.24  ? 62  LEU A CD1 1 
ATOM   473  C  CD2 . LEU A 1 65 ? 0.648   -3.730  -16.516 1.00 83.58  ? 62  LEU A CD2 1 
ATOM   474  N  N   . LEU A 1 66 ? 1.246   -7.835  -13.873 1.00 81.11  ? 63  LEU A N   1 
ATOM   475  C  CA  . LEU A 1 66 ? 2.138   -7.965  -12.731 1.00 80.81  ? 63  LEU A CA  1 
ATOM   476  C  C   . LEU A 1 66 ? 2.896   -9.272  -12.809 1.00 82.95  ? 63  LEU A C   1 
ATOM   477  O  O   . LEU A 1 66 ? 4.119   -9.315  -12.644 1.00 82.67  ? 63  LEU A O   1 
ATOM   478  C  CB  . LEU A 1 66 ? 1.343   -7.938  -11.438 1.00 78.71  ? 63  LEU A CB  1 
ATOM   479  C  CG  . LEU A 1 66 ? 0.650   -6.628  -11.110 1.00 79.03  ? 63  LEU A CG  1 
ATOM   480  C  CD1 . LEU A 1 66 ? 0.062   -6.647  -9.692  1.00 74.40  ? 63  LEU A CD1 1 
ATOM   481  C  CD2 . LEU A 1 66 ? 1.660   -5.507  -11.303 1.00 74.57  ? 63  LEU A CD2 1 
ATOM   482  N  N   . LYS A 1 67 ? 2.148   -10.345 -13.048 1.00 83.60  ? 64  LYS A N   1 
ATOM   483  C  CA  . LYS A 1 67 ? 2.730   -11.665 -13.220 1.00 84.28  ? 64  LYS A CA  1 
ATOM   484  C  C   . LYS A 1 67 ? 3.889   -11.575 -14.198 1.00 87.73  ? 64  LYS A C   1 
ATOM   485  O  O   . LYS A 1 67 ? 4.921   -12.223 -14.045 1.00 90.73  ? 64  LYS A O   1 
ATOM   486  C  CB  . LYS A 1 67 ? 1.673   -12.638 -13.730 1.00 82.03  ? 64  LYS A CB  1 
ATOM   487  C  CG  . LYS A 1 67 ? 0.579   -12.924 -12.696 1.00 84.33  ? 64  LYS A CG  1 
ATOM   488  C  CD  . LYS A 1 67 ? -0.603  -13.708 -13.265 1.00 81.31  ? 64  LYS A CD  1 
ATOM   489  C  CE  . LYS A 1 67 ? -1.793  -13.617 -12.325 1.00 83.67  ? 64  LYS A CE  1 
ATOM   490  N  NZ  . LYS A 1 67 ? -3.067  -14.151 -12.889 1.00 86.13  ? 64  LYS A NZ  1 
ATOM   491  N  N   . GLU A 1 68 ? 3.721   -10.720 -15.191 1.00 87.39  ? 65  GLU A N   1 
ATOM   492  C  CA  . GLU A 1 68 ? 4.661   -10.638 -16.285 1.00 89.10  ? 65  GLU A CA  1 
ATOM   493  C  C   . GLU A 1 68 ? 5.910   -9.824  -15.943 1.00 90.20  ? 65  GLU A C   1 
ATOM   494  O  O   . GLU A 1 68 ? 6.887   -9.854  -16.679 1.00 94.49  ? 65  GLU A O   1 
ATOM   495  C  CB  . GLU A 1 68 ? 3.935   -10.036 -17.487 1.00 93.05  ? 65  GLU A CB  1 
ATOM   496  C  CG  . GLU A 1 68 ? 4.715   -10.002 -18.787 1.00 99.69  ? 65  GLU A CG  1 
ATOM   497  C  CD  . GLU A 1 68 ? 3.795   -10.110 -20.014 1.00 107.46 ? 65  GLU A CD  1 
ATOM   498  O  OE1 . GLU A 1 68 ? 2.552   -10.249 -19.838 1.00 102.82 ? 65  GLU A OE1 1 
ATOM   499  O  OE2 . GLU A 1 68 ? 4.327   -10.070 -21.153 1.00 109.13 ? 65  GLU A OE2 1 
ATOM   500  N  N   . VAL A 1 69 ? 5.896   -9.097  -14.833 1.00 87.28  ? 66  VAL A N   1 
ATOM   501  C  CA  . VAL A 1 69 ? 6.967   -8.138  -14.581 1.00 85.81  ? 66  VAL A CA  1 
ATOM   502  C  C   . VAL A 1 69 ? 7.583   -8.302  -13.214 1.00 88.07  ? 66  VAL A C   1 
ATOM   503  O  O   . VAL A 1 69 ? 8.810   -8.324  -13.082 1.00 90.04  ? 66  VAL A O   1 
ATOM   504  C  CB  . VAL A 1 69 ? 6.453   -6.703  -14.657 1.00 84.19  ? 66  VAL A CB  1 
ATOM   505  C  CG1 . VAL A 1 69 ? 7.547   -5.733  -14.259 1.00 82.86  ? 66  VAL A CG1 1 
ATOM   506  C  CG2 . VAL A 1 69 ? 5.941   -6.409  -16.034 1.00 87.74  ? 66  VAL A CG2 1 
ATOM   507  N  N   . ASP A 1 70 ? 6.716   -8.383  -12.205 1.00 84.52  ? 67  ASP A N   1 
ATOM   508  C  CA  . ASP A 1 70 ? 7.124   -8.529  -10.819 1.00 82.89  ? 67  ASP A CA  1 
ATOM   509  C  C   . ASP A 1 70 ? 6.092   -9.370  -10.082 1.00 85.71  ? 67  ASP A C   1 
ATOM   510  O  O   . ASP A 1 70 ? 5.030   -8.880  -9.688  1.00 84.04  ? 67  ASP A O   1 
ATOM   511  C  CB  . ASP A 1 70 ? 7.280   -7.165  -10.146 1.00 83.04  ? 67  ASP A CB  1 
ATOM   512  C  CG  . ASP A 1 70 ? 7.627   -7.272  -8.660  1.00 84.73  ? 67  ASP A CG  1 
ATOM   513  O  OD1 . ASP A 1 70 ? 7.757   -8.406  -8.145  1.00 84.93  ? 67  ASP A OD1 1 
ATOM   514  O  OD2 . ASP A 1 70 ? 7.767   -6.213  -7.996  1.00 82.87  ? 67  ASP A OD2 1 
ATOM   515  N  N   . PRO A 1 71 ? 6.408   -10.654 -9.900  1.00 87.81  ? 68  PRO A N   1 
ATOM   516  C  CA  . PRO A 1 71 ? 5.628   -11.657 -9.172  1.00 84.56  ? 68  PRO A CA  1 
ATOM   517  C  C   . PRO A 1 71 ? 5.394   -11.280 -7.716  1.00 83.85  ? 68  PRO A C   1 
ATOM   518  O  O   . PRO A 1 71 ? 4.454   -11.780 -7.093  1.00 84.09  ? 68  PRO A O   1 
ATOM   519  C  CB  . PRO A 1 71 ? 6.525   -12.892 -9.228  1.00 84.15  ? 68  PRO A CB  1 
ATOM   520  C  CG  . PRO A 1 71 ? 7.348   -12.702 -10.450 1.00 87.35  ? 68  PRO A CG  1 
ATOM   521  C  CD  . PRO A 1 71 ? 7.607   -11.235 -10.532 1.00 87.50  ? 68  PRO A CD  1 
ATOM   522  N  N   . ASP A 1 72 ? 6.244   -10.425 -7.166  1.00 83.93  ? 69  ASP A N   1 
ATOM   523  C  CA  . ASP A 1 72 ? 6.124   -10.078 -5.756  1.00 83.50  ? 69  ASP A CA  1 
ATOM   524  C  C   . ASP A 1 72 ? 5.286   -8.840  -5.559  1.00 83.68  ? 69  ASP A C   1 
ATOM   525  O  O   . ASP A 1 72 ? 4.841   -8.559  -4.448  1.00 81.20  ? 69  ASP A O   1 
ATOM   526  C  CB  . ASP A 1 72 ? 7.495   -9.906  -5.129  1.00 86.54  ? 69  ASP A CB  1 
ATOM   527  C  CG  . ASP A 1 72 ? 8.282   -11.209 -5.113  1.00 96.03  ? 69  ASP A CG  1 
ATOM   528  O  OD1 . ASP A 1 72 ? 9.378   -11.244 -5.739  1.00 99.16  ? 69  ASP A OD1 1 
ATOM   529  O  OD2 . ASP A 1 72 ? 7.783   -12.202 -4.509  1.00 91.53  ? 69  ASP A OD2 1 
ATOM   530  N  N   . ALA A 1 73 ? 5.062   -8.108  -6.643  1.00 82.46  ? 70  ALA A N   1 
ATOM   531  C  CA  . ALA A 1 73 ? 4.176   -6.956  -6.605  1.00 78.81  ? 70  ALA A CA  1 
ATOM   532  C  C   . ALA A 1 73 ? 2.812   -7.325  -6.035  1.00 77.29  ? 70  ALA A C   1 
ATOM   533  O  O   . ALA A 1 73 ? 2.380   -8.478  -6.086  1.00 75.37  ? 70  ALA A O   1 
ATOM   534  C  CB  . ALA A 1 73 ? 4.024   -6.356  -7.986  1.00 75.02  ? 70  ALA A CB  1 
ATOM   535  N  N   . PHE A 1 74 ? 2.143   -6.330  -5.476  1.00 75.19  ? 71  PHE A N   1 
ATOM   536  C  CA  . PHE A 1 74 ? 0.772   -6.515  -5.038  1.00 77.23  ? 71  PHE A CA  1 
ATOM   537  C  C   . PHE A 1 74 ? 0.009   -5.192  -5.077  1.00 76.08  ? 71  PHE A C   1 
ATOM   538  O  O   . PHE A 1 74 ? 0.585   -4.121  -5.278  1.00 71.82  ? 71  PHE A O   1 
ATOM   539  C  CB  . PHE A 1 74 ? 0.716   -7.137  -3.647  1.00 74.09  ? 71  PHE A CB  1 
ATOM   540  C  CG  . PHE A 1 74 ? 1.373   -6.309  -2.599  1.00 75.05  ? 71  PHE A CG  1 
ATOM   541  C  CD1 . PHE A 1 74 ? 2.749   -6.331  -2.447  1.00 75.64  ? 71  PHE A CD1 1 
ATOM   542  C  CD2 . PHE A 1 74 ? 0.627   -5.488  -1.780  1.00 74.80  ? 71  PHE A CD2 1 
ATOM   543  C  CE1 . PHE A 1 74 ? 3.365   -5.553  -1.486  1.00 75.90  ? 71  PHE A CE1 1 
ATOM   544  C  CE2 . PHE A 1 74 ? 1.239   -4.714  -0.812  1.00 74.52  ? 71  PHE A CE2 1 
ATOM   545  C  CZ  . PHE A 1 74 ? 2.611   -4.750  -0.662  1.00 73.54  ? 71  PHE A CZ  1 
HETATM 546  N  N   . MSE A 1 75 ? -1.298  -5.294  -4.870  1.00 77.62  ? 72  MSE A N   1 
HETATM 547  C  CA  . MSE A 1 75 ? -2.202  -4.174  -5.020  1.00 75.54  ? 72  MSE A CA  1 
HETATM 548  C  C   . MSE A 1 75 ? -3.037  -4.011  -3.781  1.00 74.35  ? 72  MSE A C   1 
HETATM 549  O  O   . MSE A 1 75 ? -3.488  -4.981  -3.196  1.00 75.22  ? 72  MSE A O   1 
HETATM 550  C  CB  . MSE A 1 75 ? -3.137  -4.417  -6.203  1.00 74.74  ? 72  MSE A CB  1 
HETATM 551  C  CG  . MSE A 1 75 ? -2.431  -4.443  -7.534  1.00 76.62  ? 72  MSE A CG  1 
HETATM 552  SE SE  . MSE A 1 75 ? -3.641  -4.816  -9.010  0.59 84.28  ? 72  MSE A SE  1 
HETATM 553  C  CE  . MSE A 1 75 ? -3.798  -6.742  -8.798  1.00 80.20  ? 72  MSE A CE  1 
ATOM   554  N  N   . ILE A 1 76 ? -3.255  -2.771  -3.390  1.00 73.76  ? 73  ILE A N   1 
ATOM   555  C  CA  . ILE A 1 76 ? -4.237  -2.479  -2.372  1.00 78.13  ? 73  ILE A CA  1 
ATOM   556  C  C   . ILE A 1 76 ? -5.446  -1.828  -3.005  1.00 78.67  ? 73  ILE A C   1 
ATOM   557  O  O   . ILE A 1 76 ? -5.348  -0.761  -3.607  1.00 79.51  ? 73  ILE A O   1 
ATOM   558  C  CB  . ILE A 1 76 ? -3.662  -1.585  -1.271  1.00 78.50  ? 73  ILE A CB  1 
ATOM   559  C  CG1 . ILE A 1 76 ? -2.474  -2.292  -0.617  1.00 77.73  ? 73  ILE A CG1 1 
ATOM   560  C  CG2 . ILE A 1 76 ? -4.727  -1.263  -0.253  1.00 72.16  ? 73  ILE A CG2 1 
ATOM   561  C  CD1 . ILE A 1 76 ? -1.551  -1.366  0.128   1.00 77.10  ? 73  ILE A CD1 1 
ATOM   562  N  N   . VAL A 1 77 ? -6.583  -2.496  -2.874  1.00 80.47  ? 74  VAL A N   1 
ATOM   563  C  CA  . VAL A 1 77 ? -7.837  -2.025  -3.439  1.00 86.02  ? 74  VAL A CA  1 
ATOM   564  C  C   . VAL A 1 77 ? -8.706  -1.339  -2.388  1.00 89.53  ? 74  VAL A C   1 
ATOM   565  O  O   . VAL A 1 77 ? -9.374  -2.005  -1.586  1.00 85.90  ? 74  VAL A O   1 
ATOM   566  C  CB  . VAL A 1 77 ? -8.637  -3.189  -4.025  1.00 85.10  ? 74  VAL A CB  1 
ATOM   567  C  CG1 . VAL A 1 77 ? -9.973  -2.688  -4.541  1.00 86.45  ? 74  VAL A CG1 1 
ATOM   568  C  CG2 . VAL A 1 77 ? -7.829  -3.895  -5.113  1.00 80.72  ? 74  VAL A CG2 1 
ATOM   569  N  N   . SER A 1 78 ? -8.710  -0.006  -2.431  1.00 93.78  ? 75  SER A N   1 
ATOM   570  C  CA  . SER A 1 78 ? -9.354  0.857   -1.427  1.00 92.85  ? 75  SER A CA  1 
ATOM   571  C  C   . SER A 1 78 ? -10.801 0.493   -1.076  1.00 92.33  ? 75  SER A C   1 
ATOM   572  O  O   . SER A 1 78 ? -11.606 0.176   -1.958  1.00 95.89  ? 75  SER A O   1 
ATOM   573  C  CB  . SER A 1 78 ? -9.279  2.315   -1.895  1.00 94.63  ? 75  SER A CB  1 
ATOM   574  O  OG  . SER A 1 78 ? -8.643  3.146   -0.924  1.00 99.22  ? 75  SER A OG  1 
ATOM   575  N  N   . ASP B 1 6  ? -6.076  15.911  12.716  1.00 116.73 ? 3   ASP B N   1 
ATOM   576  C  CA  . ASP B 1 6  ? -7.229  16.713  12.298  1.00 123.37 ? 3   ASP B CA  1 
ATOM   577  C  C   . ASP B 1 6  ? -8.425  15.841  11.925  1.00 124.05 ? 3   ASP B C   1 
ATOM   578  O  O   . ASP B 1 6  ? -9.064  15.194  12.784  1.00 118.47 ? 3   ASP B O   1 
ATOM   579  C  CB  . ASP B 1 6  ? -6.879  17.596  11.086  1.00 123.59 ? 3   ASP B CB  1 
ATOM   580  C  CG  . ASP B 1 6  ? -5.938  18.744  11.437  1.00 126.84 ? 3   ASP B CG  1 
ATOM   581  O  OD1 . ASP B 1 6  ? -5.143  18.588  12.403  1.00 126.65 ? 3   ASP B OD1 1 
ATOM   582  O  OD2 . ASP B 1 6  ? -5.990  19.792  10.738  1.00 124.34 ? 3   ASP B OD2 1 
ATOM   583  N  N   . GLN B 1 7  ? -8.712  15.849  10.629  1.00 125.31 ? 4   GLN B N   1 
ATOM   584  C  CA  . GLN B 1 7  ? -9.762  15.029  10.053  1.00 123.58 ? 4   GLN B CA  1 
ATOM   585  C  C   . GLN B 1 7  ? -9.189  13.628  9.911   1.00 117.84 ? 4   GLN B C   1 
ATOM   586  O  O   . GLN B 1 7  ? -8.008  13.456  9.577   1.00 114.71 ? 4   GLN B O   1 
ATOM   587  C  CB  . GLN B 1 7  ? -10.193 15.597  8.697   1.00 125.86 ? 4   GLN B CB  1 
ATOM   588  C  CG  . GLN B 1 7  ? -9.916  17.105  8.581   1.00 132.67 ? 4   GLN B CG  1 
ATOM   589  C  CD  . GLN B 1 7  ? -10.722 17.796  7.486   1.00 138.71 ? 4   GLN B CD  1 
ATOM   590  O  OE1 . GLN B 1 7  ? -10.363 18.889  7.031   1.00 133.30 ? 4   GLN B OE1 1 
ATOM   591  N  NE2 . GLN B 1 7  ? -11.826 17.167  7.069   1.00 140.38 ? 4   GLN B NE2 1 
ATOM   592  N  N   . GLN B 1 8  ? -10.019 12.631  10.191  1.00 115.18 ? 5   GLN B N   1 
ATOM   593  C  CA  . GLN B 1 8  ? -9.578  11.245  10.154  1.00 111.10 ? 5   GLN B CA  1 
ATOM   594  C  C   . GLN B 1 8  ? -9.264  10.785  8.726   1.00 112.11 ? 5   GLN B C   1 
ATOM   595  O  O   . GLN B 1 8  ? -10.051 11.028  7.804   1.00 112.54 ? 5   GLN B O   1 
ATOM   596  C  CB  . GLN B 1 8  ? -10.631 10.337  10.788  1.00 107.45 ? 5   GLN B CB  1 
ATOM   597  C  CG  . GLN B 1 8  ? -10.755 10.488  12.296  1.00 108.02 ? 5   GLN B CG  1 
ATOM   598  C  CD  . GLN B 1 8  ? -11.535 9.343   12.917  1.00 111.16 ? 5   GLN B CD  1 
ATOM   599  O  OE1 . GLN B 1 8  ? -11.146 8.800   13.961  1.00 106.21 ? 5   GLN B OE1 1 
ATOM   600  N  NE2 . GLN B 1 8  ? -12.632 8.950   12.262  1.00 108.76 ? 5   GLN B NE2 1 
ATOM   601  N  N   . THR B 1 9  ? -8.112  10.130  8.558   1.00 109.02 ? 6   THR B N   1 
ATOM   602  C  CA  . THR B 1 9  ? -7.691  9.576   7.268   1.00 103.81 ? 6   THR B CA  1 
ATOM   603  C  C   . THR B 1 9  ? -7.454  8.070   7.352   1.00 98.78  ? 6   THR B C   1 
ATOM   604  O  O   . THR B 1 9  ? -7.144  7.539   8.417   1.00 96.14  ? 6   THR B O   1 
ATOM   605  C  CB  . THR B 1 9  ? -6.421  10.265  6.745   1.00 106.08 ? 6   THR B CB  1 
ATOM   606  O  OG1 . THR B 1 9  ? -5.731  10.894  7.839   1.00 107.92 ? 6   THR B OG1 1 
ATOM   607  C  CG2 . THR B 1 9  ? -6.779  11.318  5.688   1.00 107.43 ? 6   THR B CG2 1 
HETATM 608  N  N   . MSE B 1 10 ? -7.614  7.392   6.218   1.00 100.17 ? 7   MSE B N   1 
HETATM 609  C  CA  . MSE B 1 10 ? -7.473  5.941   6.146   1.00 93.05  ? 7   MSE B CA  1 
HETATM 610  C  C   . MSE B 1 10 ? -6.055  5.582   5.746   1.00 94.61  ? 7   MSE B C   1 
HETATM 611  O  O   . MSE B 1 10 ? -5.526  6.094   4.749   1.00 96.09  ? 7   MSE B O   1 
HETATM 612  C  CB  . MSE B 1 10 ? -8.426  5.382   5.113   1.00 90.15  ? 7   MSE B CB  1 
HETATM 613  C  CG  . MSE B 1 10 ? -9.266  4.317   5.681   1.00 101.40 ? 7   MSE B CG  1 
HETATM 614  SE SE  . MSE B 1 10 ? -8.446  2.584   5.540   0.61 116.57 ? 7   MSE B SE  1 
HETATM 615  C  CE  . MSE B 1 10 ? -9.346  2.163   3.835   1.00 101.81 ? 7   MSE B CE  1 
ATOM   616  N  N   . VAL B 1 11 ? -5.428  4.702   6.515   1.00 89.41  ? 8   VAL B N   1 
ATOM   617  C  CA  . VAL B 1 11 ? -4.006  4.475   6.338   1.00 82.98  ? 8   VAL B CA  1 
ATOM   618  C  C   . VAL B 1 11 ? -3.673  3.015   6.118   1.00 80.06  ? 8   VAL B C   1 
ATOM   619  O  O   . VAL B 1 11 ? -4.175  2.131   6.796   1.00 78.43  ? 8   VAL B O   1 
ATOM   620  C  CB  . VAL B 1 11 ? -3.205  5.057   7.514   1.00 81.77  ? 8   VAL B CB  1 
ATOM   621  C  CG1 . VAL B 1 11 ? -1.789  4.599   7.464   1.00 81.56  ? 8   VAL B CG1 1 
ATOM   622  C  CG2 . VAL B 1 11 ? -3.252  6.561   7.450   1.00 86.83  ? 8   VAL B CG2 1 
ATOM   623  N  N   . TYR B 1 12 ? -2.836  2.759   5.129   1.00 78.92  ? 9   TYR B N   1 
ATOM   624  C  CA  . TYR B 1 12 ? -2.307  1.426   4.981   1.00 77.38  ? 9   TYR B CA  1 
ATOM   625  C  C   . TYR B 1 12 ? -0.832  1.423   5.342   1.00 77.66  ? 9   TYR B C   1 
ATOM   626  O  O   . TYR B 1 12 ? -0.069  2.292   4.935   1.00 77.81  ? 9   TYR B O   1 
ATOM   627  C  CB  . TYR B 1 12 ? -2.532  0.907   3.574   1.00 75.18  ? 9   TYR B CB  1 
ATOM   628  C  CG  . TYR B 1 12 ? -3.930  1.156   3.069   1.00 78.82  ? 9   TYR B CG  1 
ATOM   629  C  CD1 . TYR B 1 12 ? -4.220  2.285   2.326   1.00 79.89  ? 9   TYR B CD1 1 
ATOM   630  C  CD2 . TYR B 1 12 ? -4.965  0.256   3.326   1.00 83.14  ? 9   TYR B CD2 1 
ATOM   631  C  CE1 . TYR B 1 12 ? -5.495  2.518   1.847   1.00 84.83  ? 9   TYR B CE1 1 
ATOM   632  C  CE2 . TYR B 1 12 ? -6.252  0.484   2.848   1.00 83.23  ? 9   TYR B CE2 1 
ATOM   633  C  CZ  . TYR B 1 12 ? -6.505  1.621   2.108   1.00 85.64  ? 9   TYR B CZ  1 
ATOM   634  O  OH  . TYR B 1 12 ? -7.769  1.889   1.626   1.00 90.97  ? 9   TYR B OH  1 
ATOM   635  N  N   . ILE B 1 13 ? -0.446  0.447   6.140   1.00 75.75  ? 10  ILE B N   1 
ATOM   636  C  CA  . ILE B 1 13 ? 0.924   0.314   6.541   1.00 76.03  ? 10  ILE B CA  1 
ATOM   637  C  C   . ILE B 1 13 ? 1.462   -0.995  6.019   1.00 76.05  ? 10  ILE B C   1 
ATOM   638  O  O   . ILE B 1 13 ? 0.929   -2.056  6.323   1.00 72.95  ? 10  ILE B O   1 
ATOM   639  C  CB  . ILE B 1 13 ? 1.029   0.294   8.050   1.00 78.58  ? 10  ILE B CB  1 
ATOM   640  C  CG1 . ILE B 1 13 ? 0.451   1.588   8.630   1.00 75.98  ? 10  ILE B CG1 1 
ATOM   641  C  CG2 . ILE B 1 13 ? 2.474   0.002   8.495   1.00 73.71  ? 10  ILE B CG2 1 
ATOM   642  C  CD1 . ILE B 1 13 ? 0.375   1.560   10.144  1.00 77.57  ? 10  ILE B CD1 1 
ATOM   643  N  N   . VAL B 1 14 ? 2.525   -0.894  5.228   1.00 76.02  ? 11  VAL B N   1 
ATOM   644  C  CA  . VAL B 1 14 ? 3.203   -2.047  4.667   1.00 74.75  ? 11  VAL B CA  1 
ATOM   645  C  C   . VAL B 1 14 ? 4.454   -2.364  5.449   1.00 74.16  ? 11  VAL B C   1 
ATOM   646  O  O   . VAL B 1 14 ? 5.300   -1.506  5.630   1.00 76.86  ? 11  VAL B O   1 
ATOM   647  C  CB  . VAL B 1 14 ? 3.652   -1.748  3.245   1.00 76.24  ? 11  VAL B CB  1 
ATOM   648  C  CG1 . VAL B 1 14 ? 4.352   -2.976  2.629   1.00 73.57  ? 11  VAL B CG1 1 
ATOM   649  C  CG2 . VAL B 1 14 ? 2.470   -1.276  2.416   1.00 74.44  ? 11  VAL B CG2 1 
ATOM   650  N  N   . SER B 1 15 ? 4.590   -3.608  5.889   1.00 77.35  ? 12  SER B N   1 
ATOM   651  C  CA  . SER B 1 15 ? 5.757   -3.994  6.657   1.00 78.91  ? 12  SER B CA  1 
ATOM   652  C  C   . SER B 1 15 ? 5.884   -5.497  6.867   1.00 84.16  ? 12  SER B C   1 
ATOM   653  O  O   . SER B 1 15 ? 4.906   -6.191  7.126   1.00 84.80  ? 12  SER B O   1 
ATOM   654  C  CB  . SER B 1 15 ? 5.738   -3.288  8.007   1.00 80.08  ? 12  SER B CB  1 
ATOM   655  O  OG  . SER B 1 15 ? 6.554   -3.951  8.948   1.00 82.67  ? 12  SER B OG  1 
ATOM   656  N  N   . ALA B 1 16 ? 7.111   -5.990  6.754   1.00 87.36  ? 13  ALA B N   1 
ATOM   657  C  CA  . ALA B 1 16 ? 7.417   -7.370  7.105   1.00 85.13  ? 13  ALA B CA  1 
ATOM   658  C  C   . ALA B 1 16 ? 7.063   -7.657  8.561   1.00 86.79  ? 13  ALA B C   1 
ATOM   659  O  O   . ALA B 1 16 ? 6.684   -8.779  8.906   1.00 89.25  ? 13  ALA B O   1 
ATOM   660  C  CB  . ALA B 1 16 ? 8.880   -7.649  6.872   1.00 83.08  ? 13  ALA B CB  1 
ATOM   661  N  N   . LYS B 1 17 ? 7.199   -6.647  9.417   1.00 85.20  ? 14  LYS B N   1 
ATOM   662  C  CA  . LYS B 1 17 ? 7.003   -6.824  10.852  1.00 86.12  ? 14  LYS B CA  1 
ATOM   663  C  C   . LYS B 1 17 ? 5.626   -6.348  11.304  1.00 86.03  ? 14  LYS B C   1 
ATOM   664  O  O   . LYS B 1 17 ? 5.463   -5.867  12.420  1.00 84.54  ? 14  LYS B O   1 
ATOM   665  C  CB  . LYS B 1 17 ? 8.088   -6.074  11.612  1.00 88.35  ? 14  LYS B CB  1 
ATOM   666  C  CG  . LYS B 1 17 ? 9.467   -6.236  10.999  1.00 92.22  ? 14  LYS B CG  1 
ATOM   667  C  CD  . LYS B 1 17 ? 9.910   -7.704  10.983  1.00 99.55  ? 14  LYS B CD  1 
ATOM   668  C  CE  . LYS B 1 17 ? 10.902  -8.010  12.108  1.00 103.78 ? 14  LYS B CE  1 
ATOM   669  N  NZ  . LYS B 1 17 ? 12.185  -7.253  11.921  1.00 102.14 ? 14  LYS B NZ  1 
ATOM   670  N  N   . ARG B 1 18 ? 4.630   -6.513  10.445  1.00 85.99  ? 15  ARG B N   1 
ATOM   671  C  CA  . ARG B 1 18 ? 3.330   -5.921  10.693  1.00 85.22  ? 15  ARG B CA  1 
ATOM   672  C  C   . ARG B 1 18 ? 2.614   -6.469  11.932  1.00 86.86  ? 15  ARG B C   1 
ATOM   673  O  O   . ARG B 1 18 ? 1.960   -5.706  12.628  1.00 86.33  ? 15  ARG B O   1 
ATOM   674  C  CB  . ARG B 1 18 ? 2.446   -5.984  9.447   1.00 84.20  ? 15  ARG B CB  1 
ATOM   675  C  CG  . ARG B 1 18 ? 1.605   -7.227  9.340   1.00 91.15  ? 15  ARG B CG  1 
ATOM   676  C  CD  . ARG B 1 18 ? 2.323   -8.346  8.622   1.00 94.73  ? 15  ARG B CD  1 
ATOM   677  N  NE  . ARG B 1 18 ? 2.354   -8.134  7.171   1.00 100.09 ? 15  ARG B NE  1 
ATOM   678  C  CZ  . ARG B 1 18 ? 2.421   -9.120  6.270   1.00 102.41 ? 15  ARG B CZ  1 
ATOM   679  N  NH1 . ARG B 1 18 ? 2.456   -8.838  4.968   1.00 99.11  ? 15  ARG B NH1 1 
ATOM   680  N  NH2 . ARG B 1 18 ? 2.439   -10.394 6.674   1.00 102.38 ? 15  ARG B NH2 1 
ATOM   681  N  N   . LYS B 1 19 ? 2.742   -7.767  12.224  1.00 88.20  ? 16  LYS B N   1 
ATOM   682  C  CA  . LYS B 1 19 ? 2.088   -8.340  13.412  1.00 88.23  ? 16  LYS B CA  1 
ATOM   683  C  C   . LYS B 1 19 ? 2.588   -7.654  14.681  1.00 87.59  ? 16  LYS B C   1 
ATOM   684  O  O   . LYS B 1 19 ? 1.821   -7.309  15.583  1.00 85.35  ? 16  LYS B O   1 
ATOM   685  C  CB  . LYS B 1 19 ? 2.293   -9.860  13.505  1.00 90.13  ? 16  LYS B CB  1 
ATOM   686  C  CG  . LYS B 1 19 ? 1.607   -10.652 12.368  1.00 101.25 ? 16  LYS B CG  1 
ATOM   687  C  CD  . LYS B 1 19 ? 1.882   -12.176 12.412  1.00 107.15 ? 16  LYS B CD  1 
ATOM   688  C  CE  . LYS B 1 19 ? 1.162   -12.920 11.265  1.00 113.37 ? 16  LYS B CE  1 
ATOM   689  N  NZ  . LYS B 1 19 ? 1.085   -14.420 11.454  1.00 116.92 ? 16  LYS B NZ  1 
ATOM   690  N  N   . ILE B 1 20 ? 3.888   -7.438  14.739  1.00 88.11  ? 17  ILE B N   1 
ATOM   691  C  CA  . ILE B 1 20 ? 4.459   -6.703  15.851  1.00 88.43  ? 17  ILE B CA  1 
ATOM   692  C  C   . ILE B 1 20 ? 4.061   -5.224  15.863  1.00 87.50  ? 17  ILE B C   1 
ATOM   693  O  O   . ILE B 1 20 ? 3.759   -4.688  16.924  1.00 88.21  ? 17  ILE B O   1 
ATOM   694  C  CB  . ILE B 1 20 ? 5.981   -6.819  15.865  1.00 90.80  ? 17  ILE B CB  1 
ATOM   695  C  CG1 . ILE B 1 20 ? 6.383   -8.286  15.673  1.00 91.12  ? 17  ILE B CG1 1 
ATOM   696  C  CG2 . ILE B 1 20 ? 6.540   -6.259  17.162  1.00 88.76  ? 17  ILE B CG2 1 
ATOM   697  C  CD1 . ILE B 1 20 ? 7.840   -8.462  15.322  1.00 94.03  ? 17  ILE B CD1 1 
ATOM   698  N  N   . ILE B 1 21 ? 4.042   -4.546  14.718  1.00 85.97  ? 18  ILE B N   1 
ATOM   699  C  CA  . ILE B 1 21 ? 3.612   -3.150  14.787  1.00 86.36  ? 18  ILE B CA  1 
ATOM   700  C  C   . ILE B 1 21 ? 2.106   -3.057  15.055  1.00 82.76  ? 18  ILE B C   1 
ATOM   701  O  O   . ILE B 1 21 ? 1.633   -2.114  15.669  1.00 82.42  ? 18  ILE B O   1 
ATOM   702  C  CB  . ILE B 1 21 ? 3.968   -2.269  13.557  1.00 82.96  ? 18  ILE B CB  1 
ATOM   703  C  CG1 . ILE B 1 21 ? 2.746   -2.120  12.676  1.00 83.92  ? 18  ILE B CG1 1 
ATOM   704  C  CG2 . ILE B 1 21 ? 5.193   -2.759  12.782  1.00 84.52  ? 18  ILE B CG2 1 
ATOM   705  C  CD1 . ILE B 1 21 ? 2.462   -0.691  12.332  1.00 87.54  ? 18  ILE B CD1 1 
ATOM   706  N  N   . ALA B 1 22 ? 1.355   -4.041  14.584  1.00 83.70  ? 19  ALA B N   1 
ATOM   707  C  CA  . ALA B 1 22 ? -0.080  -4.059  14.802  1.00 83.23  ? 19  ALA B CA  1 
ATOM   708  C  C   . ALA B 1 22 ? -0.391  -4.229  16.283  1.00 86.14  ? 19  ALA B C   1 
ATOM   709  O  O   . ALA B 1 22 ? -1.311  -3.598  16.798  1.00 86.89  ? 19  ALA B O   1 
ATOM   710  C  CB  . ALA B 1 22 ? -0.742  -5.156  13.976  1.00 80.03  ? 19  ALA B CB  1 
ATOM   711  N  N   . ASP B 1 23 ? 0.373   -5.074  16.977  1.00 87.10  ? 20  ASP B N   1 
ATOM   712  C  CA  . ASP B 1 23 ? 0.121   -5.297  18.403  1.00 89.12  ? 20  ASP B CA  1 
ATOM   713  C  C   . ASP B 1 23 ? 0.448   -4.046  19.201  1.00 88.39  ? 20  ASP B C   1 
ATOM   714  O  O   . ASP B 1 23 ? -0.367  -3.569  19.985  1.00 90.66  ? 20  ASP B O   1 
ATOM   715  C  CB  . ASP B 1 23 ? 0.872   -6.524  18.946  1.00 88.91  ? 20  ASP B CB  1 
ATOM   716  C  CG  . ASP B 1 23 ? 0.278   -7.858  18.438  1.00 98.12  ? 20  ASP B CG  1 
ATOM   717  O  OD1 . ASP B 1 23 ? 0.866   -8.930  18.738  1.00 98.83  ? 20  ASP B OD1 1 
ATOM   718  O  OD2 . ASP B 1 23 ? -0.765  -7.841  17.727  1.00 96.59  ? 20  ASP B OD2 1 
ATOM   719  N  N   . ARG B 1 24 ? 1.630   -3.495  18.980  1.00 86.10  ? 21  ARG B N   1 
ATOM   720  C  CA  . ARG B 1 24 ? 2.023   -2.284  19.680  1.00 87.79  ? 21  ARG B CA  1 
ATOM   721  C  C   . ARG B 1 24 ? 1.083   -1.098  19.410  1.00 86.04  ? 21  ARG B C   1 
ATOM   722  O  O   . ARG B 1 24 ? 0.940   -0.209  20.247  1.00 87.21  ? 21  ARG B O   1 
ATOM   723  C  CB  . ARG B 1 24 ? 3.482   -1.930  19.361  1.00 88.52  ? 21  ARG B CB  1 
ATOM   724  C  CG  . ARG B 1 24 ? 4.480   -2.953  19.906  1.00 92.63  ? 21  ARG B CG  1 
ATOM   725  C  CD  . ARG B 1 24 ? 5.910   -2.398  19.974  1.00 95.74  ? 21  ARG B CD  1 
ATOM   726  N  NE  . ARG B 1 24 ? 5.976   -1.100  20.645  1.00 98.60  ? 21  ARG B NE  1 
ATOM   727  C  CZ  . ARG B 1 24 ? 7.060   -0.329  20.677  1.00 101.06 ? 21  ARG B CZ  1 
ATOM   728  N  NH1 . ARG B 1 24 ? 8.173   -0.731  20.077  1.00 101.19 ? 21  ARG B NH1 1 
ATOM   729  N  NH2 . ARG B 1 24 ? 7.029   0.844   21.301  1.00 101.07 ? 21  ARG B NH2 1 
HETATM 730  N  N   . MSE B 1 25 ? 0.437   -1.086  18.247  1.00 85.26  ? 22  MSE B N   1 
HETATM 731  C  CA  . MSE B 1 25 ? -0.505  -0.017  17.914  1.00 84.03  ? 22  MSE B CA  1 
HETATM 732  C  C   . MSE B 1 25 ? -1.732  -0.145  18.798  1.00 87.85  ? 22  MSE B C   1 
HETATM 733  O  O   . MSE B 1 25 ? -2.286  0.857   19.254  1.00 86.74  ? 22  MSE B O   1 
HETATM 734  C  CB  . MSE B 1 25 ? -0.923  -0.079  16.444  1.00 80.07  ? 22  MSE B CB  1 
HETATM 735  C  CG  . MSE B 1 25 ? 0.044   0.576   15.466  1.00 79.67  ? 22  MSE B CG  1 
HETATM 736  SE SE  . MSE B 1 25 ? -0.534  0.418   13.602  0.64 74.53  ? 22  MSE B SE  1 
HETATM 737  C  CE  . MSE B 1 25 ? -1.693  1.981   13.508  1.00 75.52  ? 22  MSE B CE  1 
ATOM   738  N  N   . LEU B 1 26 ? -2.143  -1.390  19.028  1.00 88.39  ? 23  LEU B N   1 
ATOM   739  C  CA  . LEU B 1 26 ? -3.274  -1.700  19.884  1.00 86.06  ? 23  LEU B CA  1 
ATOM   740  C  C   . LEU B 1 26 ? -2.929  -1.521  21.359  1.00 89.53  ? 23  LEU B C   1 
ATOM   741  O  O   . LEU B 1 26 ? -3.707  -0.952  22.115  1.00 89.49  ? 23  LEU B O   1 
ATOM   742  C  CB  . LEU B 1 26 ? -3.742  -3.127  19.646  1.00 86.21  ? 23  LEU B CB  1 
ATOM   743  C  CG  . LEU B 1 26 ? -4.621  -3.642  20.795  1.00 90.82  ? 23  LEU B CG  1 
ATOM   744  C  CD1 . LEU B 1 26 ? -5.937  -2.876  20.869  1.00 86.72  ? 23  LEU B CD1 1 
ATOM   745  C  CD2 . LEU B 1 26 ? -4.880  -5.152  20.705  1.00 88.76  ? 23  LEU B CD2 1 
ATOM   746  N  N   . GLN B 1 27 ? -1.766  -2.015  21.770  1.00 91.43  ? 24  GLN B N   1 
ATOM   747  C  CA  . GLN B 1 27 ? -1.368  -1.939  23.171  1.00 91.68  ? 24  GLN B CA  1 
ATOM   748  C  C   . GLN B 1 27 ? -1.105  -0.511  23.631  1.00 93.23  ? 24  GLN B C   1 
ATOM   749  O  O   . GLN B 1 27 ? -1.667  -0.072  24.640  1.00 95.93  ? 24  GLN B O   1 
ATOM   750  C  CB  . GLN B 1 27 ? -0.140  -2.811  23.445  1.00 93.25  ? 24  GLN B CB  1 
ATOM   751  C  CG  . GLN B 1 27 ? -0.410  -4.018  24.347  1.00 101.83 ? 24  GLN B CG  1 
ATOM   752  C  CD  . GLN B 1 27 ? -1.036  -5.210  23.615  1.00 103.86 ? 24  GLN B CD  1 
ATOM   753  O  OE1 . GLN B 1 27 ? -2.180  -5.596  23.895  1.00 103.97 ? 24  GLN B OE1 1 
ATOM   754  N  NE2 . GLN B 1 27 ? -0.279  -5.806  22.684  1.00 99.29  ? 24  GLN B NE2 1 
ATOM   755  N  N   . GLU B 1 28 ? -0.261  0.208   22.895  1.00 88.56  ? 25  GLU B N   1 
ATOM   756  C  CA  . GLU B 1 28 ? 0.287   1.473   23.379  1.00 88.77  ? 25  GLU B CA  1 
ATOM   757  C  C   . GLU B 1 28 ? -0.390  2.698   22.794  1.00 89.75  ? 25  GLU B C   1 
ATOM   758  O  O   . GLU B 1 28 ? -0.145  3.817   23.235  1.00 88.61  ? 25  GLU B O   1 
ATOM   759  C  CB  . GLU B 1 28 ? 1.787   1.523   23.117  1.00 87.45  ? 25  GLU B CB  1 
ATOM   760  C  CG  . GLU B 1 28 ? 2.465   0.239   23.544  1.00 94.74  ? 25  GLU B CG  1 
ATOM   761  C  CD  . GLU B 1 28 ? 3.892   0.101   23.023  1.00 101.39 ? 25  GLU B CD  1 
ATOM   762  O  OE1 . GLU B 1 28 ? 4.467   -1.015  23.183  1.00 100.06 ? 25  GLU B OE1 1 
ATOM   763  O  OE2 . GLU B 1 28 ? 4.422   1.100   22.462  1.00 96.62  ? 25  GLU B OE2 1 
ATOM   764  N  N   . LEU B 1 29 ? -1.244  2.485   21.802  1.00 90.86  ? 26  LEU B N   1 
ATOM   765  C  CA  . LEU B 1 29 ? -1.948  3.592   21.174  1.00 88.59  ? 26  LEU B CA  1 
ATOM   766  C  C   . LEU B 1 29 ? -3.464  3.412   21.182  1.00 87.98  ? 26  LEU B C   1 
ATOM   767  O  O   . LEU B 1 29 ? -4.208  4.320   20.822  1.00 86.07  ? 26  LEU B O   1 
ATOM   768  C  CB  . LEU B 1 29 ? -1.438  3.822   19.758  1.00 88.18  ? 26  LEU B CB  1 
ATOM   769  C  CG  . LEU B 1 29 ? -0.220  4.740   19.679  1.00 91.53  ? 26  LEU B CG  1 
ATOM   770  C  CD1 . LEU B 1 29 ? -0.146  5.607   20.936  1.00 92.13  ? 26  LEU B CD1 1 
ATOM   771  C  CD2 . LEU B 1 29 ? 1.065   3.959   19.468  1.00 90.43  ? 26  LEU B CD2 1 
ATOM   772  N  N   . ASP B 1 30 ? -3.914  2.236   21.602  1.00 87.90  ? 27  ASP B N   1 
ATOM   773  C  CA  . ASP B 1 30 ? -5.340  1.995   21.790  1.00 89.68  ? 27  ASP B CA  1 
ATOM   774  C  C   . ASP B 1 30 ? -6.061  2.036   20.455  1.00 87.03  ? 27  ASP B C   1 
ATOM   775  O  O   . ASP B 1 30 ? -7.272  2.275   20.378  1.00 86.80  ? 27  ASP B O   1 
ATOM   776  C  CB  . ASP B 1 30 ? -5.930  3.015   22.784  1.00 92.43  ? 27  ASP B CB  1 
ATOM   777  C  CG  . ASP B 1 30 ? -5.229  2.980   24.148  1.00 93.91  ? 27  ASP B CG  1 
ATOM   778  O  OD1 . ASP B 1 30 ? -5.580  2.092   24.979  1.00 87.86  ? 27  ASP B OD1 1 
ATOM   779  O  OD2 . ASP B 1 30 ? -4.318  3.835   24.364  1.00 90.58  ? 27  ASP B OD2 1 
ATOM   780  N  N   . LEU B 1 31 ? -5.299  1.783   19.399  1.00 86.00  ? 28  LEU B N   1 
ATOM   781  C  CA  . LEU B 1 31 ? -5.821  1.876   18.047  1.00 84.52  ? 28  LEU B CA  1 
ATOM   782  C  C   . LEU B 1 31 ? -6.446  0.587   17.549  1.00 82.47  ? 28  LEU B C   1 
ATOM   783  O  O   . LEU B 1 31 ? -5.870  -0.494  17.677  1.00 80.80  ? 28  LEU B O   1 
ATOM   784  C  CB  . LEU B 1 31 ? -4.725  2.327   17.091  1.00 84.67  ? 28  LEU B CB  1 
ATOM   785  C  CG  . LEU B 1 31 ? -4.387  3.811   17.212  1.00 83.88  ? 28  LEU B CG  1 
ATOM   786  C  CD1 . LEU B 1 31 ? -3.002  4.051   16.725  1.00 78.76  ? 28  LEU B CD1 1 
ATOM   787  C  CD2 . LEU B 1 31 ? -5.410  4.665   16.468  1.00 84.58  ? 28  LEU B CD2 1 
ATOM   788  N  N   . GLY B 1 32 ? -7.643  0.727   16.989  1.00 81.96  ? 29  GLY B N   1 
ATOM   789  C  CA  . GLY B 1 32 ? -8.302  -0.340  16.264  1.00 80.66  ? 29  GLY B CA  1 
ATOM   790  C  C   . GLY B 1 32 ? -7.863  -0.413  14.803  1.00 83.21  ? 29  GLY B C   1 
ATOM   791  O  O   . GLY B 1 32 ? -8.105  0.507   13.984  1.00 83.60  ? 29  GLY B O   1 
ATOM   792  N  N   . VAL B 1 33 ? -7.195  -1.519  14.489  1.00 78.50  ? 30  VAL B N   1 
ATOM   793  C  CA  . VAL B 1 33 ? -6.700  -1.771  13.153  1.00 80.17  ? 30  VAL B CA  1 
ATOM   794  C  C   . VAL B 1 33 ? -7.323  -3.056  12.637  1.00 83.32  ? 30  VAL B C   1 
ATOM   795  O  O   . VAL B 1 33 ? -7.672  -3.954  13.408  1.00 81.59  ? 30  VAL B O   1 
ATOM   796  C  CB  . VAL B 1 33 ? -5.153  -1.912  13.120  1.00 80.18  ? 30  VAL B CB  1 
ATOM   797  C  CG1 . VAL B 1 33 ? -4.494  -0.865  14.006  1.00 78.43  ? 30  VAL B CG1 1 
ATOM   798  C  CG2 . VAL B 1 33 ? -4.713  -3.323  13.516  1.00 75.52  ? 30  VAL B CG2 1 
ATOM   799  N  N   . THR B 1 34 ? -7.475  -3.138  11.329  1.00 84.03  ? 31  THR B N   1 
ATOM   800  C  CA  . THR B 1 34 ? -7.928  -4.369  10.710  1.00 85.86  ? 31  THR B CA  1 
ATOM   801  C  C   . THR B 1 34 ? -6.825  -4.850  9.756   1.00 85.41  ? 31  THR B C   1 
ATOM   802  O  O   . THR B 1 34 ? -6.170  -4.043  9.103   1.00 86.31  ? 31  THR B O   1 
ATOM   803  C  CB  . THR B 1 34 ? -9.306  -4.165  10.028  1.00 87.32  ? 31  THR B CB  1 
ATOM   804  O  OG1 . THR B 1 34 ? -9.278  -4.726  8.713   1.00 92.83  ? 31  THR B OG1 1 
ATOM   805  C  CG2 . THR B 1 34 ? -9.662  -2.661  9.935   1.00 85.41  ? 31  THR B CG2 1 
HETATM 806  N  N   . MSE B 1 35 ? -6.588  -6.152  9.708   1.00 82.57  ? 32  MSE B N   1 
HETATM 807  C  CA  . MSE B 1 35 ? -5.553  -6.687  8.839   1.00 85.56  ? 32  MSE B CA  1 
HETATM 808  C  C   . MSE B 1 35 ? -6.103  -7.014  7.436   1.00 87.34  ? 32  MSE B C   1 
HETATM 809  O  O   . MSE B 1 35 ? -6.739  -8.040  7.241   1.00 88.32  ? 32  MSE B O   1 
HETATM 810  C  CB  . MSE B 1 35 ? -4.931  -7.926  9.483   1.00 84.75  ? 32  MSE B CB  1 
HETATM 811  C  CG  . MSE B 1 35 ? -3.464  -8.121  9.172   1.00 93.14  ? 32  MSE B CG  1 
HETATM 812  SE SE  . MSE B 1 35 ? -2.317  -6.717  9.944   0.48 92.40  ? 32  MSE B SE  1 
HETATM 813  C  CE  . MSE B 1 35 ? -2.767  -7.014  11.796  1.00 82.74  ? 32  MSE B CE  1 
ATOM   814  N  N   . LEU B 1 36 ? -5.860  -6.136  6.462   1.00 89.47  ? 33  LEU B N   1 
ATOM   815  C  CA  . LEU B 1 36 ? -6.321  -6.362  5.086   1.00 90.45  ? 33  LEU B CA  1 
ATOM   816  C  C   . LEU B 1 36 ? -5.420  -7.300  4.306   1.00 92.61  ? 33  LEU B C   1 
ATOM   817  O  O   . LEU B 1 36 ? -4.203  -7.340  4.518   1.00 92.30  ? 33  LEU B O   1 
ATOM   818  C  CB  . LEU B 1 36 ? -6.483  -5.056  4.306   1.00 91.55  ? 33  LEU B CB  1 
ATOM   819  C  CG  . LEU B 1 36 ? -7.469  -4.034  4.906   1.00 98.13  ? 33  LEU B CG  1 
ATOM   820  C  CD1 . LEU B 1 36 ? -8.036  -3.128  3.816   1.00 96.85  ? 33  LEU B CD1 1 
ATOM   821  C  CD2 . LEU B 1 36 ? -8.601  -4.729  5.674   1.00 94.18  ? 33  LEU B CD2 1 
ATOM   822  N  N   . GLN B 1 37 ? -6.037  -8.082  3.424   1.00 96.43  ? 34  GLN B N   1 
ATOM   823  C  CA  . GLN B 1 37 ? -5.294  -9.013  2.585   1.00 96.43  ? 34  GLN B CA  1 
ATOM   824  C  C   . GLN B 1 37 ? -5.194  -8.365  1.207   1.00 93.55  ? 34  GLN B C   1 
ATOM   825  O  O   . GLN B 1 37 ? -6.202  -8.011  0.600   1.00 92.10  ? 34  GLN B O   1 
ATOM   826  C  CB  . GLN B 1 37 ? -5.967  -10.397 2.526   1.00 95.05  ? 34  GLN B CB  1 
ATOM   827  C  CG  . GLN B 1 37 ? -4.983  -11.589 2.421   1.00 99.76  ? 34  GLN B CG  1 
ATOM   828  C  CD  . GLN B 1 37 ? -4.618  -12.222 3.785   1.00 109.64 ? 34  GLN B CD  1 
ATOM   829  O  OE1 . GLN B 1 37 ? -3.444  -12.218 4.203   1.00 105.64 ? 34  GLN B OE1 1 
ATOM   830  N  NE2 . GLN B 1 37 ? -5.629  -12.781 4.474   1.00 107.30 ? 34  GLN B NE2 1 
ATOM   831  N  N   . ALA B 1 38 ? -3.966  -8.182  0.740   1.00 91.07  ? 35  ALA B N   1 
ATOM   832  C  CA  . ALA B 1 38 ? -3.710  -7.484  -0.509  1.00 88.67  ? 35  ALA B CA  1 
ATOM   833  C  C   . ALA B 1 38 ? -3.780  -8.432  -1.718  1.00 89.47  ? 35  ALA B C   1 
ATOM   834  O  O   . ALA B 1 38 ? -3.473  -9.618  -1.605  1.00 90.86  ? 35  ALA B O   1 
ATOM   835  C  CB  . ALA B 1 38 ? -2.349  -6.783  -0.442  1.00 83.01  ? 35  ALA B CB  1 
ATOM   836  N  N   . VAL B 1 39 ? -4.191  -7.893  -2.869  1.00 86.40  ? 36  VAL B N   1 
ATOM   837  C  CA  . VAL B 1 39 ? -4.262  -8.651  -4.111  1.00 82.82  ? 36  VAL B CA  1 
ATOM   838  C  C   . VAL B 1 39 ? -2.869  -8.707  -4.714  1.00 82.26  ? 36  VAL B C   1 
ATOM   839  O  O   . VAL B 1 39 ? -2.388  -7.707  -5.263  1.00 80.93  ? 36  VAL B O   1 
ATOM   840  C  CB  . VAL B 1 39 ? -5.257  -7.984  -5.122  1.00 83.74  ? 36  VAL B CB  1 
ATOM   841  C  CG1 . VAL B 1 39 ? -5.247  -8.691  -6.485  1.00 79.45  ? 36  VAL B CG1 1 
ATOM   842  C  CG2 . VAL B 1 39 ? -6.673  -7.949  -4.547  1.00 80.09  ? 36  VAL B CG2 1 
ATOM   843  N  N   . GLY B 1 40 ? -2.206  -9.861  -4.608  1.00 82.27  ? 37  GLY B N   1 
ATOM   844  C  CA  . GLY B 1 40 ? -0.882  -10.015 -5.193  1.00 80.94  ? 37  GLY B CA  1 
ATOM   845  C  C   . GLY B 1 40 ? -0.961  -10.277 -6.680  1.00 78.42  ? 37  GLY B C   1 
ATOM   846  O  O   . GLY B 1 40 ? -2.040  -10.520 -7.207  1.00 82.04  ? 37  GLY B O   1 
ATOM   847  N  N   . ALA B 1 41 ? 0.164   -10.235 -7.378  1.00 78.63  ? 38  ALA B N   1 
ATOM   848  C  CA  . ALA B 1 41 ? 0.177   -10.720 -8.754  1.00 78.07  ? 38  ALA B CA  1 
ATOM   849  C  C   . ALA B 1 41 ? -0.485  -12.115 -8.844  1.00 83.63  ? 38  ALA B C   1 
ATOM   850  O  O   . ALA B 1 41 ? -1.215  -12.408 -9.793  1.00 82.46  ? 38  ALA B O   1 
ATOM   851  C  CB  . ALA B 1 41 ? 1.584   -10.760 -9.277  1.00 76.53  ? 38  ALA B CB  1 
ATOM   852  N  N   . TYR B 1 42 ? -0.238  -12.962 -7.838  1.00 84.78  ? 39  TYR B N   1 
ATOM   853  C  CA  . TYR B 1 42 ? -0.789  -14.316 -7.774  1.00 82.65  ? 39  TYR B CA  1 
ATOM   854  C  C   . TYR B 1 42 ? -1.623  -14.445 -6.533  1.00 85.27  ? 39  TYR B C   1 
ATOM   855  O  O   . TYR B 1 42 ? -1.340  -13.768 -5.550  1.00 86.51  ? 39  TYR B O   1 
ATOM   856  C  CB  . TYR B 1 42 ? 0.329   -15.346 -7.665  1.00 84.40  ? 39  TYR B CB  1 
ATOM   857  C  CG  . TYR B 1 42 ? 1.168   -15.488 -8.904  1.00 84.97  ? 39  TYR B CG  1 
ATOM   858  C  CD1 . TYR B 1 42 ? 2.418   -14.892 -8.988  1.00 85.22  ? 39  TYR B CD1 1 
ATOM   859  C  CD2 . TYR B 1 42 ? 0.712   -16.213 -9.999  1.00 85.34  ? 39  TYR B CD2 1 
ATOM   860  C  CE1 . TYR B 1 42 ? 3.197   -15.016 -10.124 1.00 84.15  ? 39  TYR B CE1 1 
ATOM   861  C  CE2 . TYR B 1 42 ? 1.481   -16.335 -11.150 1.00 82.86  ? 39  TYR B CE2 1 
ATOM   862  C  CZ  . TYR B 1 42 ? 2.727   -15.741 -11.203 1.00 84.67  ? 39  TYR B CZ  1 
ATOM   863  O  OH  . TYR B 1 42 ? 3.507   -15.852 -12.345 1.00 87.47  ? 39  TYR B OH  1 
ATOM   864  N  N   . LYS B 1 43 ? -2.612  -15.339 -6.548  1.00 86.58  ? 40  LYS B N   1 
ATOM   865  C  CA  . LYS B 1 43 ? -3.452  -15.553 -5.366  1.00 86.57  ? 40  LYS B CA  1 
ATOM   866  C  C   . LYS B 1 43 ? -2.762  -16.310 -4.225  1.00 88.05  ? 40  LYS B C   1 
ATOM   867  O  O   . LYS B 1 43 ? -3.105  -16.094 -3.066  1.00 89.03  ? 40  LYS B O   1 
ATOM   868  C  CB  . LYS B 1 43 ? -4.802  -16.180 -5.736  1.00 89.24  ? 40  LYS B CB  1 
ATOM   869  C  CG  . LYS B 1 43 ? -5.625  -15.298 -6.720  1.00 98.85  ? 40  LYS B CG  1 
ATOM   870  C  CD  . LYS B 1 43 ? -7.046  -15.851 -7.103  1.00 102.71 ? 40  LYS B CD  1 
ATOM   871  C  CE  . LYS B 1 43 ? -7.856  -14.813 -7.960  1.00 98.70  ? 40  LYS B CE  1 
ATOM   872  N  NZ  . LYS B 1 43 ? -8.792  -15.395 -9.003  1.00 92.11  ? 40  LYS B NZ  1 
ATOM   873  N  N   . ASN B 1 44 ? -1.787  -17.173 -4.545  1.00 92.85  ? 41  ASN B N   1 
ATOM   874  C  CA  . ASN B 1 44 ? -0.994  -17.875 -3.516  1.00 92.95  ? 41  ASN B CA  1 
ATOM   875  C  C   . ASN B 1 44 ? -0.182  -16.915 -2.682  1.00 94.63  ? 41  ASN B C   1 
ATOM   876  O  O   . ASN B 1 44 ? -0.013  -17.125 -1.482  1.00 102.80 ? 41  ASN B O   1 
ATOM   877  C  CB  . ASN B 1 44 ? 0.053   -18.836 -4.090  1.00 94.82  ? 41  ASN B CB  1 
ATOM   878  C  CG  . ASN B 1 44 ? -0.395  -19.544 -5.309  1.00 90.80  ? 41  ASN B CG  1 
ATOM   879  O  OD1 . ASN B 1 44 ? -0.609  -18.920 -6.358  1.00 87.14  ? 41  ASN B OD1 1 
ATOM   880  N  ND2 . ASN B 1 44 ? -0.479  -20.874 -5.219  1.00 85.28  ? 41  ASN B ND2 1 
ATOM   881  N  N   . ASN B 1 45 ? 0.364   -15.893 -3.341  1.00 93.45  ? 42  ASN B N   1 
ATOM   882  C  CA  . ASN B 1 45 ? 1.256   -14.912 -2.708  1.00 93.96  ? 42  ASN B CA  1 
ATOM   883  C  C   . ASN B 1 45 ? 0.589   -13.918 -1.769  1.00 94.00  ? 42  ASN B C   1 
ATOM   884  O  O   . ASN B 1 45 ? 0.431   -12.740 -2.102  1.00 98.60  ? 42  ASN B O   1 
ATOM   885  C  CB  . ASN B 1 45 ? 2.037   -14.143 -3.769  1.00 91.30  ? 42  ASN B CB  1 
ATOM   886  C  CG  . ASN B 1 45 ? 3.493   -14.517 -3.792  1.00 93.13  ? 42  ASN B CG  1 
ATOM   887  O  OD1 . ASN B 1 45 ? 4.113   -14.679 -2.738  1.00 94.96  ? 42  ASN B OD1 1 
ATOM   888  N  ND2 . ASN B 1 45 ? 4.054   -14.653 -4.991  1.00 93.23  ? 42  ASN B ND2 1 
ATOM   889  N  N   . GLU B 1 46 ? 0.218   -14.394 -0.586  1.00 97.45  ? 43  GLU B N   1 
ATOM   890  C  CA  . GLU B 1 46 ? -0.427  -13.547 0.401   1.00 101.10 ? 43  GLU B CA  1 
ATOM   891  C  C   . GLU B 1 46 ? 0.555   -12.507 0.936   1.00 98.19  ? 43  GLU B C   1 
ATOM   892  O  O   . GLU B 1 46 ? 1.710   -12.806 1.269   1.00 96.31  ? 43  GLU B O   1 
ATOM   893  C  CB  . GLU B 1 46 ? -1.023  -14.376 1.555   1.00 102.82 ? 43  GLU B CB  1 
ATOM   894  C  CG  . GLU B 1 46 ? -1.625  -15.713 1.124   1.00 103.90 ? 43  GLU B CG  1 
ATOM   895  C  CD  . GLU B 1 46 ? -2.812  -16.142 1.989   1.00 111.68 ? 43  GLU B CD  1 
ATOM   896  O  OE1 . GLU B 1 46 ? -3.932  -16.265 1.431   1.00 109.37 ? 43  GLU B OE1 1 
ATOM   897  O  OE2 . GLU B 1 46 ? -2.622  -16.344 3.216   1.00 110.63 ? 43  GLU B OE2 1 
ATOM   898  N  N   . THR B 1 47 ? 0.092   -11.270 0.977   1.00 96.09  ? 44  THR B N   1 
ATOM   899  C  CA  . THR B 1 47 ? 0.795   -10.237 1.699   1.00 93.60  ? 44  THR B CA  1 
ATOM   900  C  C   . THR B 1 47 ? -0.301  -9.422  2.349   1.00 90.69  ? 44  THR B C   1 
ATOM   901  O  O   . THR B 1 47 ? -1.289  -9.073  1.712   1.00 91.24  ? 44  THR B O   1 
ATOM   902  C  CB  . THR B 1 47 ? 1.743   -9.438  0.774   1.00 91.67  ? 44  THR B CB  1 
ATOM   903  O  OG1 . THR B 1 47 ? 1.972   -8.125  1.306   1.00 87.64  ? 44  THR B OG1 1 
ATOM   904  C  CG2 . THR B 1 47 ? 1.181   -9.374  -0.649  1.00 90.49  ? 44  THR B CG2 1 
ATOM   905  N  N   . GLU B 1 48 ? -0.179  -9.208  3.648   1.00 92.22  ? 45  GLU B N   1 
ATOM   906  C  CA  . GLU B 1 48 ? -1.222  -8.490  4.349   1.00 91.88  ? 45  GLU B CA  1 
ATOM   907  C  C   . GLU B 1 48 ? -0.738  -7.097  4.717   1.00 87.79  ? 45  GLU B C   1 
ATOM   908  O  O   . GLU B 1 48 ? 0.442   -6.844  4.932   1.00 87.76  ? 45  GLU B O   1 
ATOM   909  C  CB  . GLU B 1 48 ? -1.741  -9.271  5.568   1.00 94.09  ? 45  GLU B CB  1 
ATOM   910  C  CG  . GLU B 1 48 ? -0.665  -10.053 6.354   1.00 96.39  ? 45  GLU B CG  1 
ATOM   911  C  CD  . GLU B 1 48 ? -1.118  -10.445 7.783   1.00 103.48 ? 45  GLU B CD  1 
ATOM   912  O  OE1 . GLU B 1 48 ? -2.306  -10.837 7.958   1.00 104.12 ? 45  GLU B OE1 1 
ATOM   913  O  OE2 . GLU B 1 48 ? -0.285  -10.361 8.730   1.00 100.70 ? 45  GLU B OE2 1 
ATOM   914  N  N   . VAL B 1 49 ? -1.691  -6.197  4.778   1.00 83.60  ? 46  VAL B N   1 
ATOM   915  C  CA  . VAL B 1 49 ? -1.429  -4.818  5.025   1.00 81.16  ? 46  VAL B CA  1 
ATOM   916  C  C   . VAL B 1 49 ? -2.247  -4.407  6.249   1.00 84.31  ? 46  VAL B C   1 
ATOM   917  O  O   . VAL B 1 49 ? -3.358  -4.894  6.447   1.00 85.87  ? 46  VAL B O   1 
ATOM   918  C  CB  . VAL B 1 49 ? -1.842  -4.043  3.776   1.00 79.63  ? 46  VAL B CB  1 
ATOM   919  C  CG1 . VAL B 1 49 ? -2.524  -2.740  4.120   1.00 78.06  ? 46  VAL B CG1 1 
ATOM   920  C  CG2 . VAL B 1 49 ? -0.650  -3.870  2.866   1.00 78.22  ? 46  VAL B CG2 1 
ATOM   921  N  N   . ILE B 1 50 ? -1.693  -3.543  7.092   1.00 81.97  ? 47  ILE B N   1 
ATOM   922  C  CA  . ILE B 1 50 ? -2.450  -3.007  8.215   1.00 81.17  ? 47  ILE B CA  1 
ATOM   923  C  C   . ILE B 1 50 ? -3.270  -1.840  7.721   1.00 81.45  ? 47  ILE B C   1 
ATOM   924  O  O   . ILE B 1 50 ? -2.731  -0.923  7.101   1.00 78.75  ? 47  ILE B O   1 
ATOM   925  C  CB  . ILE B 1 50 ? -1.544  -2.492  9.342   1.00 79.39  ? 47  ILE B CB  1 
ATOM   926  C  CG1 . ILE B 1 50 ? -0.811  -3.638  10.004  1.00 79.20  ? 47  ILE B CG1 1 
ATOM   927  C  CG2 . ILE B 1 50 ? -2.347  -1.762  10.397  1.00 78.30  ? 47  ILE B CG2 1 
ATOM   928  C  CD1 . ILE B 1 50 ? 0.223   -3.165  10.946  1.00 79.52  ? 47  ILE B CD1 1 
HETATM 929  N  N   . MSE B 1 51 ? -4.573  -1.878  7.979   1.00 85.37  ? 48  MSE B N   1 
HETATM 930  C  CA  . MSE B 1 51 ? -5.420  -0.725  7.709   1.00 84.64  ? 48  MSE B CA  1 
HETATM 931  C  C   . MSE B 1 51 ? -5.880  -0.072  9.000   1.00 82.12  ? 48  MSE B C   1 
HETATM 932  O  O   . MSE B 1 51 ? -6.306  -0.735  9.934   1.00 79.95  ? 48  MSE B O   1 
HETATM 933  C  CB  . MSE B 1 51 ? -6.627  -1.087  6.860   1.00 86.75  ? 48  MSE B CB  1 
HETATM 934  C  CG  . MSE B 1 51 ? -7.634  0.047   6.826   1.00 91.55  ? 48  MSE B CG  1 
HETATM 935  SE SE  . MSE B 1 51 ? -9.164  -0.412  5.737   0.50 115.11 ? 48  MSE B SE  1 
HETATM 936  C  CE  . MSE B 1 51 ? -9.751  -2.027  6.652   1.00 97.92  ? 48  MSE B CE  1 
ATOM   937  N  N   . CYS B 1 52 ? -5.789  1.243   9.044   1.00 81.65  ? 49  CYS B N   1 
ATOM   938  C  CA  . CYS B 1 52 ? -6.185  1.944   10.223  1.00 80.39  ? 49  CYS B CA  1 
ATOM   939  C  C   . CYS B 1 52 ? -6.698  3.326   9.884   1.00 85.10  ? 49  CYS B C   1 
ATOM   940  O  O   . CYS B 1 52 ? -6.020  4.126   9.252   1.00 86.24  ? 49  CYS B O   1 
ATOM   941  C  CB  . CYS B 1 52 ? -5.016  2.036   11.189  1.00 79.96  ? 49  CYS B CB  1 
ATOM   942  S  SG  . CYS B 1 52 ? -5.461  2.737   12.800  1.00 85.20  ? 49  CYS B SG  1 
ATOM   943  N  N   . VAL B 1 53 ? -7.918  3.605   10.317  1.00 87.86  ? 50  VAL B N   1 
ATOM   944  C  CA  . VAL B 1 53 ? -8.439  4.954   10.252  1.00 89.82  ? 50  VAL B CA  1 
ATOM   945  C  C   . VAL B 1 53 ? -7.977  5.753   11.472  1.00 90.19  ? 50  VAL B C   1 
ATOM   946  O  O   . VAL B 1 53 ? -8.095  5.280   12.607  1.00 90.73  ? 50  VAL B O   1 
ATOM   947  C  CB  . VAL B 1 53 ? -9.958  4.932   10.216  1.00 89.98  ? 50  VAL B CB  1 
ATOM   948  C  CG1 . VAL B 1 53 ? -10.488 6.357   10.200  1.00 97.04  ? 50  VAL B CG1 1 
ATOM   949  C  CG2 . VAL B 1 53 ? -10.445 4.142   9.010   1.00 84.92  ? 50  VAL B CG2 1 
HETATM 950  N  N   . MSE B 1 54 ? -7.464  6.961   11.248  1.00 90.69  ? 51  MSE B N   1 
HETATM 951  C  CA  . MSE B 1 54 ? -6.905  7.729   12.350  1.00 93.02  ? 51  MSE B CA  1 
HETATM 952  C  C   . MSE B 1 54 ? -6.767  9.236   12.095  1.00 98.48  ? 51  MSE B C   1 
HETATM 953  O  O   . MSE B 1 54 ? -6.635  9.678   10.957  1.00 97.26  ? 51  MSE B O   1 
HETATM 954  C  CB  . MSE B 1 54 ? -5.544  7.163   12.716  1.00 92.09  ? 51  MSE B CB  1 
HETATM 955  C  CG  . MSE B 1 54 ? -4.457  7.581   11.758  1.00 96.32  ? 51  MSE B CG  1 
HETATM 956  SE SE  . MSE B 1 54 ? -2.755  6.685   12.109  1.00 118.14 ? 51  MSE B SE  1 
HETATM 957  C  CE  . MSE B 1 54 ? -3.216  4.859   11.609  1.00 95.07  ? 51  MSE B CE  1 
ATOM   958  N  N   . ARG B 1 55 ? -6.790  10.011  13.179  1.00 100.58 ? 52  ARG B N   1 
ATOM   959  C  CA  . ARG B 1 55 ? -6.659  11.459  13.100  1.00 101.20 ? 52  ARG B CA  1 
ATOM   960  C  C   . ARG B 1 55 ? -5.272  11.771  12.600  1.00 101.94 ? 52  ARG B C   1 
ATOM   961  O  O   . ARG B 1 55 ? -4.323  11.046  12.910  1.00 99.09  ? 52  ARG B O   1 
ATOM   962  C  CB  . ARG B 1 55 ? -6.867  12.130  14.466  1.00 102.16 ? 52  ARG B CB  1 
ATOM   963  C  CG  . ARG B 1 55 ? -8.111  11.678  15.255  1.00 108.33 ? 52  ARG B CG  1 
ATOM   964  C  CD  . ARG B 1 55 ? -8.787  12.845  15.983  1.00 108.68 ? 52  ARG B CD  1 
ATOM   965  N  NE  . ARG B 1 55 ? -9.622  13.632  15.065  1.00 117.89 ? 52  ARG B NE  1 
ATOM   966  C  CZ  . ARG B 1 55 ? -10.653 14.406  15.421  1.00 119.04 ? 52  ARG B CZ  1 
ATOM   967  N  NH1 . ARG B 1 55 ? -11.330 15.073  14.482  1.00 117.00 ? 52  ARG B NH1 1 
ATOM   968  N  NH2 . ARG B 1 55 ? -11.022 14.507  16.702  1.00 112.38 ? 52  ARG B NH2 1 
ATOM   969  N  N   . LYS B 1 56 ? -5.158  12.856  11.837  1.00 104.55 ? 53  LYS B N   1 
ATOM   970  C  CA  . LYS B 1 56 ? -3.892  13.259  11.236  1.00 104.26 ? 53  LYS B CA  1 
ATOM   971  C  C   . LYS B 1 56 ? -2.743  13.406  12.241  1.00 102.02 ? 53  LYS B C   1 
ATOM   972  O  O   . LYS B 1 56 ? -1.590  13.538  11.842  1.00 101.47 ? 53  LYS B O   1 
ATOM   973  C  CB  . LYS B 1 56 ? -4.076  14.561  10.433  1.00 115.45 ? 53  LYS B CB  1 
ATOM   974  C  CG  . LYS B 1 56 ? -2.813  15.443  10.296  1.00 115.45 ? 53  LYS B CG  1 
ATOM   975  C  CD  . LYS B 1 56 ? -3.131  16.874  9.816   1.00 119.95 ? 53  LYS B CD  1 
ATOM   976  C  CE  . LYS B 1 56 ? -2.199  17.908  10.492  1.00 124.76 ? 53  LYS B CE  1 
ATOM   977  N  NZ  . LYS B 1 56 ? -2.316  19.314  9.952   1.00 123.22 ? 53  LYS B NZ  1 
ATOM   978  N  N   . ALA B 1 57 ? -3.054  13.385  13.535  1.00 100.95 ? 54  ALA B N   1 
ATOM   979  C  CA  . ALA B 1 57 ? -2.046  13.614  14.576  1.00 98.55  ? 54  ALA B CA  1 
ATOM   980  C  C   . ALA B 1 57 ? -1.632  12.326  15.300  1.00 96.81  ? 54  ALA B C   1 
ATOM   981  O  O   . ALA B 1 57 ? -0.603  12.268  15.982  1.00 95.45  ? 54  ALA B O   1 
ATOM   982  C  CB  . ALA B 1 57 ? -2.541  14.647  15.561  1.00 98.80  ? 54  ALA B CB  1 
ATOM   983  N  N   . THR B 1 58 ? -2.444  11.291  15.146  1.00 96.80  ? 55  THR B N   1 
ATOM   984  C  CA  . THR B 1 58 ? -2.077  9.968   15.601  1.00 94.06  ? 55  THR B CA  1 
ATOM   985  C  C   . THR B 1 58 ? -0.958  9.440   14.705  1.00 92.79  ? 55  THR B C   1 
ATOM   986  O  O   . THR B 1 58 ? -0.145  8.606   15.110  1.00 92.22  ? 55  THR B O   1 
ATOM   987  C  CB  . THR B 1 58 ? -3.264  9.028   15.459  1.00 94.16  ? 55  THR B CB  1 
ATOM   988  O  OG1 . THR B 1 58 ? -4.430  9.640   16.021  1.00 96.90  ? 55  THR B OG1 1 
ATOM   989  C  CG2 . THR B 1 58 ? -2.982  7.720   16.143  1.00 87.36  ? 55  THR B CG2 1 
ATOM   990  N  N   . LEU B 1 59 ? -0.929  9.935   13.477  1.00 91.48  ? 56  LEU B N   1 
ATOM   991  C  CA  . LEU B 1 59 ? 0.015   9.465   12.479  1.00 92.09  ? 56  LEU B CA  1 
ATOM   992  C  C   . LEU B 1 59 ? 1.480   9.581   12.900  1.00 91.33  ? 56  LEU B C   1 
ATOM   993  O  O   . LEU B 1 59 ? 2.290   8.689   12.625  1.00 89.11  ? 56  LEU B O   1 
ATOM   994  C  CB  . LEU B 1 59 ? -0.184  10.235  11.186  1.00 91.99  ? 56  LEU B CB  1 
ATOM   995  C  CG  . LEU B 1 59 ? 0.351   9.464   9.985   1.00 95.44  ? 56  LEU B CG  1 
ATOM   996  C  CD1 . LEU B 1 59 ? -0.689  8.447   9.526   1.00 93.67  ? 56  LEU B CD1 1 
ATOM   997  C  CD2 . LEU B 1 59 ? 0.710   10.411  8.854   1.00 100.06 ? 56  LEU B CD2 1 
ATOM   998  N  N   . VAL B 1 60 ? 1.816   10.691  13.546  1.00 89.77  ? 57  VAL B N   1 
ATOM   999  C  CA  . VAL B 1 60 ? 3.169   10.913  14.019  1.00 87.00  ? 57  VAL B CA  1 
ATOM   1000 C  C   . VAL B 1 60 ? 3.552   9.866   15.038  1.00 87.60  ? 57  VAL B C   1 
ATOM   1001 O  O   . VAL B 1 60 ? 4.662   9.328   14.999  1.00 85.30  ? 57  VAL B O   1 
ATOM   1002 C  CB  . VAL B 1 60 ? 3.318   12.289  14.669  1.00 88.19  ? 57  VAL B CB  1 
ATOM   1003 C  CG1 . VAL B 1 60 ? 4.686   12.413  15.368  1.00 83.83  ? 57  VAL B CG1 1 
ATOM   1004 C  CG2 . VAL B 1 60 ? 3.118   13.381  13.624  1.00 85.95  ? 57  VAL B CG2 1 
ATOM   1005 N  N   . LYS B 1 61 ? 2.639   9.588   15.966  1.00 88.20  ? 58  LYS B N   1 
ATOM   1006 C  CA  . LYS B 1 61 ? 2.926   8.601   16.993  1.00 88.81  ? 58  LYS B CA  1 
ATOM   1007 C  C   . LYS B 1 61 ? 3.223   7.274   16.319  1.00 85.80  ? 58  LYS B C   1 
ATOM   1008 O  O   . LYS B 1 61 ? 4.120   6.549   16.734  1.00 85.80  ? 58  LYS B O   1 
ATOM   1009 C  CB  . LYS B 1 61 ? 1.777   8.476   18.002  1.00 90.44  ? 58  LYS B CB  1 
ATOM   1010 C  CG  . LYS B 1 61 ? 1.678   9.636   19.007  1.00 96.71  ? 58  LYS B CG  1 
ATOM   1011 C  CD  . LYS B 1 61 ? 0.473   9.471   19.955  1.00 101.35 ? 58  LYS B CD  1 
ATOM   1012 C  CE  . LYS B 1 61 ? 0.006   10.815  20.539  1.00 102.82 ? 58  LYS B CE  1 
ATOM   1013 N  NZ  . LYS B 1 61 ? -1.494  10.897  20.652  1.00 97.76  ? 58  LYS B NZ  1 
ATOM   1014 N  N   . VAL B 1 62 ? 2.489   6.982   15.253  1.00 83.93  ? 59  VAL B N   1 
ATOM   1015 C  CA  . VAL B 1 62 ? 2.628   5.707   14.568  1.00 84.48  ? 59  VAL B CA  1 
ATOM   1016 C  C   . VAL B 1 62 ? 3.911   5.642   13.762  1.00 83.50  ? 59  VAL B C   1 
ATOM   1017 O  O   . VAL B 1 62 ? 4.613   4.636   13.744  1.00 81.74  ? 59  VAL B O   1 
ATOM   1018 C  CB  . VAL B 1 62 ? 1.452   5.481   13.629  1.00 87.09  ? 59  VAL B CB  1 
ATOM   1019 C  CG1 . VAL B 1 62 ? 1.758   4.341   12.677  1.00 84.75  ? 59  VAL B CG1 1 
ATOM   1020 C  CG2 . VAL B 1 62 ? 0.202   5.198   14.436  1.00 83.39  ? 59  VAL B CG2 1 
ATOM   1021 N  N   . ARG B 1 63 ? 4.196   6.737   13.080  1.00 82.38  ? 60  ARG B N   1 
ATOM   1022 C  CA  . ARG B 1 63 ? 5.435   6.884   12.365  1.00 82.15  ? 60  ARG B CA  1 
ATOM   1023 C  C   . ARG B 1 63 ? 6.612   6.560   13.272  1.00 83.76  ? 60  ARG B C   1 
ATOM   1024 O  O   . ARG B 1 63 ? 7.533   5.860   12.872  1.00 83.66  ? 60  ARG B O   1 
ATOM   1025 C  CB  . ARG B 1 63 ? 5.555   8.319   11.872  1.00 83.64  ? 60  ARG B CB  1 
ATOM   1026 C  CG  . ARG B 1 63 ? 6.121   8.419   10.498  1.00 82.76  ? 60  ARG B CG  1 
ATOM   1027 C  CD  . ARG B 1 63 ? 7.142   9.507   10.399  1.00 84.21  ? 60  ARG B CD  1 
ATOM   1028 N  NE  . ARG B 1 63 ? 7.701   9.539   9.051   1.00 87.60  ? 60  ARG B NE  1 
ATOM   1029 C  CZ  . ARG B 1 63 ? 7.486   10.521  8.177   1.00 89.76  ? 60  ARG B CZ  1 
ATOM   1030 N  NH1 . ARG B 1 63 ? 6.733   11.561  8.536   1.00 90.70  ? 60  ARG B NH1 1 
ATOM   1031 N  NH2 . ARG B 1 63 ? 8.022   10.472  6.954   1.00 85.47  ? 60  ARG B NH2 1 
ATOM   1032 N  N   . ASN B 1 64 ? 6.580   7.073   14.496  1.00 85.72  ? 61  ASN B N   1 
ATOM   1033 C  CA  . ASN B 1 64 ? 7.684   6.883   15.436  1.00 85.53  ? 61  ASN B CA  1 
ATOM   1034 C  C   . ASN B 1 64 ? 7.734   5.460   15.939  1.00 86.39  ? 61  ASN B C   1 
ATOM   1035 O  O   . ASN B 1 64 ? 8.783   4.925   16.290  1.00 90.53  ? 61  ASN B O   1 
ATOM   1036 C  CB  . ASN B 1 64 ? 7.560   7.854   16.602  1.00 87.16  ? 61  ASN B CB  1 
ATOM   1037 C  CG  . ASN B 1 64 ? 7.788   9.291   16.174  1.00 91.62  ? 61  ASN B CG  1 
ATOM   1038 O  OD1 . ASN B 1 64 ? 8.335   9.547   15.093  1.00 88.86  ? 61  ASN B OD1 1 
ATOM   1039 N  ND2 . ASN B 1 64 ? 7.361   10.239  17.008  1.00 93.10  ? 61  ASN B ND2 1 
ATOM   1040 N  N   . LEU B 1 65 ? 6.580   4.835   15.967  1.00 84.00  ? 62  LEU B N   1 
ATOM   1041 C  CA  . LEU B 1 65 ? 6.525   3.440   16.285  1.00 83.41  ? 62  LEU B CA  1 
ATOM   1042 C  C   . LEU B 1 65 ? 7.225   2.649   15.183  1.00 85.20  ? 62  LEU B C   1 
ATOM   1043 O  O   . LEU B 1 65 ? 7.929   1.678   15.453  1.00 84.81  ? 62  LEU B O   1 
ATOM   1044 C  CB  . LEU B 1 65 ? 5.066   3.046   16.409  1.00 85.49  ? 62  LEU B CB  1 
ATOM   1045 C  CG  . LEU B 1 65 ? 4.705   1.581   16.560  1.00 85.32  ? 62  LEU B CG  1 
ATOM   1046 C  CD1 . LEU B 1 65 ? 5.582   0.912   17.603  1.00 89.24  ? 62  LEU B CD1 1 
ATOM   1047 C  CD2 . LEU B 1 65 ? 3.243   1.522   16.935  1.00 84.37  ? 62  LEU B CD2 1 
ATOM   1048 N  N   . LEU B 1 66 ? 7.039   3.075   13.936  1.00 83.11  ? 63  LEU B N   1 
ATOM   1049 C  CA  . LEU B 1 66 ? 7.668   2.388   12.815  1.00 84.18  ? 63  LEU B CA  1 
ATOM   1050 C  C   . LEU B 1 66 ? 9.188   2.429   12.911  1.00 85.60  ? 63  LEU B C   1 
ATOM   1051 O  O   . LEU B 1 66 ? 9.861   1.410   12.728  1.00 84.97  ? 63  LEU B O   1 
ATOM   1052 C  CB  . LEU B 1 66 ? 7.237   3.004   11.490  1.00 83.57  ? 63  LEU B CB  1 
ATOM   1053 C  CG  . LEU B 1 66 ? 5.776   2.868   11.100  1.00 82.54  ? 63  LEU B CG  1 
ATOM   1054 C  CD1 . LEU B 1 66 ? 5.588   3.216   9.612   1.00 74.68  ? 63  LEU B CD1 1 
ATOM   1055 C  CD2 . LEU B 1 66 ? 5.311   1.458   11.440  1.00 78.16  ? 63  LEU B CD2 1 
ATOM   1056 N  N   . LYS B 1 67 ? 9.722   3.620   13.179  1.00 83.78  ? 64  LYS B N   1 
ATOM   1057 C  CA  . LYS B 1 67 ? 11.156  3.782   13.360  1.00 84.74  ? 64  LYS B CA  1 
ATOM   1058 C  C   . LYS B 1 67 ? 11.712  2.693   14.282  1.00 90.72  ? 64  LYS B C   1 
ATOM   1059 O  O   . LYS B 1 67 ? 12.788  2.144   14.035  1.00 91.91  ? 64  LYS B O   1 
ATOM   1060 C  CB  . LYS B 1 67 ? 11.476  5.170   13.911  1.00 82.27  ? 64  LYS B CB  1 
ATOM   1061 C  CG  . LYS B 1 67 ? 11.288  6.295   12.895  1.00 85.33  ? 64  LYS B CG  1 
ATOM   1062 C  CD  . LYS B 1 67 ? 11.236  7.654   13.571  1.00 85.50  ? 64  LYS B CD  1 
ATOM   1063 C  CE  . LYS B 1 67 ? 11.250  8.788   12.563  1.00 84.01  ? 64  LYS B CE  1 
ATOM   1064 N  NZ  . LYS B 1 67 ? 9.928   9.410   12.423  1.00 84.75  ? 64  LYS B NZ  1 
ATOM   1065 N  N   . GLU B 1 68 ? 10.970  2.364   15.337  1.00 89.36  ? 65  GLU B N   1 
ATOM   1066 C  CA  . GLU B 1 68 ? 11.466  1.413   16.319  1.00 91.32  ? 65  GLU B CA  1 
ATOM   1067 C  C   . GLU B 1 68 ? 11.389  -0.022  15.865  1.00 91.22  ? 65  GLU B C   1 
ATOM   1068 O  O   . GLU B 1 68 ? 12.091  -0.867  16.394  1.00 95.08  ? 65  GLU B O   1 
ATOM   1069 C  CB  . GLU B 1 68 ? 10.713  1.549   17.636  1.00 94.18  ? 65  GLU B CB  1 
ATOM   1070 C  CG  . GLU B 1 68 ? 10.912  2.900   18.308  1.00 98.85  ? 65  GLU B CG  1 
ATOM   1071 C  CD  . GLU B 1 68 ? 10.110  3.029   19.596  1.00 107.04 ? 65  GLU B CD  1 
ATOM   1072 O  OE1 . GLU B 1 68 ? 9.803   4.189   19.962  1.00 106.08 ? 65  GLU B OE1 1 
ATOM   1073 O  OE2 . GLU B 1 68 ? 9.780   1.982   20.224  1.00 104.96 ? 65  GLU B OE2 1 
ATOM   1074 N  N   . VAL B 1 69 ? 10.544  -0.317  14.890  1.00 89.74  ? 66  VAL B N   1 
ATOM   1075 C  CA  . VAL B 1 69 ? 10.281  -1.715  14.589  1.00 89.62  ? 66  VAL B CA  1 
ATOM   1076 C  C   . VAL B 1 69 ? 10.688  -2.138  13.189  1.00 90.75  ? 66  VAL B C   1 
ATOM   1077 O  O   . VAL B 1 69 ? 11.205  -3.240  13.004  1.00 93.38  ? 66  VAL B O   1 
ATOM   1078 C  CB  . VAL B 1 69 ? 8.804   -2.062  14.808  1.00 90.29  ? 66  VAL B CB  1 
ATOM   1079 C  CG1 . VAL B 1 69 ? 8.537   -3.492  14.389  1.00 88.14  ? 66  VAL B CG1 1 
ATOM   1080 C  CG2 . VAL B 1 69 ? 8.430   -1.839  16.264  1.00 91.07  ? 66  VAL B CG2 1 
ATOM   1081 N  N   . ASP B 1 70 ? 10.439  -1.273  12.208  1.00 88.87  ? 67  ASP B N   1 
ATOM   1082 C  CA  . ASP B 1 70 ? 10.782  -1.562  10.818  1.00 86.78  ? 67  ASP B CA  1 
ATOM   1083 C  C   . ASP B 1 70 ? 11.085  -0.254  10.092  1.00 87.08  ? 67  ASP B C   1 
ATOM   1084 O  O   . ASP B 1 70 ? 10.180  0.439   9.641   1.00 87.20  ? 67  ASP B O   1 
ATOM   1085 C  CB  . ASP B 1 70 ? 9.650   -2.336  10.121  1.00 83.59  ? 67  ASP B CB  1 
ATOM   1086 C  CG  . ASP B 1 70 ? 9.980   -2.702  8.672   1.00 86.86  ? 67  ASP B CG  1 
ATOM   1087 O  OD1 . ASP B 1 70 ? 9.174   -3.425  8.024   1.00 84.59  ? 67  ASP B OD1 1 
ATOM   1088 O  OD2 . ASP B 1 70 ? 11.042  -2.264  8.171   1.00 88.20  ? 67  ASP B OD2 1 
ATOM   1089 N  N   . PRO B 1 71 ? 12.379  0.097   9.999   1.00 88.34  ? 68  PRO B N   1 
ATOM   1090 C  CA  . PRO B 1 71 ? 12.816  1.306   9.293   1.00 86.23  ? 68  PRO B CA  1 
ATOM   1091 C  C   . PRO B 1 71 ? 12.384  1.279   7.845   1.00 85.01  ? 68  PRO B C   1 
ATOM   1092 O  O   . PRO B 1 71 ? 12.350  2.320   7.187   1.00 84.87  ? 68  PRO B O   1 
ATOM   1093 C  CB  . PRO B 1 71 ? 14.338  1.206   9.376   1.00 86.66  ? 68  PRO B CB  1 
ATOM   1094 C  CG  . PRO B 1 71 ? 14.595  0.424   10.600  1.00 88.57  ? 68  PRO B CG  1 
ATOM   1095 C  CD  . PRO B 1 71 ? 13.490  -0.583  10.672  1.00 87.89  ? 68  PRO B CD  1 
ATOM   1096 N  N   . ASP B 1 72 ? 12.057  0.092   7.347   1.00 85.50  ? 69  ASP B N   1 
ATOM   1097 C  CA  . ASP B 1 72 ? 11.651  -0.048  5.949   1.00 87.36  ? 69  ASP B CA  1 
ATOM   1098 C  C   . ASP B 1 72 ? 10.144  -0.038  5.733   1.00 86.07  ? 69  ASP B C   1 
ATOM   1099 O  O   . ASP B 1 72 ? 9.678   -0.017  4.597   1.00 86.40  ? 69  ASP B O   1 
ATOM   1100 C  CB  . ASP B 1 72 ? 12.266  -1.296  5.331   1.00 88.40  ? 69  ASP B CB  1 
ATOM   1101 C  CG  . ASP B 1 72 ? 13.779  -1.211  5.258   1.00 96.49  ? 69  ASP B CG  1 
ATOM   1102 O  OD1 . ASP B 1 72 ? 14.305  -0.187  4.732   1.00 90.89  ? 69  ASP B OD1 1 
ATOM   1103 O  OD2 . ASP B 1 72 ? 14.432  -2.165  5.754   1.00 101.00 ? 69  ASP B OD2 1 
ATOM   1104 N  N   . ALA B 1 73 ? 9.384   -0.048  6.818   1.00 83.46  ? 70  ALA B N   1 
ATOM   1105 C  CA  . ALA B 1 73 ? 7.948   0.102   6.716   1.00 79.97  ? 70  ALA B CA  1 
ATOM   1106 C  C   . ALA B 1 73 ? 7.610   1.469   6.139   1.00 78.78  ? 70  ALA B C   1 
ATOM   1107 O  O   . ALA B 1 73 ? 8.375   2.430   6.256   1.00 77.29  ? 70  ALA B O   1 
ATOM   1108 C  CB  . ALA B 1 73 ? 7.292   -0.083  8.080   1.00 77.83  ? 70  ALA B CB  1 
ATOM   1109 N  N   . PHE B 1 74 ? 6.452   1.542   5.502   1.00 76.99  ? 71  PHE B N   1 
ATOM   1110 C  CA  . PHE B 1 74 ? 5.924   2.804   5.029   1.00 78.12  ? 71  PHE B CA  1 
ATOM   1111 C  C   . PHE B 1 74 ? 4.398   2.733   4.998   1.00 76.23  ? 71  PHE B C   1 
ATOM   1112 O  O   . PHE B 1 74 ? 3.799   1.659   5.087   1.00 72.54  ? 71  PHE B O   1 
ATOM   1113 C  CB  . PHE B 1 74 ? 6.457   3.110   3.643   1.00 75.68  ? 71  PHE B CB  1 
ATOM   1114 C  CG  . PHE B 1 74 ? 6.100   2.072   2.637   1.00 78.09  ? 71  PHE B CG  1 
ATOM   1115 C  CD1 . PHE B 1 74 ? 6.879   0.936   2.491   1.00 74.50  ? 71  PHE B CD1 1 
ATOM   1116 C  CD2 . PHE B 1 74 ? 4.957   2.201   1.860   1.00 78.10  ? 71  PHE B CD2 1 
ATOM   1117 C  CE1 . PHE B 1 74 ? 6.539   -0.028  1.568   1.00 73.65  ? 71  PHE B CE1 1 
ATOM   1118 C  CE2 . PHE B 1 74 ? 4.616   1.228   0.936   1.00 74.79  ? 71  PHE B CE2 1 
ATOM   1119 C  CZ  . PHE B 1 74 ? 5.413   0.121   0.784   1.00 71.25  ? 71  PHE B CZ  1 
HETATM 1120 N  N   . MSE B 1 75 ? 3.782   3.895   4.869   1.00 76.91  ? 72  MSE B N   1 
HETATM 1121 C  CA  . MSE B 1 75 ? 2.350   4.004   4.972   1.00 78.21  ? 72  MSE B CA  1 
HETATM 1122 C  C   . MSE B 1 75 ? 1.797   4.703   3.774   1.00 78.28  ? 72  MSE B C   1 
HETATM 1123 O  O   . MSE B 1 75 ? 2.398   5.641   3.257   1.00 78.12  ? 72  MSE B O   1 
HETATM 1124 C  CB  . MSE B 1 75 ? 1.974   4.835   6.192   1.00 82.79  ? 72  MSE B CB  1 
HETATM 1125 C  CG  . MSE B 1 75 ? 2.628   4.391   7.495   1.00 86.38  ? 72  MSE B CG  1 
HETATM 1126 SE SE  . MSE B 1 75 ? 2.387   5.752   8.903   1.00 115.70 ? 72  MSE B SE  1 
HETATM 1127 C  CE  . MSE B 1 75 ? 0.769   5.048   9.718   1.00 97.32  ? 72  MSE B CE  1 
ATOM   1128 N  N   . ILE B 1 76 ? 0.622   4.260   3.358   1.00 75.93  ? 73  ILE B N   1 
ATOM   1129 C  CA  . ILE B 1 76 ? -0.110  4.949   2.329   1.00 75.95  ? 73  ILE B CA  1 
ATOM   1130 C  C   . ILE B 1 76 ? -1.255  5.710   2.940   1.00 78.38  ? 73  ILE B C   1 
ATOM   1131 O  O   . ILE B 1 76 ? -2.173  5.129   3.502   1.00 81.75  ? 73  ILE B O   1 
ATOM   1132 C  CB  . ILE B 1 76 ? -0.650  3.974   1.317   1.00 77.27  ? 73  ILE B CB  1 
ATOM   1133 C  CG1 . ILE B 1 76 ? 0.513   3.278   0.619   1.00 75.24  ? 73  ILE B CG1 1 
ATOM   1134 C  CG2 . ILE B 1 76 ? -1.532  4.699   0.329   1.00 78.22  ? 73  ILE B CG2 1 
ATOM   1135 C  CD1 . ILE B 1 76 ? 0.106   2.034   -0.084  1.00 74.20  ? 73  ILE B CD1 1 
ATOM   1136 N  N   . VAL B 1 77 ? -1.194  7.027   2.836   1.00 81.19  ? 74  VAL B N   1 
ATOM   1137 C  CA  . VAL B 1 77 ? -2.227  7.877   3.401   1.00 87.46  ? 74  VAL B CA  1 
ATOM   1138 C  C   . VAL B 1 77 ? -3.291  8.257   2.368   1.00 91.62  ? 74  VAL B C   1 
ATOM   1139 O  O   . VAL B 1 77 ? -3.069  9.148   1.529   1.00 88.60  ? 74  VAL B O   1 
ATOM   1140 C  CB  . VAL B 1 77 ? -1.632  9.163   3.979   1.00 87.16  ? 74  VAL B CB  1 
ATOM   1141 C  CG1 . VAL B 1 77 ? -2.752  10.052  4.500   1.00 89.16  ? 74  VAL B CG1 1 
ATOM   1142 C  CG2 . VAL B 1 77 ? -0.606  8.838   5.073   1.00 83.62  ? 74  VAL B CG2 1 
ATOM   1143 N  N   . SER B 1 78 ? -4.445  7.587   2.457   1.00 95.03  ? 75  SER B N   1 
ATOM   1144 C  CA  . SER B 1 78 ? -5.562  7.750   1.509   1.00 94.92  ? 75  SER B CA  1 
ATOM   1145 C  C   . SER B 1 78 ? -6.122  9.182   1.397   1.00 94.31  ? 75  SER B C   1 
ATOM   1146 O  O   . SER B 1 78 ? -6.077  9.975   2.353   1.00 95.80  ? 75  SER B O   1 
ATOM   1147 C  CB  . SER B 1 78 ? -6.683  6.770   1.871   1.00 94.54  ? 75  SER B CB  1 
ATOM   1148 O  OG  . SER B 1 78 ? -7.204  6.124   0.716   1.00 97.20  ? 75  SER B OG  1 
HETATM 1149 O  O   . HOH C 2 .  ? 8.163   -5.737  -5.403  1.00 78.58  ? 94  HOH A O   1 
HETATM 1150 O  O   . HOH C 2 .  ? 8.690   -0.622  -3.158  1.00 83.12  ? 95  HOH A O   1 
HETATM 1151 O  O   . HOH C 2 .  ? 8.732   -3.358  -2.285  1.00 80.53  ? 96  HOH A O   1 
HETATM 1152 O  O   . HOH C 2 .  ? -10.846 1.354   -16.064 1.00 77.75  ? 97  HOH A O   1 
HETATM 1153 O  O   . HOH C 2 .  ? -5.517  7.645   -11.888 1.00 82.40  ? 98  HOH A O   1 
HETATM 1154 O  O   . HOH C 2 .  ? 11.209  0.687   -11.157 1.00 86.45  ? 99  HOH A O   1 
HETATM 1155 O  O   . HOH C 2 .  ? -3.620  4.564   -27.820 1.00 83.20  ? 100 HOH A O   1 
HETATM 1156 O  O   . HOH C 2 .  ? -4.691  9.356   -9.523  1.00 92.93  ? 101 HOH A O   1 
HETATM 1157 O  O   . HOH C 2 .  ? -5.932  -11.817 -13.342 1.00 86.59  ? 102 HOH A O   1 
HETATM 1158 O  O   . HOH C 2 .  ? 9.673   -12.096 -14.057 1.00 93.92  ? 103 HOH A O   1 
HETATM 1159 O  O   . HOH C 2 .  ? 2.172   -12.101 -5.935  1.00 83.45  ? 104 HOH A O   1 
HETATM 1160 O  O   . HOH C 2 .  ? 6.709   -5.892  -3.170  1.00 82.67  ? 105 HOH A O   1 
HETATM 1161 O  O   . HOH C 2 .  ? 7.399   -4.048  -0.158  1.00 80.10  ? 106 HOH A O   1 
HETATM 1162 O  O   . HOH C 2 .  ? 11.924  6.912   -4.868  1.00 102.51 ? 107 HOH A O   1 
HETATM 1163 O  O   . HOH C 2 .  ? 15.359  6.608   -0.816  1.00 94.10  ? 108 HOH A O   1 
HETATM 1164 O  O   . HOH C 2 .  ? 9.827   4.298   3.165   1.00 85.48  ? 109 HOH A O   1 
HETATM 1165 O  O   . HOH D 2 .  ? 8.852   -3.543  4.918   1.00 84.86  ? 94  HOH B O   1 
HETATM 1166 O  O   . HOH D 2 .  ? -9.532  0.800   11.129  1.00 81.67  ? 95  HOH B O   1 
HETATM 1167 O  O   . HOH D 2 .  ? -7.021  8.765   15.980  1.00 74.59  ? 96  HOH B O   1 
HETATM 1168 O  O   . HOH D 2 .  ? -6.454  17.269  8.137   1.00 120.79 ? 97  HOH B O   1 
HETATM 1169 O  O   . HOH D 2 .  ? 4.896   -7.047  2.989   1.00 86.87  ? 98  HOH B O   1 
HETATM 1170 O  O   . HOH D 2 .  ? 4.932   -9.641  11.410  1.00 86.08  ? 99  HOH B O   1 
HETATM 1171 O  O   . HOH D 2 .  ? -2.874  -12.437 -3.018  1.00 87.38  ? 100 HOH B O   1 
HETATM 1172 O  O   . HOH D 2 .  ? 3.934   -18.189 -5.457  1.00 85.24  ? 101 HOH B O   1 
HETATM 1173 O  O   . HOH D 2 .  ? 0.124   12.589  13.368  1.00 94.78  ? 102 HOH B O   1 
HETATM 1174 O  O   . HOH D 2 .  ? 11.161  4.576   5.872   1.00 83.25  ? 103 HOH B O   1 
# 
